data_3CYR
# 
_entry.id   3CYR 
# 
_audit_conform.dict_name       mmcif_pdbx.dic 
_audit_conform.dict_version    5.397 
_audit_conform.dict_location   http://mmcif.pdb.org/dictionaries/ascii/mmcif_pdbx.dic 
# 
loop_
_database_2.database_id 
_database_2.database_code 
_database_2.pdbx_database_accession 
_database_2.pdbx_DOI 
PDB   3CYR         pdb_00003cyr 10.2210/pdb3cyr/pdb 
WWPDB D_1000178931 ?            ?                   
# 
loop_
_pdbx_audit_revision_history.ordinal 
_pdbx_audit_revision_history.data_content_type 
_pdbx_audit_revision_history.major_revision 
_pdbx_audit_revision_history.minor_revision 
_pdbx_audit_revision_history.revision_date 
1 'Structure model' 1 0 1998-01-28 
2 'Structure model' 1 1 2008-03-25 
3 'Structure model' 1 2 2011-07-13 
4 'Structure model' 1 3 2023-08-09 
5 'Structure model' 1 4 2024-10-16 
# 
_pdbx_audit_revision_details.ordinal             1 
_pdbx_audit_revision_details.revision_ordinal    1 
_pdbx_audit_revision_details.data_content_type   'Structure model' 
_pdbx_audit_revision_details.provider            repository 
_pdbx_audit_revision_details.type                'Initial release' 
_pdbx_audit_revision_details.description         ? 
_pdbx_audit_revision_details.details             ? 
# 
loop_
_pdbx_audit_revision_group.ordinal 
_pdbx_audit_revision_group.revision_ordinal 
_pdbx_audit_revision_group.data_content_type 
_pdbx_audit_revision_group.group 
1 2 'Structure model' 'Version format compliance' 
2 3 'Structure model' 'Version format compliance' 
3 4 'Structure model' 'Data collection'           
4 4 'Structure model' 'Database references'       
5 4 'Structure model' 'Derived calculations'      
6 4 'Structure model' Other                       
7 4 'Structure model' 'Refinement description'    
8 5 'Structure model' 'Data collection'           
9 5 'Structure model' 'Structure summary'         
# 
loop_
_pdbx_audit_revision_category.ordinal 
_pdbx_audit_revision_category.revision_ordinal 
_pdbx_audit_revision_category.data_content_type 
_pdbx_audit_revision_category.category 
1  4 'Structure model' database_2                    
2  4 'Structure model' diffrn_source                 
3  4 'Structure model' pdbx_database_status          
4  4 'Structure model' pdbx_initial_refinement_model 
5  4 'Structure model' pdbx_struct_conn_angle        
6  4 'Structure model' software                      
7  4 'Structure model' struct_conn                   
8  4 'Structure model' struct_conn_type              
9  4 'Structure model' struct_ref_seq_dif            
10 4 'Structure model' struct_site                   
11 5 'Structure model' chem_comp_atom                
12 5 'Structure model' chem_comp_bond                
13 5 'Structure model' pdbx_entry_details            
14 5 'Structure model' pdbx_modification_feature     
# 
loop_
_pdbx_audit_revision_item.ordinal 
_pdbx_audit_revision_item.revision_ordinal 
_pdbx_audit_revision_item.data_content_type 
_pdbx_audit_revision_item.item 
1  4 'Structure model' '_database_2.pdbx_DOI'                        
2  4 'Structure model' '_database_2.pdbx_database_accession'         
3  4 'Structure model' '_diffrn_source.pdbx_synchrotron_site'        
4  4 'Structure model' '_pdbx_database_status.process_site'          
5  4 'Structure model' '_pdbx_struct_conn_angle.ptnr1_auth_seq_id'   
6  4 'Structure model' '_pdbx_struct_conn_angle.ptnr1_label_asym_id' 
7  4 'Structure model' '_pdbx_struct_conn_angle.ptnr1_label_seq_id'  
8  4 'Structure model' '_pdbx_struct_conn_angle.ptnr2_auth_seq_id'   
9  4 'Structure model' '_pdbx_struct_conn_angle.ptnr2_label_asym_id' 
10 4 'Structure model' '_pdbx_struct_conn_angle.ptnr3_auth_seq_id'   
11 4 'Structure model' '_pdbx_struct_conn_angle.ptnr3_label_asym_id' 
12 4 'Structure model' '_pdbx_struct_conn_angle.ptnr3_label_seq_id'  
13 4 'Structure model' '_pdbx_struct_conn_angle.value'               
14 4 'Structure model' '_software.name'                              
15 4 'Structure model' '_struct_conn.conn_type_id'                   
16 4 'Structure model' '_struct_conn.id'                             
17 4 'Structure model' '_struct_conn.pdbx_dist_value'                
18 4 'Structure model' '_struct_conn.pdbx_leaving_atom_flag'         
19 4 'Structure model' '_struct_conn.ptnr1_auth_comp_id'             
20 4 'Structure model' '_struct_conn.ptnr1_auth_seq_id'              
21 4 'Structure model' '_struct_conn.ptnr1_label_asym_id'            
22 4 'Structure model' '_struct_conn.ptnr1_label_atom_id'            
23 4 'Structure model' '_struct_conn.ptnr1_label_comp_id'            
24 4 'Structure model' '_struct_conn.ptnr1_label_seq_id'             
25 4 'Structure model' '_struct_conn.ptnr2_auth_comp_id'             
26 4 'Structure model' '_struct_conn.ptnr2_auth_seq_id'              
27 4 'Structure model' '_struct_conn.ptnr2_label_asym_id'            
28 4 'Structure model' '_struct_conn.ptnr2_label_atom_id'            
29 4 'Structure model' '_struct_conn.ptnr2_label_comp_id'            
30 4 'Structure model' '_struct_conn.ptnr2_label_seq_id'             
31 4 'Structure model' '_struct_conn_type.id'                        
32 4 'Structure model' '_struct_ref_seq_dif.details'                 
33 4 'Structure model' '_struct_site.pdbx_auth_asym_id'              
34 4 'Structure model' '_struct_site.pdbx_auth_comp_id'              
35 4 'Structure model' '_struct_site.pdbx_auth_seq_id'               
# 
_pdbx_database_PDB_obs_spr.id               SPRSDE 
_pdbx_database_PDB_obs_spr.date             1998-01-28 
_pdbx_database_PDB_obs_spr.pdb_id           3CYR 
_pdbx_database_PDB_obs_spr.replace_pdb_id   2CYR 
_pdbx_database_PDB_obs_spr.details          ? 
# 
_pdbx_database_status.status_code                     REL 
_pdbx_database_status.entry_id                        3CYR 
_pdbx_database_status.recvd_initial_deposition_date   1997-07-24 
_pdbx_database_status.deposit_site                    ? 
_pdbx_database_status.process_site                    BNL 
_pdbx_database_status.status_code_sf                  REL 
_pdbx_database_status.status_code_mr                  ? 
_pdbx_database_status.SG_entry                        ? 
_pdbx_database_status.pdb_format_compatible           Y 
_pdbx_database_status.status_code_cs                  ? 
_pdbx_database_status.status_code_nmr_data            ? 
_pdbx_database_status.methods_development_category    ? 
# 
loop_
_audit_author.name 
_audit_author.pdbx_ordinal 
'Simoes, P.'     1 
'Matias, P.M.'   2 
'Morais, J.'     3 
'Wilson, K.'     4 
'Dauter, Z.'     5 
'Carrondo, M.A.' 6 
# 
loop_
_citation.id 
_citation.title 
_citation.journal_abbrev 
_citation.journal_volume 
_citation.page_first 
_citation.page_last 
_citation.year 
_citation.journal_id_ASTM 
_citation.country 
_citation.journal_id_ISSN 
_citation.journal_id_CSD 
_citation.book_publisher 
_citation.pdbx_database_id_PubMed 
_citation.pdbx_database_id_DOI 
primary 
;Refinement of the Three-Dimensional Structures of Cytochrome C3 from Desulfovibrio Vulgaris Hildenborough at 1.67 Angstroms Resolution and from Desulfovibrio Desulfuricans Atcc 27774 at 1.6 Angstroms Resolution
;
Inorg.Chim.Acta.           273 213   224 1998 ICHAA3 SZ 0020-1693 0155 ? -1 ? 
1       
;Structure of the Tetraheme Cytochrome from Desulfovibrio Desulfuricans Atcc 27774: X-Ray Diffraction and Electron Paramagnetic Resonance Studies
;
Biochemistry               34  12830 ?   1995 BICHAW US 0006-2960 0033 ? ?  ? 
2       
;Crystallization and Preliminary X-Ray Diffraction Analysis of Tetra-Heme Cytochrome C3 from Sulfate-and Nitrate-Reducing Desulfovibrio Desulfuricans Atcc 27774
;
'Acta Crystallogr.,Sect.D' 50  233   ?   1994 ABCRE6 DK 0907-4449 0766 ? ?  ? 
# 
loop_
_citation_author.citation_id 
_citation_author.name 
_citation_author.ordinal 
_citation_author.identifier_ORCID 
primary 'Simoes, P.'     1  ? 
primary 'Matias, P.M.'   2  ? 
primary 'Morais, J.'     3  ? 
primary 'Wilson, K.'     4  ? 
primary 'Dauter, Z.'     5  ? 
primary 'Carrondo, M.A.' 6  ? 
1       'Morais, J.'     7  ? 
1       'Palma, P.N.'    8  ? 
1       'Frazao, C.'     9  ? 
1       'Caldeira, J.'   10 ? 
1       'Legall, J.'     11 ? 
1       'Moura, I.'      12 ? 
1       'Moura, J.J.'    13 ? 
1       'Carrondo, M.A.' 14 ? 
2       'Frazao, C.'     15 ? 
2       'Morais, J.'     16 ? 
2       'Matias, P.M.'   17 ? 
2       'Carrondo, M.A.' 18 ? 
# 
loop_
_entity.id 
_entity.type 
_entity.src_method 
_entity.pdbx_description 
_entity.formula_weight 
_entity.pdbx_number_of_molecules 
_entity.pdbx_ec 
_entity.pdbx_mutation 
_entity.pdbx_fragment 
_entity.details 
1 polymer     nat 'CYTOCHROME C3'                   11589.472 1  ? ? ? ? 
2 non-polymer syn 'PROTOPORPHYRIN IX CONTAINING FE' 616.487   4  ? ? ? ? 
3 water       nat water                             18.015    80 ? ? ? ? 
# 
_entity_poly.entity_id                      1 
_entity_poly.type                           'polypeptide(L)' 
_entity_poly.nstd_linkage                   no 
_entity_poly.nstd_monomer                   no 
_entity_poly.pdbx_seq_one_letter_code       
;APAVPNKPVEVKGSQKTVMFPHAPHEKVECVTCHHLVDGKESYAKCGSSGCHDDLTAKKGEKSLYYVVHAKGELKHTSCL
ACHSKVVAEKPELKKDLTGCAKSKCHP
;
_entity_poly.pdbx_seq_one_letter_code_can   
;APAVPNKPVEVKGSQKTVMFPHAPHEKVECVTCHHLVDGKESYAKCGSSGCHDDLTAKKGEKSLYYVVHAKGELKHTSCL
ACHSKVVAEKPELKKDLTGCAKSKCHP
;
_entity_poly.pdbx_strand_id                 A 
_entity_poly.pdbx_target_identifier         ? 
# 
loop_
_pdbx_entity_nonpoly.entity_id 
_pdbx_entity_nonpoly.name 
_pdbx_entity_nonpoly.comp_id 
2 'PROTOPORPHYRIN IX CONTAINING FE' HEM 
3 water                             HOH 
# 
loop_
_entity_poly_seq.entity_id 
_entity_poly_seq.num 
_entity_poly_seq.mon_id 
_entity_poly_seq.hetero 
1 1   ALA n 
1 2   PRO n 
1 3   ALA n 
1 4   VAL n 
1 5   PRO n 
1 6   ASN n 
1 7   LYS n 
1 8   PRO n 
1 9   VAL n 
1 10  GLU n 
1 11  VAL n 
1 12  LYS n 
1 13  GLY n 
1 14  SER n 
1 15  GLN n 
1 16  LYS n 
1 17  THR n 
1 18  VAL n 
1 19  MET n 
1 20  PHE n 
1 21  PRO n 
1 22  HIS n 
1 23  ALA n 
1 24  PRO n 
1 25  HIS n 
1 26  GLU n 
1 27  LYS n 
1 28  VAL n 
1 29  GLU n 
1 30  CYS n 
1 31  VAL n 
1 32  THR n 
1 33  CYS n 
1 34  HIS n 
1 35  HIS n 
1 36  LEU n 
1 37  VAL n 
1 38  ASP n 
1 39  GLY n 
1 40  LYS n 
1 41  GLU n 
1 42  SER n 
1 43  TYR n 
1 44  ALA n 
1 45  LYS n 
1 46  CYS n 
1 47  GLY n 
1 48  SER n 
1 49  SER n 
1 50  GLY n 
1 51  CYS n 
1 52  HIS n 
1 53  ASP n 
1 54  ASP n 
1 55  LEU n 
1 56  THR n 
1 57  ALA n 
1 58  LYS n 
1 59  LYS n 
1 60  GLY n 
1 61  GLU n 
1 62  LYS n 
1 63  SER n 
1 64  LEU n 
1 65  TYR n 
1 66  TYR n 
1 67  VAL n 
1 68  VAL n 
1 69  HIS n 
1 70  ALA n 
1 71  LYS n 
1 72  GLY n 
1 73  GLU n 
1 74  LEU n 
1 75  LYS n 
1 76  HIS n 
1 77  THR n 
1 78  SER n 
1 79  CYS n 
1 80  LEU n 
1 81  ALA n 
1 82  CYS n 
1 83  HIS n 
1 84  SER n 
1 85  LYS n 
1 86  VAL n 
1 87  VAL n 
1 88  ALA n 
1 89  GLU n 
1 90  LYS n 
1 91  PRO n 
1 92  GLU n 
1 93  LEU n 
1 94  LYS n 
1 95  LYS n 
1 96  ASP n 
1 97  LEU n 
1 98  THR n 
1 99  GLY n 
1 100 CYS n 
1 101 ALA n 
1 102 LYS n 
1 103 SER n 
1 104 LYS n 
1 105 CYS n 
1 106 HIS n 
1 107 PRO n 
# 
_entity_src_nat.entity_id                  1 
_entity_src_nat.pdbx_src_id                1 
_entity_src_nat.pdbx_alt_source_flag       sample 
_entity_src_nat.pdbx_beg_seq_num           ? 
_entity_src_nat.pdbx_end_seq_num           ? 
_entity_src_nat.common_name                ? 
_entity_src_nat.pdbx_organism_scientific   'Desulfovibrio desulfuricans' 
_entity_src_nat.pdbx_ncbi_taxonomy_id      876 
_entity_src_nat.genus                      Desulfovibrio 
_entity_src_nat.species                    ? 
_entity_src_nat.strain                     ? 
_entity_src_nat.tissue                     ? 
_entity_src_nat.tissue_fraction            ? 
_entity_src_nat.pdbx_secretion             ? 
_entity_src_nat.pdbx_fragment              ? 
_entity_src_nat.pdbx_variant               ? 
_entity_src_nat.pdbx_cell_line             ? 
_entity_src_nat.pdbx_atcc                  27774 
_entity_src_nat.pdbx_cellular_location     ? 
_entity_src_nat.pdbx_organ                 ? 
_entity_src_nat.pdbx_organelle             ? 
_entity_src_nat.pdbx_cell                  ? 
_entity_src_nat.pdbx_plasmid_name          ? 
_entity_src_nat.pdbx_plasmid_details       ? 
_entity_src_nat.details                    ? 
# 
loop_
_chem_comp.id 
_chem_comp.type 
_chem_comp.mon_nstd_flag 
_chem_comp.name 
_chem_comp.pdbx_synonyms 
_chem_comp.formula 
_chem_comp.formula_weight 
ALA 'L-peptide linking' y ALANINE                           ?    'C3 H7 N O2'       89.093  
ASN 'L-peptide linking' y ASPARAGINE                        ?    'C4 H8 N2 O3'      132.118 
ASP 'L-peptide linking' y 'ASPARTIC ACID'                   ?    'C4 H7 N O4'       133.103 
CYS 'L-peptide linking' y CYSTEINE                          ?    'C3 H7 N O2 S'     121.158 
GLN 'L-peptide linking' y GLUTAMINE                         ?    'C5 H10 N2 O3'     146.144 
GLU 'L-peptide linking' y 'GLUTAMIC ACID'                   ?    'C5 H9 N O4'       147.129 
GLY 'peptide linking'   y GLYCINE                           ?    'C2 H5 N O2'       75.067  
HEM non-polymer         . 'PROTOPORPHYRIN IX CONTAINING FE' HEME 'C34 H32 Fe N4 O4' 616.487 
HIS 'L-peptide linking' y HISTIDINE                         ?    'C6 H10 N3 O2 1'   156.162 
HOH non-polymer         . WATER                             ?    'H2 O'             18.015  
LEU 'L-peptide linking' y LEUCINE                           ?    'C6 H13 N O2'      131.173 
LYS 'L-peptide linking' y LYSINE                            ?    'C6 H15 N2 O2 1'   147.195 
MET 'L-peptide linking' y METHIONINE                        ?    'C5 H11 N O2 S'    149.211 
PHE 'L-peptide linking' y PHENYLALANINE                     ?    'C9 H11 N O2'      165.189 
PRO 'L-peptide linking' y PROLINE                           ?    'C5 H9 N O2'       115.130 
SER 'L-peptide linking' y SERINE                            ?    'C3 H7 N O3'       105.093 
THR 'L-peptide linking' y THREONINE                         ?    'C4 H9 N O3'       119.119 
TYR 'L-peptide linking' y TYROSINE                          ?    'C9 H11 N O3'      181.189 
VAL 'L-peptide linking' y VALINE                            ?    'C5 H11 N O2'      117.146 
# 
loop_
_pdbx_poly_seq_scheme.asym_id 
_pdbx_poly_seq_scheme.entity_id 
_pdbx_poly_seq_scheme.seq_id 
_pdbx_poly_seq_scheme.mon_id 
_pdbx_poly_seq_scheme.ndb_seq_num 
_pdbx_poly_seq_scheme.pdb_seq_num 
_pdbx_poly_seq_scheme.auth_seq_num 
_pdbx_poly_seq_scheme.pdb_mon_id 
_pdbx_poly_seq_scheme.auth_mon_id 
_pdbx_poly_seq_scheme.pdb_strand_id 
_pdbx_poly_seq_scheme.pdb_ins_code 
_pdbx_poly_seq_scheme.hetero 
A 1 1   ALA 1   1   1   ALA ALA A . n 
A 1 2   PRO 2   2   2   PRO PRO A . n 
A 1 3   ALA 3   3   3   ALA ALA A . n 
A 1 4   VAL 4   4   4   VAL VAL A . n 
A 1 5   PRO 5   5   5   PRO PRO A . n 
A 1 6   ASN 6   6   6   ASN ASN A . n 
A 1 7   LYS 7   7   7   LYS LYS A . n 
A 1 8   PRO 8   8   8   PRO PRO A . n 
A 1 9   VAL 9   9   9   VAL VAL A . n 
A 1 10  GLU 10  10  10  GLU GLU A . n 
A 1 11  VAL 11  11  11  VAL VAL A . n 
A 1 12  LYS 12  12  12  LYS LYS A . n 
A 1 13  GLY 13  13  13  GLY GLY A . n 
A 1 14  SER 14  14  14  SER SER A . n 
A 1 15  GLN 15  15  15  GLN GLN A . n 
A 1 16  LYS 16  16  16  LYS LYS A . n 
A 1 17  THR 17  17  17  THR THR A . n 
A 1 18  VAL 18  18  18  VAL VAL A . n 
A 1 19  MET 19  19  19  MET MET A . n 
A 1 20  PHE 20  20  20  PHE PHE A . n 
A 1 21  PRO 21  21  21  PRO PRO A . n 
A 1 22  HIS 22  22  22  HIS HIS A . n 
A 1 23  ALA 23  23  23  ALA ALA A . n 
A 1 24  PRO 24  24  24  PRO PRO A . n 
A 1 25  HIS 25  25  25  HIS HIS A . n 
A 1 26  GLU 26  26  26  GLU GLU A . n 
A 1 27  LYS 27  27  27  LYS LYS A . n 
A 1 28  VAL 28  28  28  VAL VAL A . n 
A 1 29  GLU 29  29  29  GLU GLU A . n 
A 1 30  CYS 30  30  30  CYS CYS A . n 
A 1 31  VAL 31  31  31  VAL VAL A . n 
A 1 32  THR 32  32  32  THR THR A . n 
A 1 33  CYS 33  33  33  CYS CYS A . n 
A 1 34  HIS 34  34  34  HIS HIS A . n 
A 1 35  HIS 35  35  35  HIS HIS A . n 
A 1 36  LEU 36  36  36  LEU LEU A . n 
A 1 37  VAL 37  37  37  VAL VAL A . n 
A 1 38  ASP 38  38  38  ASP ASP A . n 
A 1 39  GLY 39  39  39  GLY GLY A . n 
A 1 40  LYS 40  40  40  LYS LYS A . n 
A 1 41  GLU 41  41  41  GLU GLU A . n 
A 1 42  SER 42  42  42  SER SER A . n 
A 1 43  TYR 43  43  43  TYR TYR A . n 
A 1 44  ALA 44  44  44  ALA ALA A . n 
A 1 45  LYS 45  45  45  LYS LYS A . n 
A 1 46  CYS 46  46  46  CYS CYS A . n 
A 1 47  GLY 47  47  47  GLY GLY A . n 
A 1 48  SER 48  48  48  SER SER A . n 
A 1 49  SER 49  49  49  SER SER A . n 
A 1 50  GLY 50  50  50  GLY GLY A . n 
A 1 51  CYS 51  51  51  CYS CYS A . n 
A 1 52  HIS 52  52  52  HIS HIS A . n 
A 1 53  ASP 53  53  53  ASP ASP A . n 
A 1 54  ASP 54  54  54  ASP ASP A . n 
A 1 55  LEU 55  55  55  LEU LEU A . n 
A 1 56  THR 56  56  56  THR THR A . n 
A 1 57  ALA 57  57  57  ALA ALA A . n 
A 1 58  LYS 58  58  58  LYS LYS A . n 
A 1 59  LYS 59  59  59  LYS LYS A . n 
A 1 60  GLY 60  60  60  GLY GLY A . n 
A 1 61  GLU 61  61  61  GLU GLU A . n 
A 1 62  LYS 62  62  62  LYS LYS A . n 
A 1 63  SER 63  63  63  SER SER A . n 
A 1 64  LEU 64  64  64  LEU LEU A . n 
A 1 65  TYR 65  65  65  TYR TYR A . n 
A 1 66  TYR 66  66  66  TYR TYR A . n 
A 1 67  VAL 67  67  67  VAL VAL A . n 
A 1 68  VAL 68  68  68  VAL VAL A . n 
A 1 69  HIS 69  69  69  HIS HIS A . n 
A 1 70  ALA 70  70  70  ALA ALA A . n 
A 1 71  LYS 71  71  71  LYS LYS A . n 
A 1 72  GLY 72  72  72  GLY GLY A . n 
A 1 73  GLU 73  73  73  GLU GLU A . n 
A 1 74  LEU 74  74  74  LEU LEU A . n 
A 1 75  LYS 75  75  75  LYS LYS A . n 
A 1 76  HIS 76  76  76  HIS HIS A . n 
A 1 77  THR 77  77  77  THR THR A . n 
A 1 78  SER 78  78  78  SER SER A . n 
A 1 79  CYS 79  79  79  CYS CYS A . n 
A 1 80  LEU 80  80  80  LEU LEU A . n 
A 1 81  ALA 81  81  81  ALA ALA A . n 
A 1 82  CYS 82  82  82  CYS CYS A . n 
A 1 83  HIS 83  83  83  HIS HIS A . n 
A 1 84  SER 84  84  84  SER SER A . n 
A 1 85  LYS 85  85  85  LYS LYS A . n 
A 1 86  VAL 86  86  86  VAL VAL A . n 
A 1 87  VAL 87  87  87  VAL VAL A . n 
A 1 88  ALA 88  88  88  ALA ALA A . n 
A 1 89  GLU 89  89  89  GLU GLU A . n 
A 1 90  LYS 90  90  90  LYS LYS A . n 
A 1 91  PRO 91  91  91  PRO PRO A . n 
A 1 92  GLU 92  92  92  GLU GLU A . n 
A 1 93  LEU 93  93  93  LEU LEU A . n 
A 1 94  LYS 94  94  94  LYS LYS A . n 
A 1 95  LYS 95  95  95  LYS LYS A . n 
A 1 96  ASP 96  96  96  ASP ASP A . n 
A 1 97  LEU 97  97  97  LEU LEU A . n 
A 1 98  THR 98  98  98  THR THR A . n 
A 1 99  GLY 99  99  99  GLY GLY A . n 
A 1 100 CYS 100 100 100 CYS CYS A . n 
A 1 101 ALA 101 101 101 ALA ALA A . n 
A 1 102 LYS 102 102 102 LYS LYS A . n 
A 1 103 SER 103 103 103 SER SER A . n 
A 1 104 LYS 104 104 104 LYS LYS A . n 
A 1 105 CYS 105 105 105 CYS CYS A . n 
A 1 106 HIS 106 106 106 HIS HIS A . n 
A 1 107 PRO 107 107 107 PRO PRO A . n 
# 
loop_
_pdbx_nonpoly_scheme.asym_id 
_pdbx_nonpoly_scheme.entity_id 
_pdbx_nonpoly_scheme.mon_id 
_pdbx_nonpoly_scheme.ndb_seq_num 
_pdbx_nonpoly_scheme.pdb_seq_num 
_pdbx_nonpoly_scheme.auth_seq_num 
_pdbx_nonpoly_scheme.pdb_mon_id 
_pdbx_nonpoly_scheme.auth_mon_id 
_pdbx_nonpoly_scheme.pdb_strand_id 
_pdbx_nonpoly_scheme.pdb_ins_code 
B 2 HEM 1  201 201 HEM HEM A . 
C 2 HEM 1  202 202 HEM HEM A . 
D 2 HEM 1  203 203 HEM HEM A . 
E 2 HEM 1  204 204 HEM HEM A . 
F 3 HOH 1  205 205 HOH HOH A . 
F 3 HOH 2  206 206 HOH HOH A . 
F 3 HOH 3  207 207 HOH HOH A . 
F 3 HOH 4  208 208 HOH HOH A . 
F 3 HOH 5  209 209 HOH HOH A . 
F 3 HOH 6  210 210 HOH HOH A . 
F 3 HOH 7  211 211 HOH HOH A . 
F 3 HOH 8  212 212 HOH HOH A . 
F 3 HOH 9  213 213 HOH HOH A . 
F 3 HOH 10 214 214 HOH HOH A . 
F 3 HOH 11 215 215 HOH HOH A . 
F 3 HOH 12 216 216 HOH HOH A . 
F 3 HOH 13 217 217 HOH HOH A . 
F 3 HOH 14 218 218 HOH HOH A . 
F 3 HOH 15 219 219 HOH HOH A . 
F 3 HOH 16 220 220 HOH HOH A . 
F 3 HOH 17 221 221 HOH HOH A . 
F 3 HOH 18 222 222 HOH HOH A . 
F 3 HOH 19 223 223 HOH HOH A . 
F 3 HOH 20 224 224 HOH HOH A . 
F 3 HOH 21 225 225 HOH HOH A . 
F 3 HOH 22 226 226 HOH HOH A . 
F 3 HOH 23 227 227 HOH HOH A . 
F 3 HOH 24 228 228 HOH HOH A . 
F 3 HOH 25 229 229 HOH HOH A . 
F 3 HOH 26 230 230 HOH HOH A . 
F 3 HOH 27 231 231 HOH HOH A . 
F 3 HOH 28 232 232 HOH HOH A . 
F 3 HOH 29 233 233 HOH HOH A . 
F 3 HOH 30 234 234 HOH HOH A . 
F 3 HOH 31 235 235 HOH HOH A . 
F 3 HOH 32 236 236 HOH HOH A . 
F 3 HOH 33 237 237 HOH HOH A . 
F 3 HOH 34 238 238 HOH HOH A . 
F 3 HOH 35 239 239 HOH HOH A . 
F 3 HOH 36 240 240 HOH HOH A . 
F 3 HOH 37 241 241 HOH HOH A . 
F 3 HOH 38 242 242 HOH HOH A . 
F 3 HOH 39 243 243 HOH HOH A . 
F 3 HOH 40 244 244 HOH HOH A . 
F 3 HOH 41 245 245 HOH HOH A . 
F 3 HOH 42 246 246 HOH HOH A . 
F 3 HOH 43 247 247 HOH HOH A . 
F 3 HOH 44 248 248 HOH HOH A . 
F 3 HOH 45 249 249 HOH HOH A . 
F 3 HOH 46 250 250 HOH HOH A . 
F 3 HOH 47 251 251 HOH HOH A . 
F 3 HOH 48 252 252 HOH HOH A . 
F 3 HOH 49 253 253 HOH HOH A . 
F 3 HOH 50 254 254 HOH HOH A . 
F 3 HOH 51 255 255 HOH HOH A . 
F 3 HOH 52 256 256 HOH HOH A . 
F 3 HOH 53 257 257 HOH HOH A . 
F 3 HOH 54 258 258 HOH HOH A . 
F 3 HOH 55 259 259 HOH HOH A . 
F 3 HOH 56 260 260 HOH HOH A . 
F 3 HOH 57 261 261 HOH HOH A . 
F 3 HOH 58 262 262 HOH HOH A . 
F 3 HOH 59 263 263 HOH HOH A . 
F 3 HOH 60 264 264 HOH HOH A . 
F 3 HOH 61 265 265 HOH HOH A . 
F 3 HOH 62 266 266 HOH HOH A . 
F 3 HOH 63 267 267 HOH HOH A . 
F 3 HOH 64 268 268 HOH HOH A . 
F 3 HOH 65 269 269 HOH HOH A . 
F 3 HOH 66 270 270 HOH HOH A . 
F 3 HOH 67 271 271 HOH HOH A . 
F 3 HOH 68 272 272 HOH HOH A . 
F 3 HOH 69 273 273 HOH HOH A . 
F 3 HOH 70 274 274 HOH HOH A . 
F 3 HOH 71 275 275 HOH HOH A . 
F 3 HOH 72 276 276 HOH HOH A . 
F 3 HOH 73 277 277 HOH HOH A . 
F 3 HOH 74 278 278 HOH HOH A . 
F 3 HOH 75 279 279 HOH HOH A . 
F 3 HOH 76 280 280 HOH HOH A . 
F 3 HOH 77 281 281 HOH HOH A . 
F 3 HOH 78 282 282 HOH HOH A . 
F 3 HOH 79 284 284 HOH HOH A . 
F 3 HOH 80 288 288 HOH HOH A . 
# 
loop_
_pdbx_unobs_or_zero_occ_atoms.id 
_pdbx_unobs_or_zero_occ_atoms.PDB_model_num 
_pdbx_unobs_or_zero_occ_atoms.polymer_flag 
_pdbx_unobs_or_zero_occ_atoms.occupancy_flag 
_pdbx_unobs_or_zero_occ_atoms.auth_asym_id 
_pdbx_unobs_or_zero_occ_atoms.auth_comp_id 
_pdbx_unobs_or_zero_occ_atoms.auth_seq_id 
_pdbx_unobs_or_zero_occ_atoms.PDB_ins_code 
_pdbx_unobs_or_zero_occ_atoms.auth_atom_id 
_pdbx_unobs_or_zero_occ_atoms.label_alt_id 
_pdbx_unobs_or_zero_occ_atoms.label_asym_id 
_pdbx_unobs_or_zero_occ_atoms.label_comp_id 
_pdbx_unobs_or_zero_occ_atoms.label_seq_id 
_pdbx_unobs_or_zero_occ_atoms.label_atom_id 
1  1 Y 0 A GLN 15  ? CG  ? A GLN 15  CG  
2  1 Y 0 A GLN 15  ? OE1 ? A GLN 15  OE1 
3  1 Y 0 A GLN 15  ? NE2 ? A GLN 15  NE2 
4  1 Y 0 A GLU 26  ? CD  ? A GLU 26  CD  
5  1 Y 0 A GLU 26  ? OE1 ? A GLU 26  OE1 
6  1 Y 0 A GLU 26  ? OE2 ? A GLU 26  OE2 
7  1 Y 0 A LYS 27  ? CE  ? A LYS 27  CE  
8  1 Y 0 A LYS 27  ? NZ  ? A LYS 27  NZ  
9  1 Y 0 A LYS 40  ? CG  ? A LYS 40  CG  
10 1 Y 0 A LYS 40  ? CD  ? A LYS 40  CD  
11 1 Y 0 A LYS 40  ? CE  ? A LYS 40  CE  
12 1 Y 0 A LYS 40  ? NZ  ? A LYS 40  NZ  
13 1 Y 0 A GLU 41  ? CG  ? A GLU 41  CG  
14 1 Y 0 A GLU 41  ? CD  ? A GLU 41  CD  
15 1 Y 0 A GLU 41  ? OE1 ? A GLU 41  OE1 
16 1 Y 0 A GLU 41  ? OE2 ? A GLU 41  OE2 
17 1 Y 0 A LYS 58  ? CE  ? A LYS 58  CE  
18 1 Y 0 A LYS 58  ? NZ  ? A LYS 58  NZ  
19 1 Y 0 A LYS 59  ? CD  ? A LYS 59  CD  
20 1 Y 0 A LYS 59  ? CE  ? A LYS 59  CE  
21 1 Y 0 A LYS 59  ? NZ  ? A LYS 59  NZ  
22 1 Y 0 A LYS 62  ? CD  ? A LYS 62  CD  
23 1 Y 0 A LYS 62  ? CE  ? A LYS 62  CE  
24 1 Y 0 A LYS 62  ? NZ  ? A LYS 62  NZ  
25 1 Y 0 A LYS 71  ? CE  ? A LYS 71  CE  
26 1 Y 0 A LYS 71  ? NZ  ? A LYS 71  NZ  
27 1 Y 0 A GLU 73  ? CB  ? A GLU 73  CB  
28 1 Y 0 A GLU 73  ? CG  ? A GLU 73  CG  
29 1 Y 0 A GLU 73  ? CD  ? A GLU 73  CD  
30 1 Y 0 A GLU 73  ? OE1 ? A GLU 73  OE1 
31 1 Y 0 A GLU 73  ? OE2 ? A GLU 73  OE2 
32 1 Y 0 A LYS 75  ? CD  ? A LYS 75  CD  
33 1 Y 0 A LYS 75  ? CE  ? A LYS 75  CE  
34 1 Y 0 A LYS 75  ? NZ  ? A LYS 75  NZ  
35 1 Y 0 A GLU 92  ? CG  ? A GLU 92  CG  
36 1 Y 0 A GLU 92  ? CD  ? A GLU 92  CD  
37 1 Y 0 A GLU 92  ? OE1 ? A GLU 92  OE1 
38 1 Y 0 A GLU 92  ? OE2 ? A GLU 92  OE2 
39 1 Y 0 A LYS 94  ? NZ  ? A LYS 94  NZ  
40 1 Y 0 A LYS 95  ? CD  ? A LYS 95  CD  
41 1 Y 0 A LYS 95  ? CE  ? A LYS 95  CE  
42 1 Y 0 A LYS 95  ? NZ  ? A LYS 95  NZ  
43 1 Y 0 A LYS 102 ? CD  ? A LYS 102 CD  
44 1 Y 0 A LYS 102 ? CE  ? A LYS 102 CE  
45 1 Y 0 A LYS 102 ? NZ  ? A LYS 102 NZ  
# 
loop_
_software.name 
_software.classification 
_software.version 
_software.citation_id 
_software.pdbx_ordinal 
X-PLOR   'model building' .           ? 1 
X-PLOR   refinement       .           ? 2 
MOSFLM   'data reduction' .           ? 3 
CCP4     'data scaling'   '(AGROVATA' ? 4 
ROTAVATA 'data scaling'   .           ? 5 
X-PLOR   phasing          .           ? 6 
# 
_cell.entry_id           3CYR 
_cell.length_a           62.710 
_cell.length_b           62.710 
_cell.length_c           111.090 
_cell.angle_alpha        90.00 
_cell.angle_beta         90.00 
_cell.angle_gamma        120.00 
_cell.Z_PDB              12 
_cell.pdbx_unique_axis   ? 
# 
_symmetry.entry_id                         3CYR 
_symmetry.space_group_name_H-M             'P 61 2 2' 
_symmetry.pdbx_full_space_group_name_H-M   ? 
_symmetry.cell_setting                     ? 
_symmetry.Int_Tables_number                178 
# 
_exptl.entry_id          3CYR 
_exptl.method            'X-RAY DIFFRACTION' 
_exptl.crystals_number   1 
# 
_exptl_crystal.id                    1 
_exptl_crystal.density_meas          ? 
_exptl_crystal.density_Matthews      2.72 
_exptl_crystal.density_percent_sol   54.76 
_exptl_crystal.description           ? 
# 
_exptl_crystal_grow.crystal_id      1 
_exptl_crystal_grow.method          ? 
_exptl_crystal_grow.temp            ? 
_exptl_crystal_grow.temp_details    ? 
_exptl_crystal_grow.pH              4.0 
_exptl_crystal_grow.pdbx_pH_range   ? 
_exptl_crystal_grow.pdbx_details    
'PROTEIN WAS CRYSTALLIZED FROM 3.5 M AMMONIUM SULFATE SOLUTION IN 0.05 M SODIUM ACETATE BUFFER (PH 4.0)' 
# 
_diffrn.id                     1 
_diffrn.ambient_temp           298 
_diffrn.ambient_temp_details   ? 
_diffrn.crystal_id             1 
# 
_diffrn_detector.diffrn_id              1 
_diffrn_detector.detector               'IMAGE PLATE' 
_diffrn_detector.type                   MARRESEARCH 
_diffrn_detector.pdbx_collection_date   1993-11 
_diffrn_detector.details                MIRROR 
# 
_diffrn_radiation.diffrn_id                        1 
_diffrn_radiation.wavelength_id                    1 
_diffrn_radiation.pdbx_monochromatic_or_laue_m_l   M 
_diffrn_radiation.monochromator                    'SI(111)' 
_diffrn_radiation.pdbx_diffrn_protocol             ? 
_diffrn_radiation.pdbx_scattering_type             x-ray 
# 
_diffrn_radiation_wavelength.id           1 
_diffrn_radiation_wavelength.wavelength   0.92 
_diffrn_radiation_wavelength.wt           1.0 
# 
_diffrn_source.diffrn_id                   1 
_diffrn_source.source                      SYNCHROTRON 
_diffrn_source.type                        'EMBL/DESY, HAMBURG BEAMLINE X11' 
_diffrn_source.pdbx_synchrotron_site       'EMBL/DESY, HAMBURG' 
_diffrn_source.pdbx_synchrotron_beamline   X11 
_diffrn_source.pdbx_wavelength             0.92 
_diffrn_source.pdbx_wavelength_list        ? 
# 
_reflns.entry_id                     3CYR 
_reflns.observed_criterion_sigma_I   0. 
_reflns.observed_criterion_sigma_F   ? 
_reflns.d_resolution_low             38.8 
_reflns.d_resolution_high            1.60 
_reflns.number_obs                   17593 
_reflns.number_all                   ? 
_reflns.percent_possible_obs         99.1 
_reflns.pdbx_Rmerge_I_obs            0.0630000 
_reflns.pdbx_Rsym_value              ? 
_reflns.pdbx_netI_over_sigmaI        8.7 
_reflns.B_iso_Wilson_estimate        ? 
_reflns.pdbx_redundancy              5.1 
_reflns.pdbx_diffrn_id               1 
_reflns.pdbx_ordinal                 1 
# 
_reflns_shell.d_res_high             1.60 
_reflns_shell.d_res_low              1.68 
_reflns_shell.percent_possible_all   98.4 
_reflns_shell.Rmerge_I_obs           0.3050000 
_reflns_shell.pdbx_Rsym_value        ? 
_reflns_shell.meanI_over_sigI_obs    2.4 
_reflns_shell.pdbx_redundancy        4.3 
_reflns_shell.pdbx_diffrn_id         ? 
_reflns_shell.pdbx_ordinal           1 
# 
_refine.entry_id                                 3CYR 
_refine.ls_number_reflns_obs                     ? 
_refine.ls_number_reflns_all                     17593 
_refine.pdbx_ls_sigma_I                          ? 
_refine.pdbx_ls_sigma_F                          1.0 
_refine.pdbx_data_cutoff_high_absF               ? 
_refine.pdbx_data_cutoff_low_absF                ? 
_refine.pdbx_data_cutoff_high_rms_absF           ? 
_refine.ls_d_res_low                             8.0 
_refine.ls_d_res_high                            1.60 
_refine.ls_percent_reflns_obs                    ? 
_refine.ls_R_factor_obs                          0.1750000 
_refine.ls_R_factor_all                          ? 
_refine.ls_R_factor_R_work                       ? 
_refine.ls_R_factor_R_free                       0.2210000 
_refine.ls_R_factor_R_free_error                 ? 
_refine.ls_R_factor_R_free_error_details         ? 
_refine.ls_percent_reflns_R_free                 5.8 
_refine.ls_number_reflns_R_free                  1025 
_refine.ls_number_parameters                     4263 
_refine.ls_number_restraints                     10149 
_refine.occupancy_min                            ? 
_refine.occupancy_max                            ? 
_refine.B_iso_mean                               ? 
_refine.aniso_B[1][1]                            ? 
_refine.aniso_B[2][2]                            ? 
_refine.aniso_B[3][3]                            ? 
_refine.aniso_B[1][2]                            ? 
_refine.aniso_B[1][3]                            ? 
_refine.aniso_B[2][3]                            ? 
_refine.solvent_model_details                    ? 
_refine.solvent_model_param_ksol                 ? 
_refine.solvent_model_param_bsol                 ? 
_refine.pdbx_ls_cross_valid_method               'FREE R' 
_refine.details                                  'X-PLOR USED INITIALLY' 
_refine.pdbx_starting_model                      'PDB ENTRY 2CYR' 
_refine.pdbx_method_to_determine_struct          'RIGID-BODY REFINEMENT' 
_refine.pdbx_isotropic_thermal_model             ? 
_refine.pdbx_stereochemistry_target_values       ? 
_refine.pdbx_stereochem_target_val_spec_case     ? 
_refine.pdbx_R_Free_selection_details            RANDOM 
_refine.pdbx_overall_ESU_R                       ? 
_refine.pdbx_overall_ESU_R_Free                  ? 
_refine.overall_SU_ML                            ? 
_refine.overall_SU_B                             ? 
_refine.pdbx_refine_id                           'X-RAY DIFFRACTION' 
_refine.pdbx_diffrn_id                           1 
_refine.pdbx_TLS_residual_ADP_flag               ? 
_refine.correlation_coeff_Fo_to_Fc               ? 
_refine.correlation_coeff_Fo_to_Fc_free          ? 
_refine.pdbx_solvent_vdw_probe_radii             ? 
_refine.pdbx_solvent_ion_probe_radii             ? 
_refine.pdbx_solvent_shrinkage_radii             ? 
_refine.pdbx_overall_phase_error                 ? 
_refine.overall_SU_R_Cruickshank_DPI             ? 
_refine.pdbx_overall_SU_R_free_Cruickshank_DPI   ? 
_refine.pdbx_overall_SU_R_Blow_DPI               ? 
_refine.pdbx_overall_SU_R_free_Blow_DPI          ? 
# 
_refine_analyze.entry_id                        3CYR 
_refine_analyze.Luzzati_coordinate_error_obs    ? 
_refine_analyze.Luzzati_sigma_a_obs             ? 
_refine_analyze.Luzzati_d_res_low_obs           ? 
_refine_analyze.Luzzati_coordinate_error_free   ? 
_refine_analyze.Luzzati_sigma_a_free            ? 
_refine_analyze.Luzzati_d_res_low_free          ? 
_refine_analyze.number_disordered_residues      2 
_refine_analyze.occupancy_sum_hydrogen          ? 
_refine_analyze.occupancy_sum_non_hydrogen      ? 
_refine_analyze.pdbx_refine_id                  'X-RAY DIFFRACTION' 
# 
_refine_hist.pdbx_refine_id                   'X-RAY DIFFRACTION' 
_refine_hist.cycle_id                         LAST 
_refine_hist.pdbx_number_atoms_protein        809 
_refine_hist.pdbx_number_atoms_nucleic_acid   0 
_refine_hist.pdbx_number_atoms_ligand         172 
_refine_hist.number_atoms_solvent             80 
_refine_hist.number_atoms_total               1061 
_refine_hist.d_res_high                       1.60 
_refine_hist.d_res_low                        8.0 
# 
loop_
_refine_ls_restr.type 
_refine_ls_restr.dev_ideal 
_refine_ls_restr.dev_ideal_target 
_refine_ls_restr.weight 
_refine_ls_restr.number 
_refine_ls_restr.pdbx_refine_id 
_refine_ls_restr.pdbx_restraint_function 
s_bond_d               0.031 ? ? ? 'X-RAY DIFFRACTION' ? 
s_angle_d              2.874 ? ? ? 'X-RAY DIFFRACTION' ? 
s_similar_dist         ?     ? ? ? 'X-RAY DIFFRACTION' ? 
s_from_restr_planes    ?     ? ? ? 'X-RAY DIFFRACTION' ? 
s_zero_chiral_vol      ?     ? ? ? 'X-RAY DIFFRACTION' ? 
s_non_zero_chiral_vol  ?     ? ? ? 'X-RAY DIFFRACTION' ? 
s_anti_bump_dis_restr  ?     ? ? ? 'X-RAY DIFFRACTION' ? 
s_rigid_bond_adp_cmpnt ?     ? ? ? 'X-RAY DIFFRACTION' ? 
s_similar_adp_cmpnt    ?     ? ? ? 'X-RAY DIFFRACTION' ? 
s_approx_iso_adps      ?     ? ? ? 'X-RAY DIFFRACTION' ? 
# 
_pdbx_refine.entry_id                                    3CYR 
_pdbx_refine.R_factor_all_no_cutoff                      ? 
_pdbx_refine.R_factor_obs_no_cutoff                      0.1750000 
_pdbx_refine.free_R_factor_no_cutoff                     0.2210000 
_pdbx_refine.free_R_val_test_set_size_perc_no_cutoff     5.8 
_pdbx_refine.free_R_val_test_set_ct_no_cutoff            1025 
_pdbx_refine.R_factor_all_4sig_cutoff                    ? 
_pdbx_refine.R_factor_obs_4sig_cutoff                    0.1560000 
_pdbx_refine.free_R_factor_4sig_cutoff                   0.1960000 
_pdbx_refine.free_R_val_test_set_size_perc_4sig_cutoff   5.7 
_pdbx_refine.free_R_val_test_set_ct_4sig_cutoff          795 
_pdbx_refine.number_reflns_obs_4sig_cutoff               14061 
_pdbx_refine.pdbx_refine_id                              'X-RAY DIFFRACTION' 
_pdbx_refine.free_R_error_no_cutoff                      ? 
# 
_struct.entry_id                  3CYR 
_struct.title                     'CYTOCHROME C3 FROM DESULFOVIBRIO DESULFURICANS ATCC 27774P' 
_struct.pdbx_model_details        ? 
_struct.pdbx_CASP_flag            ? 
_struct.pdbx_model_type_details   ? 
# 
_struct_keywords.entry_id        3CYR 
_struct_keywords.pdbx_keywords   'ELECTRON TRANSPORT' 
_struct_keywords.text            'ELECTRON TRANSPORT, CYTOCHROME' 
# 
loop_
_struct_asym.id 
_struct_asym.pdbx_blank_PDB_chainid_flag 
_struct_asym.pdbx_modified 
_struct_asym.entity_id 
_struct_asym.details 
A N N 1 ? 
B N N 2 ? 
C N N 2 ? 
D N N 2 ? 
E N N 2 ? 
F N N 3 ? 
# 
_struct_ref.id                         1 
_struct_ref.db_name                    UNP 
_struct_ref.db_code                    Q9L915_DESDE 
_struct_ref.entity_id                  1 
_struct_ref.pdbx_db_accession          Q9L915 
_struct_ref.pdbx_align_begin           1 
_struct_ref.pdbx_seq_one_letter_code   
;MKKTLALTCMLALLLAVSAWAAPAVPDKPVEVKGSQKTVMFPHAPHEKVECVTCHHLVDGKESYAKCGSSGCHDDLTAKK
GEKSLYYVVHAKGELKHTSCLACHSKVVAEKPELKKDLTGCAKSKCHP
;
_struct_ref.pdbx_db_isoform            ? 
# 
_struct_ref_seq.align_id                      1 
_struct_ref_seq.ref_id                        1 
_struct_ref_seq.pdbx_PDB_id_code              3CYR 
_struct_ref_seq.pdbx_strand_id                A 
_struct_ref_seq.seq_align_beg                 1 
_struct_ref_seq.pdbx_seq_align_beg_ins_code   ? 
_struct_ref_seq.seq_align_end                 107 
_struct_ref_seq.pdbx_seq_align_end_ins_code   ? 
_struct_ref_seq.pdbx_db_accession             Q9L915 
_struct_ref_seq.db_align_beg                  22 
_struct_ref_seq.pdbx_db_align_beg_ins_code    ? 
_struct_ref_seq.db_align_end                  128 
_struct_ref_seq.pdbx_db_align_end_ins_code    ? 
_struct_ref_seq.pdbx_auth_seq_align_beg       1 
_struct_ref_seq.pdbx_auth_seq_align_end       107 
# 
_struct_ref_seq_dif.align_id                     1 
_struct_ref_seq_dif.pdbx_pdb_id_code             3CYR 
_struct_ref_seq_dif.mon_id                       ASN 
_struct_ref_seq_dif.pdbx_pdb_strand_id           A 
_struct_ref_seq_dif.seq_num                      6 
_struct_ref_seq_dif.pdbx_pdb_ins_code            ? 
_struct_ref_seq_dif.pdbx_seq_db_name             UNP 
_struct_ref_seq_dif.pdbx_seq_db_accession_code   Q9L915 
_struct_ref_seq_dif.db_mon_id                    ASP 
_struct_ref_seq_dif.pdbx_seq_db_seq_num          27 
_struct_ref_seq_dif.details                      conflict 
_struct_ref_seq_dif.pdbx_auth_seq_num            6 
_struct_ref_seq_dif.pdbx_ordinal                 1 
# 
_pdbx_struct_assembly.id                   1 
_pdbx_struct_assembly.details              author_defined_assembly 
_pdbx_struct_assembly.method_details       ? 
_pdbx_struct_assembly.oligomeric_details   monomeric 
_pdbx_struct_assembly.oligomeric_count     1 
# 
_pdbx_struct_assembly_gen.assembly_id       1 
_pdbx_struct_assembly_gen.oper_expression   1 
_pdbx_struct_assembly_gen.asym_id_list      A,B,C,D,E,F 
# 
_pdbx_struct_oper_list.id                   1 
_pdbx_struct_oper_list.type                 'identity operation' 
_pdbx_struct_oper_list.name                 1_555 
_pdbx_struct_oper_list.symmetry_operation   x,y,z 
_pdbx_struct_oper_list.matrix[1][1]         1.0000000000 
_pdbx_struct_oper_list.matrix[1][2]         0.0000000000 
_pdbx_struct_oper_list.matrix[1][3]         0.0000000000 
_pdbx_struct_oper_list.vector[1]            0.0000000000 
_pdbx_struct_oper_list.matrix[2][1]         0.0000000000 
_pdbx_struct_oper_list.matrix[2][2]         1.0000000000 
_pdbx_struct_oper_list.matrix[2][3]         0.0000000000 
_pdbx_struct_oper_list.vector[2]            0.0000000000 
_pdbx_struct_oper_list.matrix[3][1]         0.0000000000 
_pdbx_struct_oper_list.matrix[3][2]         0.0000000000 
_pdbx_struct_oper_list.matrix[3][3]         1.0000000000 
_pdbx_struct_oper_list.vector[3]            0.0000000000 
# 
_struct_biol.id   1 
# 
loop_
_struct_conf.conf_type_id 
_struct_conf.id 
_struct_conf.pdbx_PDB_helix_id 
_struct_conf.beg_label_comp_id 
_struct_conf.beg_label_asym_id 
_struct_conf.beg_label_seq_id 
_struct_conf.pdbx_beg_PDB_ins_code 
_struct_conf.end_label_comp_id 
_struct_conf.end_label_asym_id 
_struct_conf.end_label_seq_id 
_struct_conf.pdbx_end_PDB_ins_code 
_struct_conf.beg_auth_comp_id 
_struct_conf.beg_auth_asym_id 
_struct_conf.beg_auth_seq_id 
_struct_conf.end_auth_comp_id 
_struct_conf.end_auth_asym_id 
_struct_conf.end_auth_seq_id 
_struct_conf.pdbx_PDB_helix_class 
_struct_conf.details 
_struct_conf.pdbx_PDB_helix_length 
HELX_P HELX_P1 1 ALA A 23 ? HIS A 25 ? ALA A 23 HIS A 25 5 ? 3  
HELX_P HELX_P2 2 CYS A 30 ? CYS A 33 ? CYS A 30 CYS A 33 1 ? 4  
HELX_P HELX_P3 3 LEU A 64 ? HIS A 69 ? LEU A 64 HIS A 69 1 ? 6  
HELX_P HELX_P4 4 CYS A 79 ? GLU A 89 ? CYS A 79 GLU A 89 1 ? 11 
HELX_P HELX_P5 5 PRO A 91 ? THR A 98 ? PRO A 91 THR A 98 5 ? 8  
# 
_struct_conf_type.id          HELX_P 
_struct_conf_type.criteria    ? 
_struct_conf_type.reference   ? 
# 
loop_
_struct_conn.id 
_struct_conn.conn_type_id 
_struct_conn.pdbx_leaving_atom_flag 
_struct_conn.pdbx_PDB_id 
_struct_conn.ptnr1_label_asym_id 
_struct_conn.ptnr1_label_comp_id 
_struct_conn.ptnr1_label_seq_id 
_struct_conn.ptnr1_label_atom_id 
_struct_conn.pdbx_ptnr1_label_alt_id 
_struct_conn.pdbx_ptnr1_PDB_ins_code 
_struct_conn.pdbx_ptnr1_standard_comp_id 
_struct_conn.ptnr1_symmetry 
_struct_conn.ptnr2_label_asym_id 
_struct_conn.ptnr2_label_comp_id 
_struct_conn.ptnr2_label_seq_id 
_struct_conn.ptnr2_label_atom_id 
_struct_conn.pdbx_ptnr2_label_alt_id 
_struct_conn.pdbx_ptnr2_PDB_ins_code 
_struct_conn.ptnr1_auth_asym_id 
_struct_conn.ptnr1_auth_comp_id 
_struct_conn.ptnr1_auth_seq_id 
_struct_conn.ptnr2_auth_asym_id 
_struct_conn.ptnr2_auth_comp_id 
_struct_conn.ptnr2_auth_seq_id 
_struct_conn.ptnr2_symmetry 
_struct_conn.pdbx_ptnr3_label_atom_id 
_struct_conn.pdbx_ptnr3_label_seq_id 
_struct_conn.pdbx_ptnr3_label_comp_id 
_struct_conn.pdbx_ptnr3_label_asym_id 
_struct_conn.pdbx_ptnr3_label_alt_id 
_struct_conn.pdbx_ptnr3_PDB_ins_code 
_struct_conn.details 
_struct_conn.pdbx_dist_value 
_struct_conn.pdbx_value_order 
_struct_conn.pdbx_role 
covale1 covale none ? A CYS 30  SG  ? ? ? 1_555 B HEM . CAB ? ? A CYS 30  A HEM 201 1_555 ? ? ? ? ? ? ? 1.810 ? ? 
covale2 covale none ? A CYS 33  SG  ? ? ? 1_555 B HEM . CAC ? ? A CYS 33  A HEM 201 1_555 ? ? ? ? ? ? ? 1.811 ? ? 
covale3 covale none ? A CYS 46  SG  ? ? ? 1_555 C HEM . CAB ? ? A CYS 46  A HEM 202 1_555 ? ? ? ? ? ? ? 1.810 ? ? 
covale4 covale none ? A CYS 51  SG  ? ? ? 1_555 C HEM . CAC ? ? A CYS 51  A HEM 202 1_555 ? ? ? ? ? ? ? 1.810 ? ? 
covale5 covale none ? A CYS 79  SG  ? ? ? 1_555 D HEM . CAB ? ? A CYS 79  A HEM 203 1_555 ? ? ? ? ? ? ? 1.810 ? ? 
covale6 covale none ? A CYS 82  SG  ? ? ? 1_555 D HEM . CAC ? ? A CYS 82  A HEM 203 1_555 ? ? ? ? ? ? ? 1.810 ? ? 
covale7 covale none ? A CYS 100 SG  ? ? ? 1_555 E HEM . CAB ? ? A CYS 100 A HEM 204 1_555 ? ? ? ? ? ? ? 1.811 ? ? 
covale8 covale none ? A CYS 105 SG  ? ? ? 1_555 E HEM . CAC ? ? A CYS 105 A HEM 204 1_555 ? ? ? ? ? ? ? 1.810 ? ? 
metalc1 metalc ?    ? A HIS 22  NE2 ? ? ? 1_555 B HEM . FE  ? ? A HIS 22  A HEM 201 1_555 ? ? ? ? ? ? ? 2.103 ? ? 
metalc2 metalc ?    ? A HIS 25  NE2 ? ? ? 1_555 D HEM . FE  ? ? A HIS 25  A HEM 203 1_555 ? ? ? ? ? ? ? 2.057 ? ? 
metalc3 metalc ?    ? A HIS 34  NE2 ? ? ? 1_555 B HEM . FE  ? ? A HIS 34  A HEM 201 1_555 ? ? ? ? ? ? ? 2.046 ? ? 
metalc4 metalc ?    ? A HIS 35  NE2 ? ? ? 1_555 C HEM . FE  ? ? A HIS 35  A HEM 202 1_555 ? ? ? ? ? ? ? 2.009 ? ? 
metalc5 metalc ?    ? A HIS 52  NE2 ? ? ? 1_555 C HEM . FE  ? ? A HIS 52  A HEM 202 1_555 ? ? ? ? ? ? ? 1.995 ? ? 
metalc6 metalc ?    ? A HIS 69  NE2 ? ? ? 1_555 E HEM . FE  ? ? A HIS 69  A HEM 204 1_555 ? ? ? ? ? ? ? 2.084 ? ? 
metalc7 metalc ?    ? A HIS 83  NE2 ? ? ? 1_555 D HEM . FE  ? ? A HIS 83  A HEM 203 1_555 ? ? ? ? ? ? ? 2.070 ? ? 
metalc8 metalc ?    ? A HIS 106 NE2 ? ? ? 1_555 E HEM . FE  ? ? A HIS 106 A HEM 204 1_555 ? ? ? ? ? ? ? 2.064 ? ? 
# 
loop_
_struct_conn_type.id 
_struct_conn_type.criteria 
_struct_conn_type.reference 
covale ? ? 
metalc ? ? 
# 
loop_
_pdbx_struct_conn_angle.id 
_pdbx_struct_conn_angle.ptnr1_label_atom_id 
_pdbx_struct_conn_angle.ptnr1_label_alt_id 
_pdbx_struct_conn_angle.ptnr1_label_asym_id 
_pdbx_struct_conn_angle.ptnr1_label_comp_id 
_pdbx_struct_conn_angle.ptnr1_label_seq_id 
_pdbx_struct_conn_angle.ptnr1_auth_atom_id 
_pdbx_struct_conn_angle.ptnr1_auth_asym_id 
_pdbx_struct_conn_angle.ptnr1_auth_comp_id 
_pdbx_struct_conn_angle.ptnr1_auth_seq_id 
_pdbx_struct_conn_angle.ptnr1_PDB_ins_code 
_pdbx_struct_conn_angle.ptnr1_symmetry 
_pdbx_struct_conn_angle.ptnr2_label_atom_id 
_pdbx_struct_conn_angle.ptnr2_label_alt_id 
_pdbx_struct_conn_angle.ptnr2_label_asym_id 
_pdbx_struct_conn_angle.ptnr2_label_comp_id 
_pdbx_struct_conn_angle.ptnr2_label_seq_id 
_pdbx_struct_conn_angle.ptnr2_auth_atom_id 
_pdbx_struct_conn_angle.ptnr2_auth_asym_id 
_pdbx_struct_conn_angle.ptnr2_auth_comp_id 
_pdbx_struct_conn_angle.ptnr2_auth_seq_id 
_pdbx_struct_conn_angle.ptnr2_PDB_ins_code 
_pdbx_struct_conn_angle.ptnr2_symmetry 
_pdbx_struct_conn_angle.ptnr3_label_atom_id 
_pdbx_struct_conn_angle.ptnr3_label_alt_id 
_pdbx_struct_conn_angle.ptnr3_label_asym_id 
_pdbx_struct_conn_angle.ptnr3_label_comp_id 
_pdbx_struct_conn_angle.ptnr3_label_seq_id 
_pdbx_struct_conn_angle.ptnr3_auth_atom_id 
_pdbx_struct_conn_angle.ptnr3_auth_asym_id 
_pdbx_struct_conn_angle.ptnr3_auth_comp_id 
_pdbx_struct_conn_angle.ptnr3_auth_seq_id 
_pdbx_struct_conn_angle.ptnr3_PDB_ins_code 
_pdbx_struct_conn_angle.ptnr3_symmetry 
_pdbx_struct_conn_angle.value 
_pdbx_struct_conn_angle.value_esd 
1  NE2 ? A HIS 22 ? A HIS 22  ? 1_555 FE ? B HEM . ? A HEM 201 ? 1_555 NA  ? B HEM .   ? A HEM 201 ? 1_555 90.6  ? 
2  NE2 ? A HIS 22 ? A HIS 22  ? 1_555 FE ? B HEM . ? A HEM 201 ? 1_555 NB  ? B HEM .   ? A HEM 201 ? 1_555 93.0  ? 
3  NA  ? B HEM .  ? A HEM 201 ? 1_555 FE ? B HEM . ? A HEM 201 ? 1_555 NB  ? B HEM .   ? A HEM 201 ? 1_555 90.8  ? 
4  NE2 ? A HIS 22 ? A HIS 22  ? 1_555 FE ? B HEM . ? A HEM 201 ? 1_555 NC  ? B HEM .   ? A HEM 201 ? 1_555 88.3  ? 
5  NA  ? B HEM .  ? A HEM 201 ? 1_555 FE ? B HEM . ? A HEM 201 ? 1_555 NC  ? B HEM .   ? A HEM 201 ? 1_555 178.8 ? 
6  NB  ? B HEM .  ? A HEM 201 ? 1_555 FE ? B HEM . ? A HEM 201 ? 1_555 NC  ? B HEM .   ? A HEM 201 ? 1_555 88.8  ? 
7  NE2 ? A HIS 22 ? A HIS 22  ? 1_555 FE ? B HEM . ? A HEM 201 ? 1_555 ND  ? B HEM .   ? A HEM 201 ? 1_555 89.0  ? 
8  NA  ? B HEM .  ? A HEM 201 ? 1_555 FE ? B HEM . ? A HEM 201 ? 1_555 ND  ? B HEM .   ? A HEM 201 ? 1_555 90.2  ? 
9  NB  ? B HEM .  ? A HEM 201 ? 1_555 FE ? B HEM . ? A HEM 201 ? 1_555 ND  ? B HEM .   ? A HEM 201 ? 1_555 177.8 ? 
10 NC  ? B HEM .  ? A HEM 201 ? 1_555 FE ? B HEM . ? A HEM 201 ? 1_555 ND  ? B HEM .   ? A HEM 201 ? 1_555 90.3  ? 
11 NE2 ? A HIS 22 ? A HIS 22  ? 1_555 FE ? B HEM . ? A HEM 201 ? 1_555 NE2 ? A HIS 34  ? A HIS 34  ? 1_555 177.1 ? 
12 NA  ? B HEM .  ? A HEM 201 ? 1_555 FE ? B HEM . ? A HEM 201 ? 1_555 NE2 ? A HIS 34  ? A HIS 34  ? 1_555 91.2  ? 
13 NB  ? B HEM .  ? A HEM 201 ? 1_555 FE ? B HEM . ? A HEM 201 ? 1_555 NE2 ? A HIS 34  ? A HIS 34  ? 1_555 89.3  ? 
14 NC  ? B HEM .  ? A HEM 201 ? 1_555 FE ? B HEM . ? A HEM 201 ? 1_555 NE2 ? A HIS 34  ? A HIS 34  ? 1_555 89.9  ? 
15 ND  ? B HEM .  ? A HEM 201 ? 1_555 FE ? B HEM . ? A HEM 201 ? 1_555 NE2 ? A HIS 34  ? A HIS 34  ? 1_555 88.7  ? 
16 NE2 ? A HIS 25 ? A HIS 25  ? 1_555 FE ? D HEM . ? A HEM 203 ? 1_555 NA  ? D HEM .   ? A HEM 203 ? 1_555 90.5  ? 
17 NE2 ? A HIS 25 ? A HIS 25  ? 1_555 FE ? D HEM . ? A HEM 203 ? 1_555 NB  ? D HEM .   ? A HEM 203 ? 1_555 88.5  ? 
18 NA  ? D HEM .  ? A HEM 203 ? 1_555 FE ? D HEM . ? A HEM 203 ? 1_555 NB  ? D HEM .   ? A HEM 203 ? 1_555 89.6  ? 
19 NE2 ? A HIS 25 ? A HIS 25  ? 1_555 FE ? D HEM . ? A HEM 203 ? 1_555 NC  ? D HEM .   ? A HEM 203 ? 1_555 88.5  ? 
20 NA  ? D HEM .  ? A HEM 203 ? 1_555 FE ? D HEM . ? A HEM 203 ? 1_555 NC  ? D HEM .   ? A HEM 203 ? 1_555 178.7 ? 
21 NB  ? D HEM .  ? A HEM 203 ? 1_555 FE ? D HEM . ? A HEM 203 ? 1_555 NC  ? D HEM .   ? A HEM 203 ? 1_555 89.5  ? 
22 NE2 ? A HIS 25 ? A HIS 25  ? 1_555 FE ? D HEM . ? A HEM 203 ? 1_555 ND  ? D HEM .   ? A HEM 203 ? 1_555 89.1  ? 
23 NA  ? D HEM .  ? A HEM 203 ? 1_555 FE ? D HEM . ? A HEM 203 ? 1_555 ND  ? D HEM .   ? A HEM 203 ? 1_555 90.8  ? 
24 NB  ? D HEM .  ? A HEM 203 ? 1_555 FE ? D HEM . ? A HEM 203 ? 1_555 ND  ? D HEM .   ? A HEM 203 ? 1_555 177.5 ? 
25 NC  ? D HEM .  ? A HEM 203 ? 1_555 FE ? D HEM . ? A HEM 203 ? 1_555 ND  ? D HEM .   ? A HEM 203 ? 1_555 90.1  ? 
26 NE2 ? A HIS 25 ? A HIS 25  ? 1_555 FE ? D HEM . ? A HEM 203 ? 1_555 NE2 ? A HIS 83  ? A HIS 83  ? 1_555 179.0 ? 
27 NA  ? D HEM .  ? A HEM 203 ? 1_555 FE ? D HEM . ? A HEM 203 ? 1_555 NE2 ? A HIS 83  ? A HIS 83  ? 1_555 90.4  ? 
28 NB  ? D HEM .  ? A HEM 203 ? 1_555 FE ? D HEM . ? A HEM 203 ? 1_555 NE2 ? A HIS 83  ? A HIS 83  ? 1_555 91.2  ? 
29 NC  ? D HEM .  ? A HEM 203 ? 1_555 FE ? D HEM . ? A HEM 203 ? 1_555 NE2 ? A HIS 83  ? A HIS 83  ? 1_555 90.6  ? 
30 ND  ? D HEM .  ? A HEM 203 ? 1_555 FE ? D HEM . ? A HEM 203 ? 1_555 NE2 ? A HIS 83  ? A HIS 83  ? 1_555 91.3  ? 
31 NE2 ? A HIS 35 ? A HIS 35  ? 1_555 FE ? C HEM . ? A HEM 202 ? 1_555 NA  ? C HEM .   ? A HEM 202 ? 1_555 85.9  ? 
32 NE2 ? A HIS 35 ? A HIS 35  ? 1_555 FE ? C HEM . ? A HEM 202 ? 1_555 NB  ? C HEM .   ? A HEM 202 ? 1_555 91.3  ? 
33 NA  ? C HEM .  ? A HEM 202 ? 1_555 FE ? C HEM . ? A HEM 202 ? 1_555 NB  ? C HEM .   ? A HEM 202 ? 1_555 90.1  ? 
34 NE2 ? A HIS 35 ? A HIS 35  ? 1_555 FE ? C HEM . ? A HEM 202 ? 1_555 NC  ? C HEM .   ? A HEM 202 ? 1_555 92.9  ? 
35 NA  ? C HEM .  ? A HEM 202 ? 1_555 FE ? C HEM . ? A HEM 202 ? 1_555 NC  ? C HEM .   ? A HEM 202 ? 1_555 178.2 ? 
36 NB  ? C HEM .  ? A HEM 202 ? 1_555 FE ? C HEM . ? A HEM 202 ? 1_555 NC  ? C HEM .   ? A HEM 202 ? 1_555 88.5  ? 
37 NE2 ? A HIS 35 ? A HIS 35  ? 1_555 FE ? C HEM . ? A HEM 202 ? 1_555 ND  ? C HEM .   ? A HEM 202 ? 1_555 88.4  ? 
38 NA  ? C HEM .  ? A HEM 202 ? 1_555 FE ? C HEM . ? A HEM 202 ? 1_555 ND  ? C HEM .   ? A HEM 202 ? 1_555 91.5  ? 
39 NB  ? C HEM .  ? A HEM 202 ? 1_555 FE ? C HEM . ? A HEM 202 ? 1_555 ND  ? C HEM .   ? A HEM 202 ? 1_555 178.3 ? 
40 NC  ? C HEM .  ? A HEM 202 ? 1_555 FE ? C HEM . ? A HEM 202 ? 1_555 ND  ? C HEM .   ? A HEM 202 ? 1_555 89.9  ? 
41 NE2 ? A HIS 35 ? A HIS 35  ? 1_555 FE ? C HEM . ? A HEM 202 ? 1_555 NE2 ? A HIS 52  ? A HIS 52  ? 1_555 175.2 ? 
42 NA  ? C HEM .  ? A HEM 202 ? 1_555 FE ? C HEM . ? A HEM 202 ? 1_555 NE2 ? A HIS 52  ? A HIS 52  ? 1_555 89.7  ? 
43 NB  ? C HEM .  ? A HEM 202 ? 1_555 FE ? C HEM . ? A HEM 202 ? 1_555 NE2 ? A HIS 52  ? A HIS 52  ? 1_555 90.6  ? 
44 NC  ? C HEM .  ? A HEM 202 ? 1_555 FE ? C HEM . ? A HEM 202 ? 1_555 NE2 ? A HIS 52  ? A HIS 52  ? 1_555 91.5  ? 
45 ND  ? C HEM .  ? A HEM 202 ? 1_555 FE ? C HEM . ? A HEM 202 ? 1_555 NE2 ? A HIS 52  ? A HIS 52  ? 1_555 89.8  ? 
46 NE2 ? A HIS 69 ? A HIS 69  ? 1_555 FE ? E HEM . ? A HEM 204 ? 1_555 NA  ? E HEM .   ? A HEM 204 ? 1_555 93.3  ? 
47 NE2 ? A HIS 69 ? A HIS 69  ? 1_555 FE ? E HEM . ? A HEM 204 ? 1_555 NB  ? E HEM .   ? A HEM 204 ? 1_555 89.1  ? 
48 NA  ? E HEM .  ? A HEM 204 ? 1_555 FE ? E HEM . ? A HEM 204 ? 1_555 NB  ? E HEM .   ? A HEM 204 ? 1_555 90.6  ? 
49 NE2 ? A HIS 69 ? A HIS 69  ? 1_555 FE ? E HEM . ? A HEM 204 ? 1_555 NC  ? E HEM .   ? A HEM 204 ? 1_555 90.9  ? 
50 NA  ? E HEM .  ? A HEM 204 ? 1_555 FE ? E HEM . ? A HEM 204 ? 1_555 NC  ? E HEM .   ? A HEM 204 ? 1_555 175.8 ? 
51 NB  ? E HEM .  ? A HEM 204 ? 1_555 FE ? E HEM . ? A HEM 204 ? 1_555 NC  ? E HEM .   ? A HEM 204 ? 1_555 89.1  ? 
52 NE2 ? A HIS 69 ? A HIS 69  ? 1_555 FE ? E HEM . ? A HEM 204 ? 1_555 ND  ? E HEM .   ? A HEM 204 ? 1_555 87.5  ? 
53 NA  ? E HEM .  ? A HEM 204 ? 1_555 FE ? E HEM . ? A HEM 204 ? 1_555 ND  ? E HEM .   ? A HEM 204 ? 1_555 90.2  ? 
54 NB  ? E HEM .  ? A HEM 204 ? 1_555 FE ? E HEM . ? A HEM 204 ? 1_555 ND  ? E HEM .   ? A HEM 204 ? 1_555 176.6 ? 
55 NC  ? E HEM .  ? A HEM 204 ? 1_555 FE ? E HEM . ? A HEM 204 ? 1_555 ND  ? E HEM .   ? A HEM 204 ? 1_555 90.3  ? 
56 NE2 ? A HIS 69 ? A HIS 69  ? 1_555 FE ? E HEM . ? A HEM 204 ? 1_555 NE2 ? A HIS 106 ? A HIS 106 ? 1_555 179.3 ? 
57 NA  ? E HEM .  ? A HEM 204 ? 1_555 FE ? E HEM . ? A HEM 204 ? 1_555 NE2 ? A HIS 106 ? A HIS 106 ? 1_555 87.4  ? 
58 NB  ? E HEM .  ? A HEM 204 ? 1_555 FE ? E HEM . ? A HEM 204 ? 1_555 NE2 ? A HIS 106 ? A HIS 106 ? 1_555 90.9  ? 
59 NC  ? E HEM .  ? A HEM 204 ? 1_555 FE ? E HEM . ? A HEM 204 ? 1_555 NE2 ? A HIS 106 ? A HIS 106 ? 1_555 88.4  ? 
60 ND  ? E HEM .  ? A HEM 204 ? 1_555 FE ? E HEM . ? A HEM 204 ? 1_555 NE2 ? A HIS 106 ? A HIS 106 ? 1_555 92.4  ? 
# 
loop_
_pdbx_modification_feature.ordinal 
_pdbx_modification_feature.label_comp_id 
_pdbx_modification_feature.label_asym_id 
_pdbx_modification_feature.label_seq_id 
_pdbx_modification_feature.label_alt_id 
_pdbx_modification_feature.modified_residue_label_comp_id 
_pdbx_modification_feature.modified_residue_label_asym_id 
_pdbx_modification_feature.modified_residue_label_seq_id 
_pdbx_modification_feature.modified_residue_label_alt_id 
_pdbx_modification_feature.auth_comp_id 
_pdbx_modification_feature.auth_asym_id 
_pdbx_modification_feature.auth_seq_id 
_pdbx_modification_feature.PDB_ins_code 
_pdbx_modification_feature.symmetry 
_pdbx_modification_feature.modified_residue_auth_comp_id 
_pdbx_modification_feature.modified_residue_auth_asym_id 
_pdbx_modification_feature.modified_residue_auth_seq_id 
_pdbx_modification_feature.modified_residue_PDB_ins_code 
_pdbx_modification_feature.modified_residue_symmetry 
_pdbx_modification_feature.comp_id_linking_atom 
_pdbx_modification_feature.modified_residue_id_linking_atom 
_pdbx_modification_feature.modified_residue_id 
_pdbx_modification_feature.ref_pcm_id 
_pdbx_modification_feature.ref_comp_id 
_pdbx_modification_feature.type 
_pdbx_modification_feature.category 
1 HEM B . ? CYS A 30  ? HEM A 201 ? 1_555 CYS A 30  ? 1_555 CAB SG CYS 2 HEM None Heme/heme-like 
2 HEM B . ? CYS A 33  ? HEM A 201 ? 1_555 CYS A 33  ? 1_555 CAC SG CYS 3 HEM None Heme/heme-like 
3 HEM C . ? CYS A 46  ? HEM A 202 ? 1_555 CYS A 46  ? 1_555 CAB SG CYS 2 HEM None Heme/heme-like 
4 HEM C . ? CYS A 51  ? HEM A 202 ? 1_555 CYS A 51  ? 1_555 CAC SG CYS 3 HEM None Heme/heme-like 
5 HEM D . ? CYS A 79  ? HEM A 203 ? 1_555 CYS A 79  ? 1_555 CAB SG CYS 2 HEM None Heme/heme-like 
6 HEM D . ? CYS A 82  ? HEM A 203 ? 1_555 CYS A 82  ? 1_555 CAC SG CYS 3 HEM None Heme/heme-like 
7 HEM E . ? CYS A 100 ? HEM A 204 ? 1_555 CYS A 100 ? 1_555 CAB SG CYS 2 HEM None Heme/heme-like 
8 HEM E . ? CYS A 105 ? HEM A 204 ? 1_555 CYS A 105 ? 1_555 CAC SG CYS 3 HEM None Heme/heme-like 
# 
_struct_sheet.id               A 
_struct_sheet.type             ? 
_struct_sheet.number_strands   2 
_struct_sheet.details          ? 
# 
_struct_sheet_order.sheet_id     A 
_struct_sheet_order.range_id_1   1 
_struct_sheet_order.range_id_2   2 
_struct_sheet_order.offset       ? 
_struct_sheet_order.sense        anti-parallel 
# 
loop_
_struct_sheet_range.sheet_id 
_struct_sheet_range.id 
_struct_sheet_range.beg_label_comp_id 
_struct_sheet_range.beg_label_asym_id 
_struct_sheet_range.beg_label_seq_id 
_struct_sheet_range.pdbx_beg_PDB_ins_code 
_struct_sheet_range.end_label_comp_id 
_struct_sheet_range.end_label_asym_id 
_struct_sheet_range.end_label_seq_id 
_struct_sheet_range.pdbx_end_PDB_ins_code 
_struct_sheet_range.beg_auth_comp_id 
_struct_sheet_range.beg_auth_asym_id 
_struct_sheet_range.beg_auth_seq_id 
_struct_sheet_range.end_auth_comp_id 
_struct_sheet_range.end_auth_asym_id 
_struct_sheet_range.end_auth_seq_id 
A 1 VAL A 9  ? LYS A 12 ? VAL A 9  LYS A 12 
A 2 THR A 17 ? PHE A 20 ? THR A 17 PHE A 20 
# 
_pdbx_struct_sheet_hbond.sheet_id                A 
_pdbx_struct_sheet_hbond.range_id_1              1 
_pdbx_struct_sheet_hbond.range_id_2              2 
_pdbx_struct_sheet_hbond.range_1_label_atom_id   O 
_pdbx_struct_sheet_hbond.range_1_label_comp_id   VAL 
_pdbx_struct_sheet_hbond.range_1_label_asym_id   A 
_pdbx_struct_sheet_hbond.range_1_label_seq_id    9 
_pdbx_struct_sheet_hbond.range_1_PDB_ins_code    ? 
_pdbx_struct_sheet_hbond.range_1_auth_atom_id    O 
_pdbx_struct_sheet_hbond.range_1_auth_comp_id    VAL 
_pdbx_struct_sheet_hbond.range_1_auth_asym_id    A 
_pdbx_struct_sheet_hbond.range_1_auth_seq_id     9 
_pdbx_struct_sheet_hbond.range_2_label_atom_id   N 
_pdbx_struct_sheet_hbond.range_2_label_comp_id   PHE 
_pdbx_struct_sheet_hbond.range_2_label_asym_id   A 
_pdbx_struct_sheet_hbond.range_2_label_seq_id    20 
_pdbx_struct_sheet_hbond.range_2_PDB_ins_code    ? 
_pdbx_struct_sheet_hbond.range_2_auth_atom_id    N 
_pdbx_struct_sheet_hbond.range_2_auth_comp_id    PHE 
_pdbx_struct_sheet_hbond.range_2_auth_asym_id    A 
_pdbx_struct_sheet_hbond.range_2_auth_seq_id     20 
# 
loop_
_struct_site.id 
_struct_site.pdbx_evidence_code 
_struct_site.pdbx_auth_asym_id 
_struct_site.pdbx_auth_comp_id 
_struct_site.pdbx_auth_seq_id 
_struct_site.pdbx_auth_ins_code 
_struct_site.pdbx_num_residues 
_struct_site.details 
AC1 Software A HEM 201 ? 16 'BINDING SITE FOR RESIDUE HEM A 201' 
AC2 Software A HEM 202 ? 11 'BINDING SITE FOR RESIDUE HEM A 202' 
AC3 Software A HEM 203 ? 12 'BINDING SITE FOR RESIDUE HEM A 203' 
AC4 Software A HEM 204 ? 17 'BINDING SITE FOR RESIDUE HEM A 204' 
# 
loop_
_struct_site_gen.id 
_struct_site_gen.site_id 
_struct_site_gen.pdbx_num_res 
_struct_site_gen.label_comp_id 
_struct_site_gen.label_asym_id 
_struct_site_gen.label_seq_id 
_struct_site_gen.pdbx_auth_ins_code 
_struct_site_gen.auth_comp_id 
_struct_site_gen.auth_asym_id 
_struct_site_gen.auth_seq_id 
_struct_site_gen.label_atom_id 
_struct_site_gen.label_alt_id 
_struct_site_gen.symmetry 
_struct_site_gen.details 
1  AC1 16 PRO A 2   ? PRO A 2   . ? 1_555 ? 
2  AC1 16 PRO A 5   ? PRO A 5   . ? 1_555 ? 
3  AC1 16 GLU A 10  ? GLU A 10  . ? 1_555 ? 
4  AC1 16 PHE A 20  ? PHE A 20  . ? 1_555 ? 
5  AC1 16 HIS A 22  ? HIS A 22  . ? 1_555 ? 
6  AC1 16 VAL A 28  ? VAL A 28  . ? 1_555 ? 
7  AC1 16 CYS A 30  ? CYS A 30  . ? 1_555 ? 
8  AC1 16 CYS A 33  ? CYS A 33  . ? 1_555 ? 
9  AC1 16 HIS A 34  ? HIS A 34  . ? 1_555 ? 
10 AC1 16 TYR A 43  ? TYR A 43  . ? 1_555 ? 
11 AC1 16 LYS A 45  ? LYS A 45  . ? 1_555 ? 
12 AC1 16 CYS A 46  ? CYS A 46  . ? 1_555 ? 
13 AC1 16 HEM D .   ? HEM A 203 . ? 1_555 ? 
14 AC1 16 HOH F .   ? HOH A 228 . ? 1_555 ? 
15 AC1 16 HOH F .   ? HOH A 254 . ? 1_555 ? 
16 AC1 16 HOH F .   ? HOH A 255 . ? 1_555 ? 
17 AC2 11 CYS A 33  ? CYS A 33  . ? 1_555 ? 
18 AC2 11 HIS A 35  ? HIS A 35  . ? 1_555 ? 
19 AC2 11 VAL A 37  ? VAL A 37  . ? 1_555 ? 
20 AC2 11 ALA A 44  ? ALA A 44  . ? 1_555 ? 
21 AC2 11 CYS A 46  ? CYS A 46  . ? 1_555 ? 
22 AC2 11 CYS A 51  ? CYS A 51  . ? 1_555 ? 
23 AC2 11 HIS A 52  ? HIS A 52  . ? 1_555 ? 
24 AC2 11 GLU A 61  ? GLU A 61  . ? 1_555 ? 
25 AC2 11 LEU A 74  ? LEU A 74  . ? 1_555 ? 
26 AC2 11 LYS A 75  ? LYS A 75  . ? 1_555 ? 
27 AC2 11 HIS A 76  ? HIS A 76  . ? 1_555 ? 
28 AC3 12 PRO A 24  ? PRO A 24  . ? 1_555 ? 
29 AC3 12 HIS A 25  ? HIS A 25  . ? 1_555 ? 
30 AC3 12 CYS A 79  ? CYS A 79  . ? 1_555 ? 
31 AC3 12 CYS A 82  ? CYS A 82  . ? 1_555 ? 
32 AC3 12 HIS A 83  ? HIS A 83  . ? 1_555 ? 
33 AC3 12 GLU A 89  ? GLU A 89  . ? 6_655 ? 
34 AC3 12 LYS A 90  ? LYS A 90  . ? 1_555 ? 
35 AC3 12 LEU A 93  ? LEU A 93  . ? 1_555 ? 
36 AC3 12 LYS A 104 ? LYS A 104 . ? 1_555 ? 
37 AC3 12 HEM B .   ? HEM A 201 . ? 1_555 ? 
38 AC3 12 HOH F .   ? HOH A 230 . ? 6_655 ? 
39 AC3 12 HOH F .   ? HOH A 275 . ? 1_555 ? 
40 AC4 17 GLY A 13  ? GLY A 13  . ? 1_555 ? 
41 AC4 17 SER A 14  ? SER A 14  . ? 1_555 ? 
42 AC4 17 GLN A 15  ? GLN A 15  . ? 1_555 ? 
43 AC4 17 LYS A 16  ? LYS A 16  . ? 1_555 ? 
44 AC4 17 VAL A 18  ? VAL A 18  . ? 1_555 ? 
45 AC4 17 ASP A 38  ? ASP A 38  . ? 9_655 ? 
46 AC4 17 LEU A 55  ? LEU A 55  . ? 1_555 ? 
47 AC4 17 TYR A 65  ? TYR A 65  . ? 1_555 ? 
48 AC4 17 VAL A 68  ? VAL A 68  . ? 1_555 ? 
49 AC4 17 HIS A 69  ? HIS A 69  . ? 1_555 ? 
50 AC4 17 LEU A 97  ? LEU A 97  . ? 1_555 ? 
51 AC4 17 GLY A 99  ? GLY A 99  . ? 1_555 ? 
52 AC4 17 CYS A 100 ? CYS A 100 . ? 1_555 ? 
53 AC4 17 CYS A 105 ? CYS A 105 . ? 1_555 ? 
54 AC4 17 HIS A 106 ? HIS A 106 . ? 1_555 ? 
55 AC4 17 HOH F .   ? HOH A 209 . ? 1_555 ? 
56 AC4 17 HOH F .   ? HOH A 270 . ? 1_555 ? 
# 
_pdbx_entry_details.entry_id                   3CYR 
_pdbx_entry_details.compound_details           ? 
_pdbx_entry_details.source_details             ? 
_pdbx_entry_details.nonpolymer_details         ? 
_pdbx_entry_details.sequence_details           ? 
_pdbx_entry_details.has_ligand_of_interest     ? 
_pdbx_entry_details.has_protein_modification   Y 
# 
_pdbx_validate_symm_contact.id                1 
_pdbx_validate_symm_contact.PDB_model_num     1 
_pdbx_validate_symm_contact.auth_atom_id_1    NZ 
_pdbx_validate_symm_contact.auth_asym_id_1    A 
_pdbx_validate_symm_contact.auth_comp_id_1    LYS 
_pdbx_validate_symm_contact.auth_seq_id_1     16 
_pdbx_validate_symm_contact.PDB_ins_code_1    ? 
_pdbx_validate_symm_contact.label_alt_id_1    ? 
_pdbx_validate_symm_contact.site_symmetry_1   1_555 
_pdbx_validate_symm_contact.auth_atom_id_2    NZ 
_pdbx_validate_symm_contact.auth_asym_id_2    A 
_pdbx_validate_symm_contact.auth_comp_id_2    LYS 
_pdbx_validate_symm_contact.auth_seq_id_2     75 
_pdbx_validate_symm_contact.PDB_ins_code_2    ? 
_pdbx_validate_symm_contact.label_alt_id_2    ? 
_pdbx_validate_symm_contact.site_symmetry_2   9_655 
_pdbx_validate_symm_contact.dist              2.10 
# 
_pdbx_validate_torsion.id              1 
_pdbx_validate_torsion.PDB_model_num   1 
_pdbx_validate_torsion.auth_comp_id    CYS 
_pdbx_validate_torsion.auth_asym_id    A 
_pdbx_validate_torsion.auth_seq_id     51 
_pdbx_validate_torsion.PDB_ins_code    ? 
_pdbx_validate_torsion.label_alt_id    ? 
_pdbx_validate_torsion.phi             -111.81 
_pdbx_validate_torsion.psi             -120.54 
# 
_pdbx_struct_special_symmetry.id              1 
_pdbx_struct_special_symmetry.PDB_model_num   1 
_pdbx_struct_special_symmetry.auth_asym_id    A 
_pdbx_struct_special_symmetry.auth_comp_id    HOH 
_pdbx_struct_special_symmetry.auth_seq_id     216 
_pdbx_struct_special_symmetry.PDB_ins_code    ? 
_pdbx_struct_special_symmetry.label_asym_id   F 
_pdbx_struct_special_symmetry.label_comp_id   HOH 
_pdbx_struct_special_symmetry.label_seq_id    . 
# 
loop_
_chem_comp_atom.comp_id 
_chem_comp_atom.atom_id 
_chem_comp_atom.type_symbol 
_chem_comp_atom.pdbx_aromatic_flag 
_chem_comp_atom.pdbx_stereo_config 
_chem_comp_atom.pdbx_ordinal 
ALA N    N  N N 1   
ALA CA   C  N S 2   
ALA C    C  N N 3   
ALA O    O  N N 4   
ALA CB   C  N N 5   
ALA OXT  O  N N 6   
ALA H    H  N N 7   
ALA H2   H  N N 8   
ALA HA   H  N N 9   
ALA HB1  H  N N 10  
ALA HB2  H  N N 11  
ALA HB3  H  N N 12  
ALA HXT  H  N N 13  
ASN N    N  N N 14  
ASN CA   C  N S 15  
ASN C    C  N N 16  
ASN O    O  N N 17  
ASN CB   C  N N 18  
ASN CG   C  N N 19  
ASN OD1  O  N N 20  
ASN ND2  N  N N 21  
ASN OXT  O  N N 22  
ASN H    H  N N 23  
ASN H2   H  N N 24  
ASN HA   H  N N 25  
ASN HB2  H  N N 26  
ASN HB3  H  N N 27  
ASN HD21 H  N N 28  
ASN HD22 H  N N 29  
ASN HXT  H  N N 30  
ASP N    N  N N 31  
ASP CA   C  N S 32  
ASP C    C  N N 33  
ASP O    O  N N 34  
ASP CB   C  N N 35  
ASP CG   C  N N 36  
ASP OD1  O  N N 37  
ASP OD2  O  N N 38  
ASP OXT  O  N N 39  
ASP H    H  N N 40  
ASP H2   H  N N 41  
ASP HA   H  N N 42  
ASP HB2  H  N N 43  
ASP HB3  H  N N 44  
ASP HD2  H  N N 45  
ASP HXT  H  N N 46  
CYS N    N  N N 47  
CYS CA   C  N R 48  
CYS C    C  N N 49  
CYS O    O  N N 50  
CYS CB   C  N N 51  
CYS SG   S  N N 52  
CYS OXT  O  N N 53  
CYS H    H  N N 54  
CYS H2   H  N N 55  
CYS HA   H  N N 56  
CYS HB2  H  N N 57  
CYS HB3  H  N N 58  
CYS HG   H  N N 59  
CYS HXT  H  N N 60  
GLN N    N  N N 61  
GLN CA   C  N S 62  
GLN C    C  N N 63  
GLN O    O  N N 64  
GLN CB   C  N N 65  
GLN CG   C  N N 66  
GLN CD   C  N N 67  
GLN OE1  O  N N 68  
GLN NE2  N  N N 69  
GLN OXT  O  N N 70  
GLN H    H  N N 71  
GLN H2   H  N N 72  
GLN HA   H  N N 73  
GLN HB2  H  N N 74  
GLN HB3  H  N N 75  
GLN HG2  H  N N 76  
GLN HG3  H  N N 77  
GLN HE21 H  N N 78  
GLN HE22 H  N N 79  
GLN HXT  H  N N 80  
GLU N    N  N N 81  
GLU CA   C  N S 82  
GLU C    C  N N 83  
GLU O    O  N N 84  
GLU CB   C  N N 85  
GLU CG   C  N N 86  
GLU CD   C  N N 87  
GLU OE1  O  N N 88  
GLU OE2  O  N N 89  
GLU OXT  O  N N 90  
GLU H    H  N N 91  
GLU H2   H  N N 92  
GLU HA   H  N N 93  
GLU HB2  H  N N 94  
GLU HB3  H  N N 95  
GLU HG2  H  N N 96  
GLU HG3  H  N N 97  
GLU HE2  H  N N 98  
GLU HXT  H  N N 99  
GLY N    N  N N 100 
GLY CA   C  N N 101 
GLY C    C  N N 102 
GLY O    O  N N 103 
GLY OXT  O  N N 104 
GLY H    H  N N 105 
GLY H2   H  N N 106 
GLY HA2  H  N N 107 
GLY HA3  H  N N 108 
GLY HXT  H  N N 109 
HEM CHA  C  N N 110 
HEM CHB  C  N N 111 
HEM CHC  C  N N 112 
HEM CHD  C  N N 113 
HEM C1A  C  Y N 114 
HEM C2A  C  Y N 115 
HEM C3A  C  Y N 116 
HEM C4A  C  Y N 117 
HEM CMA  C  N N 118 
HEM CAA  C  N N 119 
HEM CBA  C  N N 120 
HEM CGA  C  N N 121 
HEM O1A  O  N N 122 
HEM O2A  O  N N 123 
HEM C1B  C  N N 124 
HEM C2B  C  N N 125 
HEM C3B  C  N N 126 
HEM C4B  C  N N 127 
HEM CMB  C  N N 128 
HEM CAB  C  N N 129 
HEM CBB  C  N N 130 
HEM C1C  C  Y N 131 
HEM C2C  C  Y N 132 
HEM C3C  C  Y N 133 
HEM C4C  C  Y N 134 
HEM CMC  C  N N 135 
HEM CAC  C  N N 136 
HEM CBC  C  N N 137 
HEM C1D  C  N N 138 
HEM C2D  C  N N 139 
HEM C3D  C  N N 140 
HEM C4D  C  N N 141 
HEM CMD  C  N N 142 
HEM CAD  C  N N 143 
HEM CBD  C  N N 144 
HEM CGD  C  N N 145 
HEM O1D  O  N N 146 
HEM O2D  O  N N 147 
HEM NA   N  Y N 148 
HEM NB   N  N N 149 
HEM NC   N  Y N 150 
HEM ND   N  N N 151 
HEM FE   FE N N 152 
HEM HHB  H  N N 153 
HEM HHC  H  N N 154 
HEM HHD  H  N N 155 
HEM HMA  H  N N 156 
HEM HMAA H  N N 157 
HEM HMAB H  N N 158 
HEM HAA  H  N N 159 
HEM HAAA H  N N 160 
HEM HBA  H  N N 161 
HEM HBAA H  N N 162 
HEM HMB  H  N N 163 
HEM HMBA H  N N 164 
HEM HMBB H  N N 165 
HEM HAB  H  N N 166 
HEM HBB  H  N N 167 
HEM HBBA H  N N 168 
HEM HMC  H  N N 169 
HEM HMCA H  N N 170 
HEM HMCB H  N N 171 
HEM HAC  H  N N 172 
HEM HBC  H  N N 173 
HEM HBCA H  N N 174 
HEM HMD  H  N N 175 
HEM HMDA H  N N 176 
HEM HMDB H  N N 177 
HEM HAD  H  N N 178 
HEM HADA H  N N 179 
HEM HBD  H  N N 180 
HEM HBDA H  N N 181 
HEM H2A  H  N N 182 
HEM H2D  H  N N 183 
HEM HHA  H  N N 184 
HIS N    N  N N 185 
HIS CA   C  N S 186 
HIS C    C  N N 187 
HIS O    O  N N 188 
HIS CB   C  N N 189 
HIS CG   C  Y N 190 
HIS ND1  N  Y N 191 
HIS CD2  C  Y N 192 
HIS CE1  C  Y N 193 
HIS NE2  N  Y N 194 
HIS OXT  O  N N 195 
HIS H    H  N N 196 
HIS H2   H  N N 197 
HIS HA   H  N N 198 
HIS HB2  H  N N 199 
HIS HB3  H  N N 200 
HIS HD1  H  N N 201 
HIS HD2  H  N N 202 
HIS HE1  H  N N 203 
HIS HE2  H  N N 204 
HIS HXT  H  N N 205 
HOH O    O  N N 206 
HOH H1   H  N N 207 
HOH H2   H  N N 208 
LEU N    N  N N 209 
LEU CA   C  N S 210 
LEU C    C  N N 211 
LEU O    O  N N 212 
LEU CB   C  N N 213 
LEU CG   C  N N 214 
LEU CD1  C  N N 215 
LEU CD2  C  N N 216 
LEU OXT  O  N N 217 
LEU H    H  N N 218 
LEU H2   H  N N 219 
LEU HA   H  N N 220 
LEU HB2  H  N N 221 
LEU HB3  H  N N 222 
LEU HG   H  N N 223 
LEU HD11 H  N N 224 
LEU HD12 H  N N 225 
LEU HD13 H  N N 226 
LEU HD21 H  N N 227 
LEU HD22 H  N N 228 
LEU HD23 H  N N 229 
LEU HXT  H  N N 230 
LYS N    N  N N 231 
LYS CA   C  N S 232 
LYS C    C  N N 233 
LYS O    O  N N 234 
LYS CB   C  N N 235 
LYS CG   C  N N 236 
LYS CD   C  N N 237 
LYS CE   C  N N 238 
LYS NZ   N  N N 239 
LYS OXT  O  N N 240 
LYS H    H  N N 241 
LYS H2   H  N N 242 
LYS HA   H  N N 243 
LYS HB2  H  N N 244 
LYS HB3  H  N N 245 
LYS HG2  H  N N 246 
LYS HG3  H  N N 247 
LYS HD2  H  N N 248 
LYS HD3  H  N N 249 
LYS HE2  H  N N 250 
LYS HE3  H  N N 251 
LYS HZ1  H  N N 252 
LYS HZ2  H  N N 253 
LYS HZ3  H  N N 254 
LYS HXT  H  N N 255 
MET N    N  N N 256 
MET CA   C  N S 257 
MET C    C  N N 258 
MET O    O  N N 259 
MET CB   C  N N 260 
MET CG   C  N N 261 
MET SD   S  N N 262 
MET CE   C  N N 263 
MET OXT  O  N N 264 
MET H    H  N N 265 
MET H2   H  N N 266 
MET HA   H  N N 267 
MET HB2  H  N N 268 
MET HB3  H  N N 269 
MET HG2  H  N N 270 
MET HG3  H  N N 271 
MET HE1  H  N N 272 
MET HE2  H  N N 273 
MET HE3  H  N N 274 
MET HXT  H  N N 275 
PHE N    N  N N 276 
PHE CA   C  N S 277 
PHE C    C  N N 278 
PHE O    O  N N 279 
PHE CB   C  N N 280 
PHE CG   C  Y N 281 
PHE CD1  C  Y N 282 
PHE CD2  C  Y N 283 
PHE CE1  C  Y N 284 
PHE CE2  C  Y N 285 
PHE CZ   C  Y N 286 
PHE OXT  O  N N 287 
PHE H    H  N N 288 
PHE H2   H  N N 289 
PHE HA   H  N N 290 
PHE HB2  H  N N 291 
PHE HB3  H  N N 292 
PHE HD1  H  N N 293 
PHE HD2  H  N N 294 
PHE HE1  H  N N 295 
PHE HE2  H  N N 296 
PHE HZ   H  N N 297 
PHE HXT  H  N N 298 
PRO N    N  N N 299 
PRO CA   C  N S 300 
PRO C    C  N N 301 
PRO O    O  N N 302 
PRO CB   C  N N 303 
PRO CG   C  N N 304 
PRO CD   C  N N 305 
PRO OXT  O  N N 306 
PRO H    H  N N 307 
PRO HA   H  N N 308 
PRO HB2  H  N N 309 
PRO HB3  H  N N 310 
PRO HG2  H  N N 311 
PRO HG3  H  N N 312 
PRO HD2  H  N N 313 
PRO HD3  H  N N 314 
PRO HXT  H  N N 315 
SER N    N  N N 316 
SER CA   C  N S 317 
SER C    C  N N 318 
SER O    O  N N 319 
SER CB   C  N N 320 
SER OG   O  N N 321 
SER OXT  O  N N 322 
SER H    H  N N 323 
SER H2   H  N N 324 
SER HA   H  N N 325 
SER HB2  H  N N 326 
SER HB3  H  N N 327 
SER HG   H  N N 328 
SER HXT  H  N N 329 
THR N    N  N N 330 
THR CA   C  N S 331 
THR C    C  N N 332 
THR O    O  N N 333 
THR CB   C  N R 334 
THR OG1  O  N N 335 
THR CG2  C  N N 336 
THR OXT  O  N N 337 
THR H    H  N N 338 
THR H2   H  N N 339 
THR HA   H  N N 340 
THR HB   H  N N 341 
THR HG1  H  N N 342 
THR HG21 H  N N 343 
THR HG22 H  N N 344 
THR HG23 H  N N 345 
THR HXT  H  N N 346 
TYR N    N  N N 347 
TYR CA   C  N S 348 
TYR C    C  N N 349 
TYR O    O  N N 350 
TYR CB   C  N N 351 
TYR CG   C  Y N 352 
TYR CD1  C  Y N 353 
TYR CD2  C  Y N 354 
TYR CE1  C  Y N 355 
TYR CE2  C  Y N 356 
TYR CZ   C  Y N 357 
TYR OH   O  N N 358 
TYR OXT  O  N N 359 
TYR H    H  N N 360 
TYR H2   H  N N 361 
TYR HA   H  N N 362 
TYR HB2  H  N N 363 
TYR HB3  H  N N 364 
TYR HD1  H  N N 365 
TYR HD2  H  N N 366 
TYR HE1  H  N N 367 
TYR HE2  H  N N 368 
TYR HH   H  N N 369 
TYR HXT  H  N N 370 
VAL N    N  N N 371 
VAL CA   C  N S 372 
VAL C    C  N N 373 
VAL O    O  N N 374 
VAL CB   C  N N 375 
VAL CG1  C  N N 376 
VAL CG2  C  N N 377 
VAL OXT  O  N N 378 
VAL H    H  N N 379 
VAL H2   H  N N 380 
VAL HA   H  N N 381 
VAL HB   H  N N 382 
VAL HG11 H  N N 383 
VAL HG12 H  N N 384 
VAL HG13 H  N N 385 
VAL HG21 H  N N 386 
VAL HG22 H  N N 387 
VAL HG23 H  N N 388 
VAL HXT  H  N N 389 
# 
loop_
_chem_comp_bond.comp_id 
_chem_comp_bond.atom_id_1 
_chem_comp_bond.atom_id_2 
_chem_comp_bond.value_order 
_chem_comp_bond.pdbx_aromatic_flag 
_chem_comp_bond.pdbx_stereo_config 
_chem_comp_bond.pdbx_ordinal 
ALA N   CA   sing N N 1   
ALA N   H    sing N N 2   
ALA N   H2   sing N N 3   
ALA CA  C    sing N N 4   
ALA CA  CB   sing N N 5   
ALA CA  HA   sing N N 6   
ALA C   O    doub N N 7   
ALA C   OXT  sing N N 8   
ALA CB  HB1  sing N N 9   
ALA CB  HB2  sing N N 10  
ALA CB  HB3  sing N N 11  
ALA OXT HXT  sing N N 12  
ASN N   CA   sing N N 13  
ASN N   H    sing N N 14  
ASN N   H2   sing N N 15  
ASN CA  C    sing N N 16  
ASN CA  CB   sing N N 17  
ASN CA  HA   sing N N 18  
ASN C   O    doub N N 19  
ASN C   OXT  sing N N 20  
ASN CB  CG   sing N N 21  
ASN CB  HB2  sing N N 22  
ASN CB  HB3  sing N N 23  
ASN CG  OD1  doub N N 24  
ASN CG  ND2  sing N N 25  
ASN ND2 HD21 sing N N 26  
ASN ND2 HD22 sing N N 27  
ASN OXT HXT  sing N N 28  
ASP N   CA   sing N N 29  
ASP N   H    sing N N 30  
ASP N   H2   sing N N 31  
ASP CA  C    sing N N 32  
ASP CA  CB   sing N N 33  
ASP CA  HA   sing N N 34  
ASP C   O    doub N N 35  
ASP C   OXT  sing N N 36  
ASP CB  CG   sing N N 37  
ASP CB  HB2  sing N N 38  
ASP CB  HB3  sing N N 39  
ASP CG  OD1  doub N N 40  
ASP CG  OD2  sing N N 41  
ASP OD2 HD2  sing N N 42  
ASP OXT HXT  sing N N 43  
CYS N   CA   sing N N 44  
CYS N   H    sing N N 45  
CYS N   H2   sing N N 46  
CYS CA  C    sing N N 47  
CYS CA  CB   sing N N 48  
CYS CA  HA   sing N N 49  
CYS C   O    doub N N 50  
CYS C   OXT  sing N N 51  
CYS CB  SG   sing N N 52  
CYS CB  HB2  sing N N 53  
CYS CB  HB3  sing N N 54  
CYS SG  HG   sing N N 55  
CYS OXT HXT  sing N N 56  
GLN N   CA   sing N N 57  
GLN N   H    sing N N 58  
GLN N   H2   sing N N 59  
GLN CA  C    sing N N 60  
GLN CA  CB   sing N N 61  
GLN CA  HA   sing N N 62  
GLN C   O    doub N N 63  
GLN C   OXT  sing N N 64  
GLN CB  CG   sing N N 65  
GLN CB  HB2  sing N N 66  
GLN CB  HB3  sing N N 67  
GLN CG  CD   sing N N 68  
GLN CG  HG2  sing N N 69  
GLN CG  HG3  sing N N 70  
GLN CD  OE1  doub N N 71  
GLN CD  NE2  sing N N 72  
GLN NE2 HE21 sing N N 73  
GLN NE2 HE22 sing N N 74  
GLN OXT HXT  sing N N 75  
GLU N   CA   sing N N 76  
GLU N   H    sing N N 77  
GLU N   H2   sing N N 78  
GLU CA  C    sing N N 79  
GLU CA  CB   sing N N 80  
GLU CA  HA   sing N N 81  
GLU C   O    doub N N 82  
GLU C   OXT  sing N N 83  
GLU CB  CG   sing N N 84  
GLU CB  HB2  sing N N 85  
GLU CB  HB3  sing N N 86  
GLU CG  CD   sing N N 87  
GLU CG  HG2  sing N N 88  
GLU CG  HG3  sing N N 89  
GLU CD  OE1  doub N N 90  
GLU CD  OE2  sing N N 91  
GLU OE2 HE2  sing N N 92  
GLU OXT HXT  sing N N 93  
GLY N   CA   sing N N 94  
GLY N   H    sing N N 95  
GLY N   H2   sing N N 96  
GLY CA  C    sing N N 97  
GLY CA  HA2  sing N N 98  
GLY CA  HA3  sing N N 99  
GLY C   O    doub N N 100 
GLY C   OXT  sing N N 101 
GLY OXT HXT  sing N N 102 
HEM CHA C1A  sing N N 103 
HEM CHA C4D  doub N N 104 
HEM CHA HHA  sing N N 105 
HEM CHB C4A  sing N N 106 
HEM CHB C1B  doub N N 107 
HEM CHB HHB  sing N N 108 
HEM CHC C4B  sing N N 109 
HEM CHC C1C  doub N N 110 
HEM CHC HHC  sing N N 111 
HEM CHD C4C  doub N N 112 
HEM CHD C1D  sing N N 113 
HEM CHD HHD  sing N N 114 
HEM C1A C2A  doub Y N 115 
HEM C1A NA   sing Y N 116 
HEM C2A C3A  sing Y N 117 
HEM C2A CAA  sing N N 118 
HEM C3A C4A  doub Y N 119 
HEM C3A CMA  sing N N 120 
HEM C4A NA   sing Y N 121 
HEM CMA HMA  sing N N 122 
HEM CMA HMAA sing N N 123 
HEM CMA HMAB sing N N 124 
HEM CAA CBA  sing N N 125 
HEM CAA HAA  sing N N 126 
HEM CAA HAAA sing N N 127 
HEM CBA CGA  sing N N 128 
HEM CBA HBA  sing N N 129 
HEM CBA HBAA sing N N 130 
HEM CGA O1A  doub N N 131 
HEM CGA O2A  sing N N 132 
HEM C1B C2B  sing N N 133 
HEM C1B NB   sing N N 134 
HEM C2B C3B  doub N N 135 
HEM C2B CMB  sing N N 136 
HEM C3B C4B  sing N N 137 
HEM C3B CAB  sing N N 138 
HEM C4B NB   doub N N 139 
HEM CMB HMB  sing N N 140 
HEM CMB HMBA sing N N 141 
HEM CMB HMBB sing N N 142 
HEM CAB CBB  doub N N 143 
HEM CAB HAB  sing N N 144 
HEM CBB HBB  sing N N 145 
HEM CBB HBBA sing N N 146 
HEM C1C C2C  sing Y N 147 
HEM C1C NC   sing Y N 148 
HEM C2C C3C  doub Y N 149 
HEM C2C CMC  sing N N 150 
HEM C3C C4C  sing Y N 151 
HEM C3C CAC  sing N N 152 
HEM C4C NC   sing Y N 153 
HEM CMC HMC  sing N N 154 
HEM CMC HMCA sing N N 155 
HEM CMC HMCB sing N N 156 
HEM CAC CBC  doub N N 157 
HEM CAC HAC  sing N N 158 
HEM CBC HBC  sing N N 159 
HEM CBC HBCA sing N N 160 
HEM C1D C2D  sing N N 161 
HEM C1D ND   doub N N 162 
HEM C2D C3D  doub N N 163 
HEM C2D CMD  sing N N 164 
HEM C3D C4D  sing N N 165 
HEM C3D CAD  sing N N 166 
HEM C4D ND   sing N N 167 
HEM CMD HMD  sing N N 168 
HEM CMD HMDA sing N N 169 
HEM CMD HMDB sing N N 170 
HEM CAD CBD  sing N N 171 
HEM CAD HAD  sing N N 172 
HEM CAD HADA sing N N 173 
HEM CBD CGD  sing N N 174 
HEM CBD HBD  sing N N 175 
HEM CBD HBDA sing N N 176 
HEM CGD O1D  doub N N 177 
HEM CGD O2D  sing N N 178 
HEM O2A H2A  sing N N 179 
HEM O2D H2D  sing N N 180 
HEM FE  NA   sing N N 181 
HEM FE  NB   sing N N 182 
HEM FE  NC   sing N N 183 
HEM FE  ND   sing N N 184 
HIS N   CA   sing N N 185 
HIS N   H    sing N N 186 
HIS N   H2   sing N N 187 
HIS CA  C    sing N N 188 
HIS CA  CB   sing N N 189 
HIS CA  HA   sing N N 190 
HIS C   O    doub N N 191 
HIS C   OXT  sing N N 192 
HIS CB  CG   sing N N 193 
HIS CB  HB2  sing N N 194 
HIS CB  HB3  sing N N 195 
HIS CG  ND1  sing Y N 196 
HIS CG  CD2  doub Y N 197 
HIS ND1 CE1  doub Y N 198 
HIS ND1 HD1  sing N N 199 
HIS CD2 NE2  sing Y N 200 
HIS CD2 HD2  sing N N 201 
HIS CE1 NE2  sing Y N 202 
HIS CE1 HE1  sing N N 203 
HIS NE2 HE2  sing N N 204 
HIS OXT HXT  sing N N 205 
HOH O   H1   sing N N 206 
HOH O   H2   sing N N 207 
LEU N   CA   sing N N 208 
LEU N   H    sing N N 209 
LEU N   H2   sing N N 210 
LEU CA  C    sing N N 211 
LEU CA  CB   sing N N 212 
LEU CA  HA   sing N N 213 
LEU C   O    doub N N 214 
LEU C   OXT  sing N N 215 
LEU CB  CG   sing N N 216 
LEU CB  HB2  sing N N 217 
LEU CB  HB3  sing N N 218 
LEU CG  CD1  sing N N 219 
LEU CG  CD2  sing N N 220 
LEU CG  HG   sing N N 221 
LEU CD1 HD11 sing N N 222 
LEU CD1 HD12 sing N N 223 
LEU CD1 HD13 sing N N 224 
LEU CD2 HD21 sing N N 225 
LEU CD2 HD22 sing N N 226 
LEU CD2 HD23 sing N N 227 
LEU OXT HXT  sing N N 228 
LYS N   CA   sing N N 229 
LYS N   H    sing N N 230 
LYS N   H2   sing N N 231 
LYS CA  C    sing N N 232 
LYS CA  CB   sing N N 233 
LYS CA  HA   sing N N 234 
LYS C   O    doub N N 235 
LYS C   OXT  sing N N 236 
LYS CB  CG   sing N N 237 
LYS CB  HB2  sing N N 238 
LYS CB  HB3  sing N N 239 
LYS CG  CD   sing N N 240 
LYS CG  HG2  sing N N 241 
LYS CG  HG3  sing N N 242 
LYS CD  CE   sing N N 243 
LYS CD  HD2  sing N N 244 
LYS CD  HD3  sing N N 245 
LYS CE  NZ   sing N N 246 
LYS CE  HE2  sing N N 247 
LYS CE  HE3  sing N N 248 
LYS NZ  HZ1  sing N N 249 
LYS NZ  HZ2  sing N N 250 
LYS NZ  HZ3  sing N N 251 
LYS OXT HXT  sing N N 252 
MET N   CA   sing N N 253 
MET N   H    sing N N 254 
MET N   H2   sing N N 255 
MET CA  C    sing N N 256 
MET CA  CB   sing N N 257 
MET CA  HA   sing N N 258 
MET C   O    doub N N 259 
MET C   OXT  sing N N 260 
MET CB  CG   sing N N 261 
MET CB  HB2  sing N N 262 
MET CB  HB3  sing N N 263 
MET CG  SD   sing N N 264 
MET CG  HG2  sing N N 265 
MET CG  HG3  sing N N 266 
MET SD  CE   sing N N 267 
MET CE  HE1  sing N N 268 
MET CE  HE2  sing N N 269 
MET CE  HE3  sing N N 270 
MET OXT HXT  sing N N 271 
PHE N   CA   sing N N 272 
PHE N   H    sing N N 273 
PHE N   H2   sing N N 274 
PHE CA  C    sing N N 275 
PHE CA  CB   sing N N 276 
PHE CA  HA   sing N N 277 
PHE C   O    doub N N 278 
PHE C   OXT  sing N N 279 
PHE CB  CG   sing N N 280 
PHE CB  HB2  sing N N 281 
PHE CB  HB3  sing N N 282 
PHE CG  CD1  doub Y N 283 
PHE CG  CD2  sing Y N 284 
PHE CD1 CE1  sing Y N 285 
PHE CD1 HD1  sing N N 286 
PHE CD2 CE2  doub Y N 287 
PHE CD2 HD2  sing N N 288 
PHE CE1 CZ   doub Y N 289 
PHE CE1 HE1  sing N N 290 
PHE CE2 CZ   sing Y N 291 
PHE CE2 HE2  sing N N 292 
PHE CZ  HZ   sing N N 293 
PHE OXT HXT  sing N N 294 
PRO N   CA   sing N N 295 
PRO N   CD   sing N N 296 
PRO N   H    sing N N 297 
PRO CA  C    sing N N 298 
PRO CA  CB   sing N N 299 
PRO CA  HA   sing N N 300 
PRO C   O    doub N N 301 
PRO C   OXT  sing N N 302 
PRO CB  CG   sing N N 303 
PRO CB  HB2  sing N N 304 
PRO CB  HB3  sing N N 305 
PRO CG  CD   sing N N 306 
PRO CG  HG2  sing N N 307 
PRO CG  HG3  sing N N 308 
PRO CD  HD2  sing N N 309 
PRO CD  HD3  sing N N 310 
PRO OXT HXT  sing N N 311 
SER N   CA   sing N N 312 
SER N   H    sing N N 313 
SER N   H2   sing N N 314 
SER CA  C    sing N N 315 
SER CA  CB   sing N N 316 
SER CA  HA   sing N N 317 
SER C   O    doub N N 318 
SER C   OXT  sing N N 319 
SER CB  OG   sing N N 320 
SER CB  HB2  sing N N 321 
SER CB  HB3  sing N N 322 
SER OG  HG   sing N N 323 
SER OXT HXT  sing N N 324 
THR N   CA   sing N N 325 
THR N   H    sing N N 326 
THR N   H2   sing N N 327 
THR CA  C    sing N N 328 
THR CA  CB   sing N N 329 
THR CA  HA   sing N N 330 
THR C   O    doub N N 331 
THR C   OXT  sing N N 332 
THR CB  OG1  sing N N 333 
THR CB  CG2  sing N N 334 
THR CB  HB   sing N N 335 
THR OG1 HG1  sing N N 336 
THR CG2 HG21 sing N N 337 
THR CG2 HG22 sing N N 338 
THR CG2 HG23 sing N N 339 
THR OXT HXT  sing N N 340 
TYR N   CA   sing N N 341 
TYR N   H    sing N N 342 
TYR N   H2   sing N N 343 
TYR CA  C    sing N N 344 
TYR CA  CB   sing N N 345 
TYR CA  HA   sing N N 346 
TYR C   O    doub N N 347 
TYR C   OXT  sing N N 348 
TYR CB  CG   sing N N 349 
TYR CB  HB2  sing N N 350 
TYR CB  HB3  sing N N 351 
TYR CG  CD1  doub Y N 352 
TYR CG  CD2  sing Y N 353 
TYR CD1 CE1  sing Y N 354 
TYR CD1 HD1  sing N N 355 
TYR CD2 CE2  doub Y N 356 
TYR CD2 HD2  sing N N 357 
TYR CE1 CZ   doub Y N 358 
TYR CE1 HE1  sing N N 359 
TYR CE2 CZ   sing Y N 360 
TYR CE2 HE2  sing N N 361 
TYR CZ  OH   sing N N 362 
TYR OH  HH   sing N N 363 
TYR OXT HXT  sing N N 364 
VAL N   CA   sing N N 365 
VAL N   H    sing N N 366 
VAL N   H2   sing N N 367 
VAL CA  C    sing N N 368 
VAL CA  CB   sing N N 369 
VAL CA  HA   sing N N 370 
VAL C   O    doub N N 371 
VAL C   OXT  sing N N 372 
VAL CB  CG1  sing N N 373 
VAL CB  CG2  sing N N 374 
VAL CB  HB   sing N N 375 
VAL CG1 HG11 sing N N 376 
VAL CG1 HG12 sing N N 377 
VAL CG1 HG13 sing N N 378 
VAL CG2 HG21 sing N N 379 
VAL CG2 HG22 sing N N 380 
VAL CG2 HG23 sing N N 381 
VAL OXT HXT  sing N N 382 
# 
_pdbx_initial_refinement_model.id               1 
_pdbx_initial_refinement_model.entity_id_list   ? 
_pdbx_initial_refinement_model.type             'experimental model' 
_pdbx_initial_refinement_model.source_name      PDB 
_pdbx_initial_refinement_model.accession_code   2CYR 
_pdbx_initial_refinement_model.details          'PDB ENTRY 2CYR' 
# 
_atom_sites.entry_id                    3CYR 
_atom_sites.fract_transf_matrix[1][1]   -0.00076102 
_atom_sites.fract_transf_matrix[1][2]   -0.00793070 
_atom_sites.fract_transf_matrix[1][3]   0.01660026 
_atom_sites.fract_transf_matrix[2][1]   -0.00657838 
_atom_sites.fract_transf_matrix[2][2]   0.00939989 
_atom_sites.fract_transf_matrix[2][3]   0.01440158 
_atom_sites.fract_transf_matrix[3][1]   -0.00828585 
_atom_sites.fract_transf_matrix[3][2]   -0.00301206 
_atom_sites.fract_transf_matrix[3][3]   -0.00181886 
_atom_sites.fract_transf_vector[1]      0.645106 
_atom_sites.fract_transf_vector[2]      0.859902 
_atom_sites.fract_transf_vector[3]      0.340479 
# 
loop_
_atom_type.symbol 
C  
FE 
N  
O  
S  
# 
loop_
_atom_site.group_PDB 
_atom_site.id 
_atom_site.type_symbol 
_atom_site.label_atom_id 
_atom_site.label_alt_id 
_atom_site.label_comp_id 
_atom_site.label_asym_id 
_atom_site.label_entity_id 
_atom_site.label_seq_id 
_atom_site.pdbx_PDB_ins_code 
_atom_site.Cartn_x 
_atom_site.Cartn_y 
_atom_site.Cartn_z 
_atom_site.occupancy 
_atom_site.B_iso_or_equiv 
_atom_site.pdbx_formal_charge 
_atom_site.auth_seq_id 
_atom_site.auth_comp_id 
_atom_site.auth_asym_id 
_atom_site.auth_atom_id 
_atom_site.pdbx_PDB_model_num 
ATOM   1    N  N   . ALA A 1 1   ? -16.641 4.953   11.374  1.00 53.53 ? 1   ALA A N   1 
ATOM   2    C  CA  . ALA A 1 1   ? -15.912 4.240   10.310  1.00 44.15 ? 1   ALA A CA  1 
ATOM   3    C  C   . ALA A 1 1   ? -16.400 2.798   10.275  1.00 41.52 ? 1   ALA A C   1 
ATOM   4    O  O   . ALA A 1 1   ? -16.982 2.314   11.256  1.00 40.61 ? 1   ALA A O   1 
ATOM   5    C  CB  . ALA A 1 1   ? -14.412 4.255   10.652  1.00 44.12 ? 1   ALA A CB  1 
ATOM   6    N  N   . PRO A 1 2   ? -16.176 2.102   9.158   1.00 36.06 ? 2   PRO A N   1 
ATOM   7    C  CA  . PRO A 1 2   ? -16.577 0.656   9.207   1.00 30.55 ? 2   PRO A CA  1 
ATOM   8    C  C   . PRO A 1 2   ? -15.548 -0.077  10.043  1.00 27.36 ? 2   PRO A C   1 
ATOM   9    O  O   . PRO A 1 2   ? -14.461 0.477   10.338  1.00 30.41 ? 2   PRO A O   1 
ATOM   10   C  CB  . PRO A 1 2   ? -16.567 0.215   7.765   1.00 36.72 ? 2   PRO A CB  1 
ATOM   11   C  CG  . PRO A 1 2   ? -16.497 1.475   6.960   1.00 40.94 ? 2   PRO A CG  1 
ATOM   12   C  CD  . PRO A 1 2   ? -15.639 2.410   7.803   1.00 39.78 ? 2   PRO A CD  1 
ATOM   13   N  N   . ALA A 1 3   ? -15.838 -1.299  10.446  1.00 19.42 ? 3   ALA A N   1 
ATOM   14   C  CA  . ALA A 1 3   ? -14.848 -2.058  11.208  1.00 15.26 ? 3   ALA A CA  1 
ATOM   15   C  C   . ALA A 1 3   ? -13.665 -2.422  10.288  1.00 16.32 ? 3   ALA A C   1 
ATOM   16   O  O   . ALA A 1 3   ? -13.826 -2.743  9.114   1.00 21.35 ? 3   ALA A O   1 
ATOM   17   C  CB  . ALA A 1 3   ? -15.547 -3.422  11.584  1.00 23.51 ? 3   ALA A CB  1 
ATOM   18   N  N   . VAL A 1 4   ? -12.478 -2.422  10.861  1.00 19.19 ? 4   VAL A N   1 
ATOM   19   C  CA  . VAL A 1 4   ? -11.331 -2.846  9.991   1.00 22.08 ? 4   VAL A CA  1 
ATOM   20   C  C   . VAL A 1 4   ? -11.384 -4.353  9.830   1.00 23.38 ? 4   VAL A C   1 
ATOM   21   O  O   . VAL A 1 4   ? -11.813 -5.101  10.716  1.00 21.06 ? 4   VAL A O   1 
ATOM   22   C  CB  . VAL A 1 4   ? -10.033 -2.319  10.540  1.00 28.81 ? 4   VAL A CB  1 
ATOM   23   C  CG1 . VAL A 1 4   ? -9.855  -2.465  12.015  1.00 29.50 ? 4   VAL A CG1 1 
ATOM   24   C  CG2 . VAL A 1 4   ? -8.822  -2.741  9.752   1.00 35.98 ? 4   VAL A CG2 1 
ATOM   25   N  N   . PRO A 1 5   ? -11.030 -4.843  8.623   1.00 22.26 ? 5   PRO A N   1 
ATOM   26   C  CA  . PRO A 1 5   ? -11.015 -6.294  8.387   1.00 20.80 ? 5   PRO A CA  1 
ATOM   27   C  C   . PRO A 1 5   ? -10.021 -6.988  9.302   1.00 20.76 ? 5   PRO A C   1 
ATOM   28   O  O   . PRO A 1 5   ? -8.918  -6.497  9.532   1.00 28.30 ? 5   PRO A O   1 
ATOM   29   C  CB  . PRO A 1 5   ? -10.572 -6.418  6.925   1.00 20.72 ? 5   PRO A CB  1 
ATOM   30   C  CG  . PRO A 1 5   ? -11.000 -5.124  6.315   1.00 20.74 ? 5   PRO A CG  1 
ATOM   31   C  CD  . PRO A 1 5   ? -10.660 -4.088  7.397   1.00 24.29 ? 5   PRO A CD  1 
ATOM   32   N  N   . ASN A 1 6   ? -10.436 -8.146  9.825   1.00 23.81 ? 6   ASN A N   1 
ATOM   33   C  CA  . ASN A 1 6   ? -9.707  -8.957  10.737  1.00 28.71 ? 6   ASN A CA  1 
ATOM   34   C  C   . ASN A 1 6   ? -8.929  -10.108 10.111  1.00 31.46 ? 6   ASN A C   1 
ATOM   35   O  O   . ASN A 1 6   ? -8.277  -10.882 10.833  1.00 37.11 ? 6   ASN A O   1 
ATOM   36   C  CB  . ASN A 1 6   ? -10.600 -9.463  11.879  1.00 32.12 ? 6   ASN A CB  1 
ATOM   37   C  CG  . ASN A 1 6   ? -11.783 -10.272 11.424  1.00 41.71 ? 6   ASN A CG  1 
ATOM   38   O  OD1 . ASN A 1 6   ? -12.006 -10.535 10.237  1.00 48.88 ? 6   ASN A OD1 1 
ATOM   39   N  ND2 . ASN A 1 6   ? -12.610 -10.695 12.396  1.00 47.26 ? 6   ASN A ND2 1 
ATOM   40   N  N   . LYS A 1 7   ? -8.983  -10.255 8.800   1.00 24.83 ? 7   LYS A N   1 
ATOM   41   C  CA  . LYS A 1 7   ? -8.192  -11.264 8.080   1.00 19.07 ? 7   LYS A CA  1 
ATOM   42   C  C   . LYS A 1 7   ? -7.426  -10.508 6.964   1.00 14.03 ? 7   LYS A C   1 
ATOM   43   O  O   . LYS A 1 7   ? -7.911  -9.437  6.551   1.00 19.40 ? 7   LYS A O   1 
ATOM   44   C  CB  . LYS A 1 7   ? -9.131  -12.250 7.343   1.00 24.62 ? 7   LYS A CB  1 
ATOM   45   C  CG  . LYS A 1 7   ? -9.596  -13.406 8.242   1.00 29.93 ? 7   LYS A CG  1 
ATOM   46   C  CD  . LYS A 1 7   ? -11.064 -13.684 7.986   1.00 29.23 ? 7   LYS A CD  1 
ATOM   47   C  CE  . LYS A 1 7   ? -11.541 -14.864 8.825   1.00 31.41 ? 7   LYS A CE  1 
ATOM   48   N  NZ  . LYS A 1 7   ? -12.001 -14.407 10.172  1.00 39.13 ? 7   LYS A NZ  1 
ATOM   49   N  N   . PRO A 1 8   ? -6.348  -11.067 6.487   1.00 13.21 ? 8   PRO A N   1 
ATOM   50   C  CA  . PRO A 1 8   ? -5.660  -10.399 5.341   1.00 15.04 ? 8   PRO A CA  1 
ATOM   51   C  C   . PRO A 1 8   ? -6.618  -10.361 4.145   1.00 16.04 ? 8   PRO A C   1 
ATOM   52   O  O   . PRO A 1 8   ? -7.425  -11.295 3.927   1.00 15.56 ? 8   PRO A O   1 
ATOM   53   C  CB  . PRO A 1 8   ? -4.472  -11.299 5.056   1.00 17.60 ? 8   PRO A CB  1 
ATOM   54   C  CG  . PRO A 1 8   ? -4.203  -11.982 6.403   1.00 20.09 ? 8   PRO A CG  1 
ATOM   55   C  CD  . PRO A 1 8   ? -5.610  -12.239 6.933   1.00 17.29 ? 8   PRO A CD  1 
ATOM   56   N  N   . VAL A 1 9   ? -6.481  -9.299  3.348   1.00 12.31 ? 9   VAL A N   1 
ATOM   57   C  CA  . VAL A 1 9   ? -7.340  -9.092  2.163   1.00 12.92 ? 9   VAL A CA  1 
ATOM   58   C  C   . VAL A 1 9   ? -6.520  -9.022  0.893   1.00 15.76 ? 9   VAL A C   1 
ATOM   59   O  O   . VAL A 1 9   ? -5.346  -8.643  0.926   1.00 15.24 ? 9   VAL A O   1 
ATOM   60   C  CB  . VAL A 1 9   ? -8.198  -7.832  2.308   1.00 15.70 ? 9   VAL A CB  1 
ATOM   61   C  CG1 . VAL A 1 9   ? -9.174  -7.986  3.479   1.00 21.84 ? 9   VAL A CG1 1 
ATOM   62   C  CG2 . VAL A 1 9   ? -7.389  -6.556  2.473   1.00 16.89 ? 9   VAL A CG2 1 
ATOM   63   N  N   . GLU A 1 10  ? -7.149  -9.373  -0.258  1.00 12.94 ? 10  GLU A N   1 
ATOM   64   C  CA  . GLU A 1 10  ? -6.407  -9.337  -1.510  1.00 13.83 ? 10  GLU A CA  1 
ATOM   65   C  C   . GLU A 1 10  ? -6.239  -7.894  -2.046  1.00 14.54 ? 10  GLU A C   1 
ATOM   66   O  O   . GLU A 1 10  ? -7.246  -7.176  -2.123  1.00 18.20 ? 10  GLU A O   1 
ATOM   67   C  CB  . GLU A 1 10  ? -7.248  -10.027 -2.636  1.00 24.87 ? 10  GLU A CB  1 
ATOM   68   C  CG  . GLU A 1 10  ? -8.034  -11.229 -2.224  1.00 29.04 ? 10  GLU A CG  1 
ATOM   69   C  CD  . GLU A 1 10  ? -9.151  -11.550 -3.245  1.00 30.87 ? 10  GLU A CD  1 
ATOM   70   O  OE1 . GLU A 1 10  ? -10.221 -10.874 -3.199  1.00 30.05 ? 10  GLU A OE1 1 
ATOM   71   O  OE2 . GLU A 1 10  ? -8.897  -12.425 -4.064  1.00 20.51 ? 10  GLU A OE2 1 
ATOM   72   N  N   . VAL A 1 11  ? -5.079  -7.639  -2.595  1.00 11.04 ? 11  VAL A N   1 
ATOM   73   C  CA  . VAL A 1 11  ? -4.785  -6.409  -3.367  1.00 9.40  ? 11  VAL A CA  1 
ATOM   74   C  C   . VAL A 1 11  ? -4.376  -6.947  -4.761  1.00 12.96 ? 11  VAL A C   1 
ATOM   75   O  O   . VAL A 1 11  ? -3.294  -7.525  -4.915  1.00 13.47 ? 11  VAL A O   1 
ATOM   76   C  CB  . VAL A 1 11  ? -3.635  -5.608  -2.777  1.00 10.22 ? 11  VAL A CB  1 
ATOM   77   C  CG1 . VAL A 1 11  ? -3.450  -4.264  -3.514  1.00 13.50 ? 11  VAL A CG1 1 
ATOM   78   C  CG2 . VAL A 1 11  ? -4.036  -5.230  -1.298  1.00 16.79 ? 11  VAL A CG2 1 
ATOM   79   N  N   . LYS A 1 12  ? -5.292  -6.865  -5.732  1.00 13.91 ? 12  LYS A N   1 
ATOM   80   C  CA  . LYS A 1 12  ? -4.958  -7.476  -7.036  1.00 18.08 ? 12  LYS A CA  1 
ATOM   81   C  C   . LYS A 1 12  ? -4.380  -6.463  -8.030  1.00 12.97 ? 12  LYS A C   1 
ATOM   82   O  O   . LYS A 1 12  ? -4.948  -5.426  -8.277  1.00 16.79 ? 12  LYS A O   1 
ATOM   83   C  CB  . LYS A 1 12  ? -6.330  -7.929  -7.684  1.00 19.02 ? 12  LYS A CB  1 
ATOM   84   C  CG  . LYS A 1 12  ? -7.026  -8.961  -6.824  1.00 20.50 ? 12  LYS A CG  1 
ATOM   85   C  CD  . LYS A 1 12  ? -8.360  -9.397  -7.495  1.00 23.88 ? 12  LYS A CD  1 
ATOM   86   C  CE  . LYS A 1 12  ? -8.899  -10.620 -6.753  1.00 21.86 ? 12  LYS A CE  1 
ATOM   87   N  NZ  . LYS A 1 12  ? -10.014 -11.260 -7.586  1.00 28.93 ? 12  LYS A NZ  1 
ATOM   88   N  N   . GLY A 1 13  ? -3.320  -6.927  -8.713  1.00 11.77 ? 13  GLY A N   1 
ATOM   89   C  CA  . GLY A 1 13  ? -2.814  -6.206  -9.867  1.00 13.76 ? 13  GLY A CA  1 
ATOM   90   C  C   . GLY A 1 13  ? -3.282  -6.935  -11.152 1.00 18.20 ? 13  GLY A C   1 
ATOM   91   O  O   . GLY A 1 13  ? -4.180  -7.744  -11.041 1.00 20.28 ? 13  GLY A O   1 
ATOM   92   N  N   . SER A 1 14  ? -2.623  -6.640  -12.268 1.00 17.55 ? 14  SER A N   1 
ATOM   93   C  CA  . SER A 1 14  ? -3.054  -7.317  -13.546 1.00 16.75 ? 14  SER A CA  1 
ATOM   94   C  C   . SER A 1 14  ? -2.609  -8.748  -13.574 1.00 22.19 ? 14  SER A C   1 
ATOM   95   O  O   . SER A 1 14  ? -3.287  -9.577  -14.238 1.00 24.70 ? 14  SER A O   1 
ATOM   96   C  CB  . SER A 1 14  ? -2.497  -6.523  -14.715 1.00 17.40 ? 14  SER A CB  1 
ATOM   97   O  OG  . SER A 1 14  ? -1.085  -6.628  -14.791 1.00 20.75 ? 14  SER A OG  1 
ATOM   98   N  N   . GLN A 1 15  ? -1.498  -9.088  -12.943 1.00 22.33 ? 15  GLN A N   1 
ATOM   99   C  CA  . GLN A 1 15  ? -0.931  -10.400 -12.906 1.00 25.97 ? 15  GLN A CA  1 
ATOM   100  C  C   . GLN A 1 15  ? -0.707  -11.022 -11.555 1.00 27.45 ? 15  GLN A C   1 
ATOM   101  O  O   . GLN A 1 15  ? -0.728  -12.273 -11.458 1.00 32.24 ? 15  GLN A O   1 
ATOM   102  C  CB  . GLN A 1 15  ? 0.425   -10.424 -13.673 1.00 32.63 ? 15  GLN A CB  1 
ATOM   103  C  CG  . GLN A 1 15  ? 0.224   -10.056 -15.156 0.00 40.66 ? 15  GLN A CG  1 
ATOM   104  C  CD  . GLN A 1 15  ? 1.322   -10.666 -16.030 1.00 41.61 ? 15  GLN A CD  1 
ATOM   105  O  OE1 . GLN A 1 15  ? 2.391   -10.084 -16.177 0.00 41.61 ? 15  GLN A OE1 1 
ATOM   106  N  NE2 . GLN A 1 15  ? 1.036   -11.827 -16.594 0.00 41.61 ? 15  GLN A NE2 1 
ATOM   107  N  N   . LYS A 1 16  ? -0.298  -10.254 -10.537 1.00 19.55 ? 16  LYS A N   1 
ATOM   108  C  CA  . LYS A 1 16  ? -0.037  -10.884 -9.219  1.00 18.07 ? 16  LYS A CA  1 
ATOM   109  C  C   . LYS A 1 16  ? -1.076  -10.344 -8.205  1.00 17.47 ? 16  LYS A C   1 
ATOM   110  O  O   . LYS A 1 16  ? -1.657  -9.299  -8.399  1.00 18.41 ? 16  LYS A O   1 
ATOM   111  C  CB  . LYS A 1 16  ? 1.344   -10.459 -8.695  1.00 20.39 ? 16  LYS A CB  1 
ATOM   112  C  CG  . LYS A 1 16  ? 2.542   -10.922 -9.546  1.00 21.09 ? 16  LYS A CG  1 
ATOM   113  C  CD  . LYS A 1 16  ? 3.813   -10.763 -8.698  1.00 25.83 ? 16  LYS A CD  1 
ATOM   114  C  CE  . LYS A 1 16  ? 5.069   -10.677 -9.493  1.00 32.96 ? 16  LYS A CE  1 
ATOM   115  N  NZ  . LYS A 1 16  ? 5.491   -11.958 -10.130 1.00 39.89 ? 16  LYS A NZ  1 
ATOM   116  N  N   . THR A 1 17  ? -1.251  -11.094 -7.103  1.00 15.72 ? 17  THR A N   1 
ATOM   117  C  CA  . THR A 1 17  ? -2.137  -10.582 -6.022  1.00 14.07 ? 17  THR A CA  1 
ATOM   118  C  C   . THR A 1 17  ? -1.285  -10.691 -4.721  1.00 16.12 ? 17  THR A C   1 
ATOM   119  O  O   . THR A 1 17  ? -0.560  -11.688 -4.577  1.00 17.21 ? 17  THR A O   1 
ATOM   120  C  CB  . THR A 1 17  ? -3.324  -11.558 -5.824  1.00 19.91 ? 17  THR A CB  1 
ATOM   121  O  OG1 . THR A 1 17  ? -4.178  -11.586 -6.974  1.00 23.01 ? 17  THR A OG1 1 
ATOM   122  C  CG2 . THR A 1 17  ? -4.146  -11.172 -4.631  1.00 16.54 ? 17  THR A CG2 1 
ATOM   123  N  N   . VAL A 1 18  ? -1.319  -9.667  -3.913  1.00 12.01 ? 18  VAL A N   1 
ATOM   124  C  CA  . VAL A 1 18  ? -0.581  -9.641  -2.621  1.00 10.01 ? 18  VAL A CA  1 
ATOM   125  C  C   . VAL A 1 18  ? -1.605  -9.529  -1.497  1.00 11.75 ? 18  VAL A C   1 
ATOM   126  O  O   . VAL A 1 18  ? -2.596  -8.790  -1.652  1.00 13.04 ? 18  VAL A O   1 
ATOM   127  C  CB  . VAL A 1 18  ? 0.337   -8.371  -2.610  1.00 12.18 ? 18  VAL A CB  1 
ATOM   128  C  CG1 . VAL A 1 18  ? 0.879   -8.106  -1.201  1.00 10.66 ? 18  VAL A CG1 1 
ATOM   129  C  CG2 . VAL A 1 18  ? 1.542   -8.654  -3.557  1.00 14.80 ? 18  VAL A CG2 1 
ATOM   130  N  N   . MET A 1 19  ? -1.397  -10.257 -0.406  1.00 9.96  ? 19  MET A N   1 
ATOM   131  C  CA  . MET A 1 19  ? -2.314  -10.204 0.740   1.00 10.67 ? 19  MET A CA  1 
ATOM   132  C  C   . MET A 1 19  ? -1.909  -9.088  1.713   1.00 12.89 ? 19  MET A C   1 
ATOM   133  O  O   . MET A 1 19  ? -0.710  -8.970  2.068   1.00 14.57 ? 19  MET A O   1 
ATOM   134  C  CB  . MET A 1 19  ? -2.353  -11.556 1.452   1.00 12.59 ? 19  MET A CB  1 
ATOM   135  C  CG  . MET A 1 19  ? -2.785  -12.739 0.575   1.00 14.58 ? 19  MET A CG  1 
ATOM   136  S  SD  . MET A 1 19  ? -4.354  -12.479 -0.299  1.00 18.26 ? 19  MET A SD  1 
ATOM   137  C  CE  . MET A 1 19  ? -5.529  -12.773 1.030   1.00 19.91 ? 19  MET A CE  1 
ATOM   138  N  N   . PHE A 1 20  ? -2.841  -8.219  2.071   1.00 10.31 ? 20  PHE A N   1 
ATOM   139  C  CA  . PHE A 1 20  ? -2.492  -7.097  2.999   1.00 11.25 ? 20  PHE A CA  1 
ATOM   140  C  C   . PHE A 1 20  ? -3.093  -7.341  4.369   1.00 11.80 ? 20  PHE A C   1 
ATOM   141  O  O   . PHE A 1 20  ? -4.329  -7.462  4.503   1.00 11.32 ? 20  PHE A O   1 
ATOM   142  C  CB  . PHE A 1 20  ? -3.174  -5.796  2.416   1.00 11.59 ? 20  PHE A CB  1 
ATOM   143  C  CG  . PHE A 1 20  ? -3.024  -4.631  3.422   1.00 10.69 ? 20  PHE A CG  1 
ATOM   144  C  CD1 . PHE A 1 20  ? -1.783  -4.012  3.540   1.00 11.53 ? 20  PHE A CD1 1 
ATOM   145  C  CD2 . PHE A 1 20  ? -4.070  -4.235  4.215   1.00 10.89 ? 20  PHE A CD2 1 
ATOM   146  C  CE1 . PHE A 1 20  ? -1.598  -3.009  4.485   1.00 9.76  ? 20  PHE A CE1 1 
ATOM   147  C  CE2 . PHE A 1 20  ? -3.891  -3.225  5.183   1.00 11.44 ? 20  PHE A CE2 1 
ATOM   148  C  CZ  . PHE A 1 20  ? -2.640  -2.616  5.290   1.00 11.75 ? 20  PHE A CZ  1 
ATOM   149  N  N   . PRO A 1 21  ? -2.246  -7.336  5.418   1.00 12.33 ? 21  PRO A N   1 
ATOM   150  C  CA  . PRO A 1 21  ? -2.756  -7.525  6.802   1.00 11.61 ? 21  PRO A CA  1 
ATOM   151  C  C   . PRO A 1 21  ? -2.932  -6.223  7.548   1.00 10.25 ? 21  PRO A C   1 
ATOM   152  O  O   . PRO A 1 21  ? -1.947  -5.430  7.600   1.00 11.60 ? 21  PRO A O   1 
ATOM   153  C  CB  . PRO A 1 21  ? -1.548  -8.304  7.448   1.00 12.54 ? 21  PRO A CB  1 
ATOM   154  C  CG  . PRO A 1 21  ? -0.362  -7.813  6.702   1.00 12.05 ? 21  PRO A CG  1 
ATOM   155  C  CD  . PRO A 1 21  ? -0.784  -7.314  5.374   1.00 10.67 ? 21  PRO A CD  1 
ATOM   156  N  N   . HIS A 1 22  ? -4.092  -5.936  8.143   1.00 10.93 ? 22  HIS A N   1 
ATOM   157  C  CA  . HIS A 1 22  ? -4.258  -4.681  8.902   1.00 12.08 ? 22  HIS A CA  1 
ATOM   158  C  C   . HIS A 1 22  ? -3.590  -4.742  10.274  1.00 13.04 ? 22  HIS A C   1 
ATOM   159  O  O   . HIS A 1 22  ? -3.206  -3.692  10.826  1.00 12.93 ? 22  HIS A O   1 
ATOM   160  C  CB  . HIS A 1 22  ? -5.775  -4.388  9.087   1.00 12.95 ? 22  HIS A CB  1 
ATOM   161  C  CG  . HIS A 1 22  ? -6.415  -3.660  7.924   1.00 10.01 ? 22  HIS A CG  1 
ATOM   162  N  ND1 . HIS A 1 22  ? -6.906  -4.309  6.821   1.00 9.21  ? 22  HIS A ND1 1 
ATOM   163  C  CD2 . HIS A 1 22  ? -6.616  -2.340  7.706   1.00 12.68 ? 22  HIS A CD2 1 
ATOM   164  C  CE1 . HIS A 1 22  ? -7.383  -3.411  5.959   1.00 11.22 ? 22  HIS A CE1 1 
ATOM   165  N  NE2 . HIS A 1 22  ? -7.191  -2.196  6.438   1.00 12.01 ? 22  HIS A NE2 1 
ATOM   166  N  N   . ALA A 1 23  ? -3.493  -5.920  10.905  1.00 11.04 ? 23  ALA A N   1 
ATOM   167  C  CA  . ALA A 1 23  ? -3.010  -6.046  12.258  1.00 15.48 ? 23  ALA A CA  1 
ATOM   168  C  C   . ALA A 1 23  ? -1.706  -5.428  12.574  1.00 13.48 ? 23  ALA A C   1 
ATOM   169  O  O   . ALA A 1 23  ? -1.522  -4.641  13.551  1.00 15.02 ? 23  ALA A O   1 
ATOM   170  C  CB  . ALA A 1 23  ? -3.155  -7.475  12.771  1.00 19.05 ? 23  ALA A CB  1 
ATOM   171  N  N   . PRO A 1 24  ? -0.641  -5.620  11.804  1.00 12.52 ? 24  PRO A N   1 
ATOM   172  C  CA  . PRO A 1 24  ? 0.621   -4.971  12.128  1.00 13.11 ? 24  PRO A CA  1 
ATOM   173  C  C   . PRO A 1 24  ? 0.581   -3.471  11.903  1.00 15.72 ? 24  PRO A C   1 
ATOM   174  O  O   . PRO A 1 24  ? 1.535   -2.751  12.223  1.00 18.32 ? 24  PRO A O   1 
ATOM   175  C  CB  . PRO A 1 24  ? 1.633   -5.661  11.230  1.00 19.61 ? 24  PRO A CB  1 
ATOM   176  C  CG  . PRO A 1 24  ? 0.894   -6.541  10.316  1.00 18.93 ? 24  PRO A CG  1 
ATOM   177  C  CD  . PRO A 1 24  ? -0.556  -6.528  10.660  1.00 15.26 ? 24  PRO A CD  1 
ATOM   178  N  N   . HIS A 1 25  ? -0.510  -2.953  11.305  1.00 12.33 ? 25  HIS A N   1 
ATOM   179  C  CA  . HIS A 1 25  ? -0.593  -1.505  11.039  1.00 12.54 ? 25  HIS A CA  1 
ATOM   180  C  C   . HIS A 1 25  ? -1.600  -0.825  11.985  1.00 13.04 ? 25  HIS A C   1 
ATOM   181  O  O   . HIS A 1 25  ? -2.076  0.254   11.674  1.00 15.42 ? 25  HIS A O   1 
ATOM   182  C  CB  . HIS A 1 25  ? -1.088  -1.304  9.581   1.00 12.05 ? 25  HIS A CB  1 
ATOM   183  C  CG  . HIS A 1 25  ? -0.126  -1.851  8.552   1.00 10.08 ? 25  HIS A CG  1 
ATOM   184  N  ND1 . HIS A 1 25  ? -0.347  -3.067  7.944   1.00 11.20 ? 25  HIS A ND1 1 
ATOM   185  C  CD2 . HIS A 1 25  ? 1.036   -1.386  8.051   1.00 10.60 ? 25  HIS A CD2 1 
ATOM   186  C  CE1 . HIS A 1 25  ? 0.611   -3.328  7.075   1.00 12.87 ? 25  HIS A CE1 1 
ATOM   187  N  NE2 . HIS A 1 25  ? 1.474   -2.321  7.118   1.00 10.84 ? 25  HIS A NE2 1 
ATOM   188  N  N   . GLU A 1 26  ? -1.941  -1.516  13.079  1.00 13.61 ? 26  GLU A N   1 
ATOM   189  C  CA  . GLU A 1 26  ? -2.920  -1.060  14.045  1.00 16.31 ? 26  GLU A CA  1 
ATOM   190  C  C   . GLU A 1 26  ? -2.672  0.336   14.567  1.00 18.81 ? 26  GLU A C   1 
ATOM   191  O  O   . GLU A 1 26  ? -3.617  1.092   14.854  1.00 21.75 ? 26  GLU A O   1 
ATOM   192  C  CB  . GLU A 1 26  ? -2.929  -2.068  15.247  1.00 19.47 ? 26  GLU A CB  1 
ATOM   193  C  CG  . GLU A 1 26  ? -4.065  -1.762  16.216  1.00 27.90 ? 26  GLU A CG  1 
ATOM   194  C  CD  . GLU A 1 26  ? -3.875  -2.437  17.561  0.00 27.90 ? 26  GLU A CD  1 
ATOM   195  O  OE1 . GLU A 1 26  ? -3.063  -1.940  18.368  0.00 27.90 ? 26  GLU A OE1 1 
ATOM   196  O  OE2 . GLU A 1 26  ? -4.540  -3.464  17.810  0.00 27.90 ? 26  GLU A OE2 1 
ATOM   197  N  N   . LYS A 1 27  ? -1.406  0.733   14.720  1.00 16.64 ? 27  LYS A N   1 
ATOM   198  C  CA  . LYS A 1 27  ? -1.115  2.078   15.195  1.00 20.40 ? 27  LYS A CA  1 
ATOM   199  C  C   . LYS A 1 27  ? -0.912  3.098   14.097  1.00 25.56 ? 27  LYS A C   1 
ATOM   200  O  O   . LYS A 1 27  ? -0.624  4.290   14.394  1.00 28.78 ? 27  LYS A O   1 
ATOM   201  C  CB  . LYS A 1 27  ? 0.035   2.115   16.188  1.00 24.76 ? 27  LYS A CB  1 
ATOM   202  C  CG  . LYS A 1 27  ? -0.424  1.929   17.650  1.00 32.47 ? 27  LYS A CG  1 
ATOM   203  C  CD  . LYS A 1 27  ? 0.524   0.957   18.339  1.00 38.78 ? 27  LYS A CD  1 
ATOM   204  C  CE  . LYS A 1 27  ? -0.101  0.366   19.593  0.00 38.78 ? 27  LYS A CE  1 
ATOM   205  N  NZ  . LYS A 1 27  ? -1.351  -0.385  19.295  0.00 38.78 ? 27  LYS A NZ  1 
ATOM   206  N  N   . VAL A 1 28  ? -1.099  2.765   12.848  1.00 16.95 ? 28  VAL A N   1 
ATOM   207  C  CA  . VAL A 1 28  ? -1.041  3.797   11.773  1.00 11.13 ? 28  VAL A CA  1 
ATOM   208  C  C   . VAL A 1 28  ? -2.470  4.340   11.596  1.00 14.84 ? 28  VAL A C   1 
ATOM   209  O  O   . VAL A 1 28  ? -3.440  3.545   11.538  1.00 16.69 ? 28  VAL A O   1 
ATOM   210  C  CB  . VAL A 1 28  ? -0.603  3.115   10.441  1.00 13.68 ? 28  VAL A CB  1 
ATOM   211  C  CG1 . VAL A 1 28  ? -0.674  4.084   9.256   1.00 16.29 ? 28  VAL A CG1 1 
ATOM   212  C  CG2 . VAL A 1 28  ? 0.817   2.563   10.551  1.00 16.30 ? 28  VAL A CG2 1 
ATOM   213  N  N   . GLU A 1 29  ? -2.618  5.665   11.484  1.00 15.97 ? 29  GLU A N   1 
ATOM   214  C  CA  . GLU A 1 29  ? -3.940  6.281   11.281  1.00 12.86 ? 29  GLU A CA  1 
ATOM   215  C  C   . GLU A 1 29  ? -4.589  5.766   9.999   1.00 14.19 ? 29  GLU A C   1 
ATOM   216  O  O   . GLU A 1 29  ? -3.931  5.608   8.985   1.00 14.75 ? 29  GLU A O   1 
ATOM   217  C  CB  . GLU A 1 29  ? -3.795  7.820   11.130  1.00 17.54 ? 29  GLU A CB  1 
ATOM   218  C  CG  . GLU A 1 29  ? -3.411  8.464   12.477  1.00 26.91 ? 29  GLU A CG  1 
ATOM   219  C  CD  . GLU A 1 29  ? -3.076  9.930   12.331  1.00 36.40 ? 29  GLU A CD  1 
ATOM   220  O  OE1 . GLU A 1 29  ? -3.261  10.511  11.245  1.00 28.82 ? 29  GLU A OE1 1 
ATOM   221  O  OE2 . GLU A 1 29  ? -2.589  10.521  13.329  1.00 54.27 ? 29  GLU A OE2 1 
ATOM   222  N  N   . CYS A 1 30  ? -5.909  5.504   10.043  1.00 15.04 ? 30  CYS A N   1 
ATOM   223  C  CA  . CYS A 1 30  ? -6.570  5.009   8.832   1.00 13.75 ? 30  CYS A CA  1 
ATOM   224  C  C   . CYS A 1 30  ? -6.306  5.941   7.644   1.00 12.88 ? 30  CYS A C   1 
ATOM   225  O  O   . CYS A 1 30  ? -6.117  5.485   6.525   1.00 12.36 ? 30  CYS A O   1 
ATOM   226  C  CB  . CYS A 1 30  ? -8.065  4.761   8.978   1.00 14.94 ? 30  CYS A CB  1 
ATOM   227  S  SG  . CYS A 1 30  ? -8.708  4.071   10.482  1.00 17.22 ? 30  CYS A SG  1 
ATOM   228  N  N   . VAL A 1 31  ? -6.356  7.261   7.890   1.00 14.47 ? 31  VAL A N   1 
ATOM   229  C  CA  . VAL A 1 31  ? -6.251  8.262   6.839   1.00 11.58 ? 31  VAL A CA  1 
ATOM   230  C  C   . VAL A 1 31  ? -4.923  8.290   6.140   1.00 11.54 ? 31  VAL A C   1 
ATOM   231  O  O   . VAL A 1 31  ? -4.785  8.797   4.994   1.00 14.40 ? 31  VAL A O   1 
ATOM   232  C  CB  . VAL A 1 31  ? -6.646  9.653   7.363   1.00 16.39 ? 31  VAL A CB  1 
ATOM   233  C  CG1 . VAL A 1 31  ? -5.556  10.213  8.290   1.00 15.63 ? 31  VAL A CG1 1 
ATOM   234  C  CG2 . VAL A 1 31  ? -6.896  10.601  6.204   1.00 21.75 ? 31  VAL A CG2 1 
ATOM   235  N  N   . THR A 1 32  ? -3.874  7.746   6.782   1.00 10.42 ? 32  THR A N   1 
ATOM   236  C  CA  . THR A 1 32  ? -2.580  7.665   6.077   1.00 12.04 ? 32  THR A CA  1 
ATOM   237  C  C   . THR A 1 32  ? -2.728  6.885   4.762   1.00 11.64 ? 32  THR A C   1 
ATOM   238  O  O   . THR A 1 32  ? -2.057  7.283   3.772   1.00 14.10 ? 32  THR A O   1 
ATOM   239  C  CB  . THR A 1 32  ? -1.532  6.979   6.962   1.00 13.00 ? 32  THR A CB  1 
ATOM   240  O  OG1 . THR A 1 32  ? -1.237  7.906   8.063   1.00 14.99 ? 32  THR A OG1 1 
ATOM   241  C  CG2 . THR A 1 32  ? -0.221  6.748   6.224   1.00 12.12 ? 32  THR A CG2 1 
ATOM   242  N  N   . CYS A 1 33  ? -3.499  5.811   4.758   1.00 10.57 ? 33  CYS A N   1 
ATOM   243  C  CA  . CYS A 1 33  ? -3.668  4.981   3.555   1.00 10.78 ? 33  CYS A CA  1 
ATOM   244  C  C   . CYS A 1 33  ? -4.998  5.324   2.871   1.00 13.54 ? 33  CYS A C   1 
ATOM   245  O  O   . CYS A 1 33  ? -5.004  5.555   1.666   1.00 13.02 ? 33  CYS A O   1 
ATOM   246  C  CB  . CYS A 1 33  ? -3.668  3.479   3.980   1.00 10.25 ? 33  CYS A CB  1 
ATOM   247  S  SG  . CYS A 1 33  ? -2.087  3.054   4.838   1.00 12.81 ? 33  CYS A SG  1 
ATOM   248  N  N   . HIS A 1 34  ? -6.082  5.317   3.621   1.00 14.39 ? 34  HIS A N   1 
ATOM   249  C  CA  . HIS A 1 34  ? -7.438  5.635   3.047   1.00 14.59 ? 34  HIS A CA  1 
ATOM   250  C  C   . HIS A 1 34  ? -7.550  7.178   3.074   1.00 12.47 ? 34  HIS A C   1 
ATOM   251  O  O   . HIS A 1 34  ? -8.215  7.718   3.950   1.00 17.59 ? 34  HIS A O   1 
ATOM   252  C  CB  . HIS A 1 34  ? -8.483  4.997   3.963   1.00 14.14 ? 34  HIS A CB  1 
ATOM   253  C  CG  . HIS A 1 34  ? -8.414  3.480   3.994   1.00 9.20  ? 34  HIS A CG  1 
ATOM   254  N  ND1 . HIS A 1 34  ? -8.702  2.715   2.899   1.00 11.01 ? 34  HIS A ND1 1 
ATOM   255  C  CD2 . HIS A 1 34  ? -8.026  2.634   4.961   1.00 11.60 ? 34  HIS A CD2 1 
ATOM   256  C  CE1 . HIS A 1 34  ? -8.521  1.408   3.205   1.00 11.00 ? 34  HIS A CE1 1 
ATOM   257  N  NE2 . HIS A 1 34  ? -8.139  1.327   4.466   1.00 13.30 ? 34  HIS A NE2 1 
ATOM   258  N  N   . HIS A 1 35  ? -6.792  7.809   2.211   1.00 13.15 ? 35  HIS A N   1 
ATOM   259  C  CA  . HIS A 1 35  ? -6.654  9.274   2.205   1.00 13.83 ? 35  HIS A CA  1 
ATOM   260  C  C   . HIS A 1 35  ? -7.933  9.960   1.769   1.00 19.77 ? 35  HIS A C   1 
ATOM   261  O  O   . HIS A 1 35  ? -8.814  9.397   1.136   1.00 16.95 ? 35  HIS A O   1 
ATOM   262  C  CB  . HIS A 1 35  ? -5.474  9.682   1.321   1.00 12.23 ? 35  HIS A CB  1 
ATOM   263  C  CG  . HIS A 1 35  ? -5.590  9.306   -0.132  1.00 15.72 ? 35  HIS A CG  1 
ATOM   264  N  ND1 . HIS A 1 35  ? -6.379  10.023  -0.998  1.00 15.64 ? 35  HIS A ND1 1 
ATOM   265  C  CD2 . HIS A 1 35  ? -5.017  8.354   -0.895  1.00 15.18 ? 35  HIS A CD2 1 
ATOM   266  C  CE1 . HIS A 1 35  ? -6.331  9.499   -2.206  1.00 15.41 ? 35  HIS A CE1 1 
ATOM   267  N  NE2 . HIS A 1 35  ? -5.499  8.476   -2.192  1.00 15.51 ? 35  HIS A NE2 1 
ATOM   268  N  N   . LEU A 1 36  ? -8.038  11.267  2.108   1.00 21.84 ? 36  LEU A N   1 
ATOM   269  C  CA  . LEU A 1 36  ? -9.278  11.968  1.690   1.00 21.75 ? 36  LEU A CA  1 
ATOM   270  C  C   . LEU A 1 36  ? -9.267  12.112  0.173   1.00 17.46 ? 36  LEU A C   1 
ATOM   271  O  O   . LEU A 1 36  ? -8.208  12.241  -0.454  1.00 22.42 ? 36  LEU A O   1 
ATOM   272  C  CB  . LEU A 1 36  ? -9.214  13.423  2.257   1.00 22.50 ? 36  LEU A CB  1 
ATOM   273  C  CG  . LEU A 1 36  ? -9.127  13.539  3.769   1.00 26.39 ? 36  LEU A CG  1 
ATOM   274  C  CD1 . LEU A 1 36  ? -9.377  15.007  4.183   1.00 32.28 ? 36  LEU A CD1 1 
ATOM   275  C  CD2 . LEU A 1 36  ? -10.072 12.617  4.494   1.00 24.17 ? 36  LEU A CD2 1 
ATOM   276  N  N   . VAL A 1 37  ? -10.469 12.218  -0.378  1.00 18.59 ? 37  VAL A N   1 
ATOM   277  C  CA  . VAL A 1 37  ? -10.603 12.490  -1.805  1.00 21.57 ? 37  VAL A CA  1 
ATOM   278  C  C   . VAL A 1 37  ? -11.637 13.649  -1.923  1.00 22.48 ? 37  VAL A C   1 
ATOM   279  O  O   . VAL A 1 37  ? -12.723 13.538  -1.353  1.00 20.65 ? 37  VAL A O   1 
ATOM   280  C  CB  . VAL A 1 37  ? -11.120 11.269  -2.581  1.00 29.36 ? 37  VAL A CB  1 
ATOM   281  C  CG1 . VAL A 1 37  ? -11.104 11.575  -4.091  1.00 33.57 ? 37  VAL A CG1 1 
ATOM   282  C  CG2 . VAL A 1 37  ? -10.196 10.065  -2.321  1.00 33.03 ? 37  VAL A CG2 1 
ATOM   283  N  N   . ASP A 1 38  ? -11.210 14.703  -2.575  1.00 21.88 ? 38  ASP A N   1 
ATOM   284  C  CA  . ASP A 1 38  ? -12.036 15.912  -2.674  1.00 23.24 ? 38  ASP A CA  1 
ATOM   285  C  C   . ASP A 1 38  ? -12.530 16.340  -1.282  1.00 21.34 ? 38  ASP A C   1 
ATOM   286  O  O   . ASP A 1 38  ? -13.719 16.745  -1.268  1.00 30.73 ? 38  ASP A O   1 
ATOM   287  C  CB  . ASP A 1 38  ? -13.270 15.711  -3.523  1.00 26.09 ? 38  ASP A CB  1 
ATOM   288  C  CG  . ASP A 1 38  ? -12.957 15.521  -4.986  1.00 34.08 ? 38  ASP A CG  1 
ATOM   289  O  OD1 . ASP A 1 38  ? -11.810 15.811  -5.386  1.00 38.46 ? 38  ASP A OD1 1 
ATOM   290  O  OD2 . ASP A 1 38  ? -13.868 15.035  -5.699  1.00 54.63 ? 38  ASP A OD2 1 
ATOM   291  N  N   . GLY A 1 39  ? -11.738 16.240  -0.266  1.00 23.23 ? 39  GLY A N   1 
ATOM   292  C  CA  . GLY A 1 39  ? -11.972 16.558  1.101   1.00 26.30 ? 39  GLY A CA  1 
ATOM   293  C  C   . GLY A 1 39  ? -12.871 15.665  1.903   1.00 26.50 ? 39  GLY A C   1 
ATOM   294  O  O   . GLY A 1 39  ? -13.294 16.025  3.015   1.00 33.30 ? 39  GLY A O   1 
ATOM   295  N  N   . LYS A 1 40  ? -13.193 14.471  1.413   1.00 22.49 ? 40  LYS A N   1 
ATOM   296  C  CA  . LYS A 1 40  ? -14.112 13.563  2.105   1.00 22.84 ? 40  LYS A CA  1 
ATOM   297  C  C   . LYS A 1 40  ? -13.406 12.191  2.311   1.00 23.78 ? 40  LYS A C   1 
ATOM   298  O  O   . LYS A 1 40  ? -12.620 11.795  1.485   1.00 23.69 ? 40  LYS A O   1 
ATOM   299  C  CB  . LYS A 1 40  ? -15.280 13.270  1.087   1.00 24.50 ? 40  LYS A CB  1 
ATOM   300  C  CG  . LYS A 1 40  ? -16.135 14.504  0.853   0.00 24.50 ? 40  LYS A CG  1 
ATOM   301  C  CD  . LYS A 1 40  ? -17.281 14.208  -0.100  0.00 24.50 ? 40  LYS A CD  1 
ATOM   302  C  CE  . LYS A 1 40  ? -18.156 13.081  0.421   0.00 24.50 ? 40  LYS A CE  1 
ATOM   303  N  NZ  . LYS A 1 40  ? -19.557 13.192  -0.071  0.00 24.50 ? 40  LYS A NZ  1 
ATOM   304  N  N   . GLU A 1 41  ? -13.755 11.537  3.401   1.00 27.49 ? 41  GLU A N   1 
ATOM   305  C  CA  . GLU A 1 41  ? -13.187 10.213  3.705   1.00 35.24 ? 41  GLU A CA  1 
ATOM   306  C  C   . GLU A 1 41  ? -13.798 9.143   2.806   1.00 31.30 ? 41  GLU A C   1 
ATOM   307  O  O   . GLU A 1 41  ? -14.930 9.240   2.332   1.00 31.52 ? 41  GLU A O   1 
ATOM   308  C  CB  . GLU A 1 41  ? -13.467 9.871   5.185   1.00 38.82 ? 41  GLU A CB  1 
ATOM   309  C  CG  . GLU A 1 41  ? -14.944 9.681   5.490   0.00 38.83 ? 41  GLU A CG  1 
ATOM   310  C  CD  . GLU A 1 41  ? -15.214 9.481   6.968   0.00 38.84 ? 41  GLU A CD  1 
ATOM   311  O  OE1 . GLU A 1 41  ? -15.052 10.450  7.739   0.00 38.85 ? 41  GLU A OE1 1 
ATOM   312  O  OE2 . GLU A 1 41  ? -15.587 8.356   7.358   0.00 38.85 ? 41  GLU A OE2 1 
ATOM   313  N  N   . SER A 1 42  ? -13.032 8.098   2.544   1.00 28.47 ? 42  SER A N   1 
ATOM   314  C  CA  . SER A 1 42  ? -13.583 7.030   1.635   1.00 23.68 ? 42  SER A CA  1 
ATOM   315  C  C   . SER A 1 42  ? -12.727 5.778   1.980   1.00 23.93 ? 42  SER A C   1 
ATOM   316  O  O   . SER A 1 42  ? -11.532 5.945   2.182   1.00 21.60 ? 42  SER A O   1 
ATOM   317  C  CB  . SER A 1 42  ? -13.148 7.441   0.197   1.00 26.95 ? 42  SER A CB  1 
ATOM   318  O  OG  . SER A 1 42  ? -13.376 6.346   -0.712  1.00 28.29 ? 42  SER A OG  1 
ATOM   319  N  N   . TYR A 1 43  ? -13.354 4.642   1.987   1.00 20.43 ? 43  TYR A N   1 
ATOM   320  C  CA  . TYR A 1 43  ? -12.664 3.388   2.260   1.00 19.57 ? 43  TYR A CA  1 
ATOM   321  C  C   . TYR A 1 43  ? -12.823 2.443   1.058   1.00 22.44 ? 43  TYR A C   1 
ATOM   322  O  O   . TYR A 1 43  ? -12.710 1.226   1.200   1.00 22.93 ? 43  TYR A O   1 
ATOM   323  C  CB  . TYR A 1 43  ? -13.299 2.748   3.514   1.00 15.85 ? 43  TYR A CB  1 
ATOM   324  C  CG  . TYR A 1 43  ? -13.029 3.581   4.747   1.00 17.45 ? 43  TYR A CG  1 
ATOM   325  C  CD1 . TYR A 1 43  ? -11.909 3.396   5.510   1.00 19.74 ? 43  TYR A CD1 1 
ATOM   326  C  CD2 . TYR A 1 43  ? -13.945 4.558   5.151   1.00 21.69 ? 43  TYR A CD2 1 
ATOM   327  C  CE1 . TYR A 1 43  ? -11.646 4.147   6.632   1.00 23.75 ? 43  TYR A CE1 1 
ATOM   328  C  CE2 . TYR A 1 43  ? -13.682 5.331   6.266   1.00 23.98 ? 43  TYR A CE2 1 
ATOM   329  C  CZ  . TYR A 1 43  ? -12.540 5.123   7.005   1.00 26.97 ? 43  TYR A CZ  1 
ATOM   330  O  OH  . TYR A 1 43  ? -12.299 5.869   8.132   1.00 37.90 ? 43  TYR A OH  1 
ATOM   331  N  N   . ALA A 1 44  ? -13.067 3.020   -0.117  1.00 18.49 ? 44  ALA A N   1 
ATOM   332  C  CA  . ALA A 1 44  ? -13.149 2.211   -1.329  1.00 19.81 ? 44  ALA A CA  1 
ATOM   333  C  C   . ALA A 1 44  ? -11.820 1.568   -1.705  1.00 23.01 ? 44  ALA A C   1 
ATOM   334  O  O   . ALA A 1 44  ? -10.714 2.022   -1.401  1.00 16.73 ? 44  ALA A O   1 
ATOM   335  C  CB  . ALA A 1 44  ? -13.671 3.071   -2.479  1.00 20.30 ? 44  ALA A CB  1 
ATOM   336  N  N   . LYS A 1 45  ? -11.910 0.467   -2.490  1.00 19.49 ? 45  LYS A N   1 
ATOM   337  C  CA  . LYS A 1 45  ? -10.675 -0.183  -2.937  1.00 19.85 ? 45  LYS A CA  1 
ATOM   338  C  C   . LYS A 1 45  ? -9.772  0.722   -3.715  1.00 16.82 ? 45  LYS A C   1 
ATOM   339  O  O   . LYS A 1 45  ? -10.251 1.564   -4.519  1.00 15.74 ? 45  LYS A O   1 
ATOM   340  C  CB  . LYS A 1 45  ? -11.036 -1.456  -3.720  1.00 21.16 ? 45  LYS A CB  1 
ATOM   341  C  CG  . LYS A 1 45  ? -11.707 -2.485  -2.773  1.00 22.18 ? 45  LYS A CG  1 
ATOM   342  C  CD  . LYS A 1 45  ? -11.833 -3.820  -3.542  1.00 27.28 ? 45  LYS A CD  1 
ATOM   343  C  CE  . LYS A 1 45  ? -12.661 -4.796  -2.686  1.00 33.74 ? 45  LYS A CE  1 
ATOM   344  N  NZ  . LYS A 1 45  ? -13.426 -5.759  -3.541  1.00 42.78 ? 45  LYS A NZ  1 
ATOM   345  N  N   . CYS A 1 46  ? -8.457  0.658   -3.483  1.00 16.09 ? 46  CYS A N   1 
ATOM   346  C  CA  . CYS A 1 46  ? -7.536  1.578   -4.138  1.00 13.96 ? 46  CYS A CA  1 
ATOM   347  C  C   . CYS A 1 46  ? -7.653  1.576   -5.650  1.00 14.00 ? 46  CYS A C   1 
ATOM   348  O  O   . CYS A 1 46  ? -7.475  2.642   -6.257  1.00 16.54 ? 46  CYS A O   1 
ATOM   349  C  CB  . CYS A 1 46  ? -6.085  1.344   -3.691  1.00 15.88 ? 46  CYS A CB  1 
ATOM   350  S  SG  . CYS A 1 46  ? -5.832  0.961   -1.963  1.00 15.24 ? 46  CYS A SG  1 
ATOM   351  N  N   . GLY A 1 47  ? -7.881  0.420   -6.245  1.00 14.73 ? 47  GLY A N   1 
ATOM   352  C  CA  . GLY A 1 47  ? -7.949  0.243   -7.683  1.00 19.01 ? 47  GLY A CA  1 
ATOM   353  C  C   . GLY A 1 47  ? -9.341  0.369   -8.270  1.00 21.17 ? 47  GLY A C   1 
ATOM   354  O  O   . GLY A 1 47  ? -9.537  -0.094  -9.417  1.00 25.30 ? 47  GLY A O   1 
ATOM   355  N  N   . SER A 1 48  ? -10.256 0.985   -7.568  1.00 22.64 ? 48  SER A N   1 
ATOM   356  C  CA  . SER A 1 48  ? -11.644 1.247   -7.979  1.00 26.54 ? 48  SER A CA  1 
ATOM   357  C  C   . SER A 1 48  ? -11.666 2.123   -9.251  1.00 26.51 ? 48  SER A C   1 
ATOM   358  O  O   . SER A 1 48  ? -10.821 2.960   -9.461  1.00 25.25 ? 48  SER A O   1 
ATOM   359  C  CB  . SER A 1 48  ? -12.220 2.253   -6.877  1.00 26.02 ? 48  SER A CB  1 
ATOM   360  O  OG  . SER A 1 48  ? -12.833 1.559   -5.879  1.00 32.49 ? 48  SER A OG  1 
ATOM   361  N  N   . SER A 1 49  ? -12.794 1.985   -9.992  1.00 29.82 ? 49  SER A N   1 
ATOM   362  C  CA  . SER A 1 49  ? -12.958 2.842   -11.156 1.00 28.14 ? 49  SER A CA  1 
ATOM   363  C  C   . SER A 1 49  ? -12.876 4.310   -10.768 1.00 25.75 ? 49  SER A C   1 
ATOM   364  O  O   . SER A 1 49  ? -13.481 4.727   -9.781  1.00 31.72 ? 49  SER A O   1 
ATOM   365  C  CB  . SER A 1 49  ? -14.304 2.618   -11.882 1.00 29.60 ? 49  SER A CB  1 
ATOM   366  O  OG  . SER A 1 49  ? -14.213 3.225   -13.164 1.00 45.17 ? 49  SER A OG  1 
ATOM   367  N  N   . GLY A 1 50  ? -12.077 5.096   -11.516 1.00 26.21 ? 50  GLY A N   1 
ATOM   368  C  CA  . GLY A 1 50  ? -11.869 6.499   -11.220 1.00 26.14 ? 50  GLY A CA  1 
ATOM   369  C  C   . GLY A 1 50  ? -10.802 6.743   -10.166 1.00 26.54 ? 50  GLY A C   1 
ATOM   370  O  O   . GLY A 1 50  ? -10.463 7.884   -9.870  1.00 40.94 ? 50  GLY A O   1 
ATOM   371  N  N   . CYS A 1 51  ? -10.211 5.696   -9.625  1.00 25.19 ? 51  CYS A N   1 
ATOM   372  C  CA  . CYS A 1 51  ? -9.141  5.868   -8.627  1.00 26.26 ? 51  CYS A CA  1 
ATOM   373  C  C   . CYS A 1 51  ? -7.810  5.418   -9.182  1.00 28.30 ? 51  CYS A C   1 
ATOM   374  O  O   . CYS A 1 51  ? -7.366  5.953   -10.234 1.00 24.24 ? 51  CYS A O   1 
ATOM   375  C  CB  . CYS A 1 51  ? -9.530  5.211   -7.317  1.00 21.68 ? 51  CYS A CB  1 
ATOM   376  S  SG  . CYS A 1 51  ? -11.121 5.834   -6.631  1.00 21.01 ? 51  CYS A SG  1 
ATOM   377  N  N   . HIS A 1 52  ? -7.125  4.439   -8.587  1.00 15.57 ? 52  HIS A N   1 
ATOM   378  C  CA  . HIS A 1 52  ? -5.835  4.019   -9.230  1.00 14.62 ? 52  HIS A CA  1 
ATOM   379  C  C   . HIS A 1 52  ? -6.122  2.778   -10.064 1.00 23.03 ? 52  HIS A C   1 
ATOM   380  O  O   . HIS A 1 52  ? -5.745  1.650   -9.766  1.00 18.00 ? 52  HIS A O   1 
ATOM   381  C  CB  . HIS A 1 52  ? -4.871  3.685   -8.046  1.00 14.29 ? 52  HIS A CB  1 
ATOM   382  C  CG  . HIS A 1 52  ? -4.712  4.906   -7.149  1.00 15.87 ? 52  HIS A CG  1 
ATOM   383  N  ND1 . HIS A 1 52  ? -4.073  6.038   -7.592  1.00 17.29 ? 52  HIS A ND1 1 
ATOM   384  C  CD2 . HIS A 1 52  ? -5.152  5.164   -5.916  1.00 18.60 ? 52  HIS A CD2 1 
ATOM   385  C  CE1 . HIS A 1 52  ? -4.091  6.965   -6.627  1.00 17.89 ? 52  HIS A CE1 1 
ATOM   386  N  NE2 . HIS A 1 52  ? -4.741  6.468   -5.567  1.00 16.84 ? 52  HIS A NE2 1 
ATOM   387  N  N   . ASP A 1 53  ? -6.932  2.992   -11.106 1.00 22.05 ? 53  ASP A N   1 
ATOM   388  C  CA  . ASP A 1 53  ? -7.438  1.942   -11.931 1.00 24.63 ? 53  ASP A CA  1 
ATOM   389  C  C   . ASP A 1 53  ? -6.649  1.532   -13.110 1.00 19.42 ? 53  ASP A C   1 
ATOM   390  O  O   . ASP A 1 53  ? -7.122  0.712   -13.941 1.00 27.06 ? 53  ASP A O   1 
ATOM   391  C  CB  . ASP A 1 53  ? -8.934  2.169   -12.245 1.00 27.86 ? 53  ASP A CB  1 
ATOM   392  C  CG  . ASP A 1 53  ? -9.150  3.415   -13.077 1.00 33.19 ? 53  ASP A CG  1 
ATOM   393  O  OD1 . ASP A 1 53  ? -8.160  3.987   -13.588 1.00 26.50 ? 53  ASP A OD1 1 
ATOM   394  O  OD2 . ASP A 1 53  ? -10.337 3.814   -13.230 1.00 39.49 ? 53  ASP A OD2 1 
ATOM   395  N  N   . ASP A 1 54  ? -5.421  1.989   -13.286 1.00 18.47 ? 54  ASP A N   1 
ATOM   396  C  CA  . ASP A 1 54  ? -4.560  1.462   -14.372 1.00 18.55 ? 54  ASP A CA  1 
ATOM   397  C  C   . ASP A 1 54  ? -3.671  0.356   -13.757 1.00 21.42 ? 54  ASP A C   1 
ATOM   398  O  O   . ASP A 1 54  ? -2.739  0.662   -12.995 1.00 20.80 ? 54  ASP A O   1 
ATOM   399  C  CB  . ASP A 1 54  ? -3.754  2.514   -15.039 1.00 23.04 ? 54  ASP A CB  1 
ATOM   400  C  CG  . ASP A 1 54  ? -2.794  2.059   -16.118 1.00 27.92 ? 54  ASP A CG  1 
ATOM   401  O  OD1 . ASP A 1 54  ? -2.441  0.861   -16.175 1.00 25.91 ? 54  ASP A OD1 1 
ATOM   402  O  OD2 . ASP A 1 54  ? -2.408  2.918   -16.945 1.00 28.28 ? 54  ASP A OD2 1 
ATOM   403  N  N   . LEU A 1 55  ? -3.984  -0.882  -14.038 1.00 19.55 ? 55  LEU A N   1 
ATOM   404  C  CA  . LEU A 1 55  ? -3.328  -2.057  -13.478 1.00 18.10 ? 55  LEU A CA  1 
ATOM   405  C  C   . LEU A 1 55  ? -2.111  -2.547  -14.203 1.00 19.29 ? 55  LEU A C   1 
ATOM   406  O  O   . LEU A 1 55  ? -1.388  -3.447  -13.736 1.00 18.36 ? 55  LEU A O   1 
ATOM   407  C  CB  . LEU A 1 55  ? -4.345  -3.156  -13.205 1.00 18.27 ? 55  LEU A CB  1 
ATOM   408  C  CG  . LEU A 1 55  ? -5.559  -2.841  -12.343 1.00 21.00 ? 55  LEU A CG  1 
ATOM   409  C  CD1 . LEU A 1 55  ? -6.378  -4.098  -12.094 1.00 23.92 ? 55  LEU A CD1 1 
ATOM   410  C  CD2 . LEU A 1 55  ? -5.233  -2.144  -11.046 1.00 17.69 ? 55  LEU A CD2 1 
ATOM   411  N  N   . THR A 1 56  ? -1.711  -1.916  -15.327 1.00 20.83 ? 56  THR A N   1 
ATOM   412  C  CA  . THR A 1 56  ? -0.516  -2.316  -16.030 1.00 20.60 ? 56  THR A CA  1 
ATOM   413  C  C   . THR A 1 56  ? 0.577   -1.290  -16.047 1.00 21.92 ? 56  THR A C   1 
ATOM   414  O  O   . THR A 1 56  ? 1.783   -1.656  -16.073 1.00 28.94 ? 56  THR A O   1 
ATOM   415  C  CB  . THR A 1 56  ? -0.759  -2.836  -17.457 1.00 25.24 ? 56  THR A CB  1 
ATOM   416  O  OG1 . THR A 1 56  ? -1.383  -1.776  -18.231 1.00 26.61 ? 56  THR A OG1 1 
ATOM   417  C  CG2 . THR A 1 56  ? -1.785  -3.968  -17.438 1.00 22.96 ? 56  THR A CG2 1 
ATOM   418  N  N   . ALA A 1 57  ? 0.269   0.003   -16.045 1.00 22.61 ? 57  ALA A N   1 
ATOM   419  C  CA  . ALA A 1 57  ? 1.363   0.996   -16.095 1.00 25.21 ? 57  ALA A CA  1 
ATOM   420  C  C   . ALA A 1 57  ? 2.147   1.054   -14.799 1.00 25.15 ? 57  ALA A C   1 
ATOM   421  O  O   . ALA A 1 57  ? 1.629   0.794   -13.706 1.00 21.71 ? 57  ALA A O   1 
ATOM   422  C  CB  . ALA A 1 57  ? 0.870   2.339   -16.524 1.00 26.66 ? 57  ALA A CB  1 
ATOM   423  N  N   . LYS A 1 58  ? 3.434   1.392   -14.889 1.00 21.00 ? 58  LYS A N   1 
ATOM   424  C  CA  . LYS A 1 58  ? 4.260   1.424   -13.685 1.00 22.70 ? 58  LYS A CA  1 
ATOM   425  C  C   . LYS A 1 58  ? 4.464   2.844   -13.159 1.00 28.38 ? 58  LYS A C   1 
ATOM   426  O  O   . LYS A 1 58  ? 5.026   2.993   -12.053 1.00 25.53 ? 58  LYS A O   1 
ATOM   427  C  CB  . LYS A 1 58  ? 5.670   0.857   -13.992 1.00 25.46 ? 58  LYS A CB  1 
ATOM   428  C  CG  . LYS A 1 58  ? 5.623   -0.471  -14.737 1.00 32.13 ? 58  LYS A CG  1 
ATOM   429  C  CD  . LYS A 1 58  ? 5.996   -1.610  -13.799 1.00 35.76 ? 58  LYS A CD  1 
ATOM   430  C  CE  . LYS A 1 58  ? 7.500   -1.838  -13.783 0.00 35.75 ? 58  LYS A CE  1 
ATOM   431  N  NZ  . LYS A 1 58  ? 7.893   -2.869  -12.784 0.00 35.76 ? 58  LYS A NZ  1 
ATOM   432  N  N   . LYS A 1 59  ? 4.084   3.863   -13.901 1.00 27.99 ? 59  LYS A N   1 
ATOM   433  C  CA  . LYS A 1 59  ? 4.308   5.251   -13.426 1.00 26.95 ? 59  LYS A CA  1 
ATOM   434  C  C   . LYS A 1 59  ? 3.061   6.075   -13.645 1.00 24.97 ? 59  LYS A C   1 
ATOM   435  O  O   . LYS A 1 59  ? 2.206   5.766   -14.494 1.00 29.47 ? 59  LYS A O   1 
ATOM   436  C  CB  . LYS A 1 59  ? 5.506   5.864   -14.147 1.00 27.74 ? 59  LYS A CB  1 
ATOM   437  C  CG  . LYS A 1 59  ? 6.777   5.035   -14.140 1.00 28.08 ? 59  LYS A CG  1 
ATOM   438  C  CD  . LYS A 1 59  ? 7.979   5.858   -14.574 0.00 28.08 ? 59  LYS A CD  1 
ATOM   439  C  CE  . LYS A 1 59  ? 8.840   5.095   -15.567 0.00 28.08 ? 59  LYS A CE  1 
ATOM   440  N  NZ  . LYS A 1 59  ? 9.589   3.985   -14.916 0.00 28.08 ? 59  LYS A NZ  1 
ATOM   441  N  N   . GLY A 1 60  ? 2.870   7.118   -12.832 1.00 24.92 ? 60  GLY A N   1 
ATOM   442  C  CA  . GLY A 1 60  ? 1.696   7.942   -12.924 1.00 25.92 ? 60  GLY A CA  1 
ATOM   443  C  C   . GLY A 1 60  ? 0.721   7.808   -11.782 1.00 29.75 ? 60  GLY A C   1 
ATOM   444  O  O   . GLY A 1 60  ? 0.598   6.760   -11.131 1.00 24.06 ? 60  GLY A O   1 
ATOM   445  N  N   . GLU A 1 61  ? -0.053  8.873   -11.539 1.00 26.18 ? 61  GLU A N   1 
ATOM   446  C  CA  . GLU A 1 61  ? -1.012  8.889   -10.439 1.00 29.88 ? 61  GLU A CA  1 
ATOM   447  C  C   . GLU A 1 61  ? -2.074  7.832   -10.543 1.00 29.37 ? 61  GLU A C   1 
ATOM   448  O  O   . GLU A 1 61  ? -2.659  7.354   -9.542  1.00 23.68 ? 61  GLU A O   1 
ATOM   449  C  CB  . GLU A 1 61  ? -1.683  10.313  -10.418 1.00 30.10 ? 61  GLU A CB  1 
ATOM   450  C  CG  . GLU A 1 61  ? -2.663  10.411  -9.253  1.00 36.70 ? 61  GLU A CG  1 
ATOM   451  C  CD  . GLU A 1 61  ? -4.063  9.991   -9.704  1.00 46.76 ? 61  GLU A CD  1 
ATOM   452  O  OE1 . GLU A 1 61  ? -4.344  10.142  -10.912 1.00 60.79 ? 61  GLU A OE1 1 
ATOM   453  O  OE2 . GLU A 1 61  ? -4.848  9.511   -8.863  1.00 51.42 ? 61  GLU A OE2 1 
ATOM   454  N  N   . LYS A 1 62  ? -2.406  7.437   -11.782 1.00 22.91 ? 62  LYS A N   1 
ATOM   455  C  CA  . LYS A 1 62  ? -3.466  6.469   -11.978 1.00 20.78 ? 62  LYS A CA  1 
ATOM   456  C  C   . LYS A 1 62  ? -2.990  5.033   -11.873 1.00 17.33 ? 62  LYS A C   1 
ATOM   457  O  O   . LYS A 1 62  ? -3.826  4.113   -11.877 1.00 19.16 ? 62  LYS A O   1 
ATOM   458  C  CB  . LYS A 1 62  ? -4.179  6.733   -13.303 1.00 26.52 ? 62  LYS A CB  1 
ATOM   459  C  CG  . LYS A 1 62  ? -5.237  7.835   -13.205 1.00 29.05 ? 62  LYS A CG  1 
ATOM   460  C  CD  . LYS A 1 62  ? -5.607  8.350   -14.588 0.00 29.04 ? 62  LYS A CD  1 
ATOM   461  C  CE  . LYS A 1 62  ? -5.369  9.847   -14.701 0.00 29.04 ? 62  LYS A CE  1 
ATOM   462  N  NZ  . LYS A 1 62  ? -5.619  10.345  -16.082 0.00 29.05 ? 62  LYS A NZ  1 
ATOM   463  N  N   . SER A 1 63  ? -1.705  4.809   -11.732 1.00 18.53 ? 63  SER A N   1 
ATOM   464  C  CA  . SER A 1 63  ? -1.107  3.466   -11.637 1.00 16.49 ? 63  SER A CA  1 
ATOM   465  C  C   . SER A 1 63  ? -1.133  2.907   -10.217 1.00 18.33 ? 63  SER A C   1 
ATOM   466  O  O   . SER A 1 63  ? -0.472  3.470   -9.329  1.00 16.55 ? 63  SER A O   1 
ATOM   467  C  CB  . SER A 1 63  ? 0.320   3.522   -12.157 1.00 19.01 ? 63  SER A CB  1 
ATOM   468  O  OG  . SER A 1 63  ? 1.151   2.455   -11.720 1.00 17.42 ? 63  SER A OG  1 
ATOM   469  N  N   . LEU A 1 64  ? -1.777  1.751   -10.019 1.00 15.30 ? 64  LEU A N   1 
ATOM   470  C  CA  . LEU A 1 64  ? -1.734  1.089   -8.679  1.00 14.18 ? 64  LEU A CA  1 
ATOM   471  C  C   . LEU A 1 64  ? -0.319  0.642   -8.362  1.00 17.57 ? 64  LEU A C   1 
ATOM   472  O  O   . LEU A 1 64  ? 0.103   0.735   -7.184  1.00 16.17 ? 64  LEU A O   1 
ATOM   473  C  CB  . LEU A 1 64  ? -2.676  -0.151  -8.747  1.00 14.53 ? 64  LEU A CB  1 
ATOM   474  C  CG  . LEU A 1 64  ? -2.963  -0.865  -7.441  1.00 17.61 ? 64  LEU A CG  1 
ATOM   475  C  CD1 . LEU A 1 64  ? -3.560  0.039   -6.383  1.00 16.95 ? 64  LEU A CD1 1 
ATOM   476  C  CD2 . LEU A 1 64  ? -3.863  -2.096  -7.604  1.00 14.21 ? 64  LEU A CD2 1 
ATOM   477  N  N   . TYR A 1 65  ? 0.467   0.165   -9.327  1.00 13.68 ? 65  TYR A N   1 
ATOM   478  C  CA  . TYR A 1 65  ? 1.872   -0.238  -9.030  1.00 12.37 ? 65  TYR A CA  1 
ATOM   479  C  C   . TYR A 1 65  ? 2.635   0.939   -8.446  1.00 13.29 ? 65  TYR A C   1 
ATOM   480  O  O   . TYR A 1 65  ? 3.474   0.753   -7.523  1.00 14.63 ? 65  TYR A O   1 
ATOM   481  C  CB  . TYR A 1 65  ? 2.528   -0.651  -10.372 1.00 15.55 ? 65  TYR A CB  1 
ATOM   482  C  CG  . TYR A 1 65  ? 3.980   -1.103  -10.235 1.00 14.62 ? 65  TYR A CG  1 
ATOM   483  C  CD1 . TYR A 1 65  ? 5.019   -0.189  -10.212 1.00 14.38 ? 65  TYR A CD1 1 
ATOM   484  C  CD2 . TYR A 1 65  ? 4.284   -2.447  -10.077 1.00 14.86 ? 65  TYR A CD2 1 
ATOM   485  C  CE1 . TYR A 1 65  ? 6.346   -0.646  -10.089 1.00 14.77 ? 65  TYR A CE1 1 
ATOM   486  C  CE2 . TYR A 1 65  ? 5.578   -2.909  -9.930  1.00 19.45 ? 65  TYR A CE2 1 
ATOM   487  C  CZ  . TYR A 1 65  ? 6.615   -1.967  -9.946  1.00 17.95 ? 65  TYR A CZ  1 
ATOM   488  O  OH  . TYR A 1 65  ? 7.905   -2.438  -9.792  1.00 24.35 ? 65  TYR A OH  1 
ATOM   489  N  N   . TYR A 1 66  ? 2.477   2.131   -9.007  1.00 13.62 ? 66  TYR A N   1 
ATOM   490  C  CA  . TYR A 1 66  ? 3.225   3.307   -8.581  1.00 12.86 ? 66  TYR A CA  1 
ATOM   491  C  C   . TYR A 1 66  ? 2.895   3.755   -7.188  1.00 16.29 ? 66  TYR A C   1 
ATOM   492  O  O   . TYR A 1 66  ? 3.816   4.088   -6.398  1.00 17.66 ? 66  TYR A O   1 
ATOM   493  C  CB  . TYR A 1 66  ? 2.951   4.434   -9.608  1.00 18.15 ? 66  TYR A CB  1 
ATOM   494  C  CG  . TYR A 1 66  ? 3.812   5.678   -9.409  1.00 19.09 ? 66  TYR A CG  1 
ATOM   495  C  CD1 . TYR A 1 66  ? 5.142   5.724   -9.723  1.00 24.21 ? 66  TYR A CD1 1 
ATOM   496  C  CD2 . TYR A 1 66  ? 3.192   6.830   -8.918  1.00 23.41 ? 66  TYR A CD2 1 
ATOM   497  C  CE1 . TYR A 1 66  ? 5.894   6.899   -9.533  1.00 29.30 ? 66  TYR A CE1 1 
ATOM   498  C  CE2 . TYR A 1 66  ? 3.924   7.996   -8.734  1.00 23.81 ? 66  TYR A CE2 1 
ATOM   499  C  CZ  . TYR A 1 66  ? 5.255   8.012   -9.046  1.00 26.41 ? 66  TYR A CZ  1 
ATOM   500  O  OH  . TYR A 1 66  ? 5.956   9.185   -8.860  1.00 35.15 ? 66  TYR A OH  1 
ATOM   501  N  N   . VAL A 1 67  ? 1.623   3.799   -6.812  1.00 14.21 ? 67  VAL A N   1 
ATOM   502  C  CA  . VAL A 1 67  ? 1.210   4.248   -5.495  1.00 12.45 ? 67  VAL A CA  1 
ATOM   503  C  C   . VAL A 1 67  ? 1.584   3.261   -4.405  1.00 15.90 ? 67  VAL A C   1 
ATOM   504  O  O   . VAL A 1 67  ? 1.657   3.635   -3.240  1.00 15.39 ? 67  VAL A O   1 
ATOM   505  C  CB  . VAL A 1 67  ? -0.215  4.716   -5.356  1.00 15.70 ? 67  VAL A CB  1 
ATOM   506  C  CG1 . VAL A 1 67  ? -0.521  5.852   -6.345  1.00 19.51 ? 67  VAL A CG1 1 
ATOM   507  C  CG2 . VAL A 1 67  ? -1.232  3.585   -5.526  1.00 17.00 ? 67  VAL A CG2 1 
ATOM   508  N  N   . VAL A 1 68  ? 1.884   2.024   -4.805  1.00 13.87 ? 68  VAL A N   1 
ATOM   509  C  CA  . VAL A 1 68  ? 2.342   0.996   -3.878  1.00 10.03 ? 68  VAL A CA  1 
ATOM   510  C  C   . VAL A 1 68  ? 3.843   1.029   -3.749  1.00 13.04 ? 68  VAL A C   1 
ATOM   511  O  O   . VAL A 1 68  ? 4.349   0.977   -2.602  1.00 13.16 ? 68  VAL A O   1 
ATOM   512  C  CB  . VAL A 1 68  ? 1.892   -0.415  -4.325  1.00 10.87 ? 68  VAL A CB  1 
ATOM   513  C  CG1 . VAL A 1 68  ? 2.631   -1.523  -3.611  1.00 13.23 ? 68  VAL A CG1 1 
ATOM   514  C  CG2 . VAL A 1 68  ? 0.366   -0.530  -4.034  1.00 12.20 ? 68  VAL A CG2 1 
ATOM   515  N  N   . HIS A 1 69  ? 4.602   1.056   -4.857  1.00 12.72 ? 69  HIS A N   1 
ATOM   516  C  CA  . HIS A 1 69  ? 6.037   0.829   -4.803  1.00 11.57 ? 69  HIS A CA  1 
ATOM   517  C  C   . HIS A 1 69  ? 6.932   2.053   -4.873  1.00 13.43 ? 69  HIS A C   1 
ATOM   518  O  O   . HIS A 1 69  ? 8.166   1.930   -4.702  1.00 14.30 ? 69  HIS A O   1 
ATOM   519  C  CB  . HIS A 1 69  ? 6.388   -0.072  -6.040  1.00 14.76 ? 69  HIS A CB  1 
ATOM   520  C  CG  . HIS A 1 69  ? 5.736   -1.421  -6.051  1.00 12.35 ? 69  HIS A CG  1 
ATOM   521  N  ND1 . HIS A 1 69  ? 4.528   -1.653  -6.663  1.00 12.08 ? 69  HIS A ND1 1 
ATOM   522  C  CD2 . HIS A 1 69  ? 6.203   -2.623  -5.633  1.00 14.93 ? 69  HIS A CD2 1 
ATOM   523  C  CE1 . HIS A 1 69  ? 4.232   -2.947  -6.582  1.00 12.21 ? 69  HIS A CE1 1 
ATOM   524  N  NE2 . HIS A 1 69  ? 5.210   -3.576  -5.923  1.00 13.10 ? 69  HIS A NE2 1 
ATOM   525  N  N   . ALA A 1 70  ? 6.425   3.236   -5.247  1.00 12.10 ? 70  ALA A N   1 
ATOM   526  C  CA  . ALA A 1 70  ? 7.331   4.394   -5.414  1.00 16.18 ? 70  ALA A CA  1 
ATOM   527  C  C   . ALA A 1 70  ? 8.037   4.741   -4.140  1.00 21.27 ? 70  ALA A C   1 
ATOM   528  O  O   . ALA A 1 70  ? 7.480   4.702   -3.042  1.00 24.02 ? 70  ALA A O   1 
ATOM   529  C  CB  . ALA A 1 70  ? 6.603   5.550   -6.044  1.00 20.63 ? 70  ALA A CB  1 
ATOM   530  N  N   . LYS A 1 71  ? 9.351   5.033   -4.260  1.00 30.02 ? 71  LYS A N   1 
ATOM   531  C  CA  . LYS A 1 71  ? 10.182  5.253   -3.124  1.00 38.22 ? 71  LYS A CA  1 
ATOM   532  C  C   . LYS A 1 71  ? 10.192  6.636   -2.564  1.00 49.70 ? 71  LYS A C   1 
ATOM   533  O  O   . LYS A 1 71  ? 10.475  6.821   -1.363  1.00 60.51 ? 71  LYS A O   1 
ATOM   534  C  CB  . LYS A 1 71  ? 11.540  4.621   -3.205  1.00 40.77 ? 71  LYS A CB  1 
ATOM   535  C  CG  . LYS A 1 71  ? 11.682  3.244   -2.556  1.00 40.57 ? 71  LYS A CG  1 
ATOM   536  C  CD  . LYS A 1 71  ? 13.143  2.883   -2.365  1.00 40.58 ? 71  LYS A CD  1 
ATOM   537  C  CE  . LYS A 1 71  ? 13.334  1.986   -1.154  0.00 40.58 ? 71  LYS A CE  1 
ATOM   538  N  NZ  . LYS A 1 71  ? 14.488  2.421   -0.319  0.00 40.59 ? 71  LYS A NZ  1 
ATOM   539  N  N   . GLY A 1 72  ? 9.919   7.665   -3.389  1.00 53.64 ? 72  GLY A N   1 
ATOM   540  C  CA  . GLY A 1 72  ? 9.932   9.022   -2.855  1.00 58.44 ? 72  GLY A CA  1 
ATOM   541  C  C   . GLY A 1 72  ? 9.041   9.977   -3.640  1.00 64.75 ? 72  GLY A C   1 
ATOM   542  O  O   . GLY A 1 72  ? 8.490   9.585   -4.677  1.00 82.49 ? 72  GLY A O   1 
ATOM   543  N  N   . GLU A 1 73  ? 8.929   11.190  -3.155  1.00 64.43 ? 73  GLU A N   1 
ATOM   544  C  CA  . GLU A 1 73  ? 8.270   12.337  -3.636  1.00 58.26 ? 73  GLU A CA  1 
ATOM   545  C  C   . GLU A 1 73  ? 6.812   12.255  -3.968  1.00 49.68 ? 73  GLU A C   1 
ATOM   546  O  O   . GLU A 1 73  ? 6.397   12.687  -5.068  1.00 53.95 ? 73  GLU A O   1 
ATOM   547  C  CB  . GLU A 1 73  ? 9.051   13.040  -4.759  0.00 58.26 ? 73  GLU A CB  1 
ATOM   548  C  CG  . GLU A 1 73  ? 8.484   12.783  -6.145  0.00 58.25 ? 73  GLU A CG  1 
ATOM   549  C  CD  . GLU A 1 73  ? 9.541   12.833  -7.228  0.00 58.25 ? 73  GLU A CD  1 
ATOM   550  O  OE1 . GLU A 1 73  ? 10.264  11.829  -7.405  0.00 58.26 ? 73  GLU A OE1 1 
ATOM   551  O  OE2 . GLU A 1 73  ? 9.650   13.874  -7.908  0.00 58.26 ? 73  GLU A OE2 1 
ATOM   552  N  N   . LEU A 1 74  ? 5.968   11.750  -3.068  1.00 41.61 ? 74  LEU A N   1 
ATOM   553  C  CA  . LEU A 1 74  ? 4.543   11.644  -3.366  1.00 32.57 ? 74  LEU A CA  1 
ATOM   554  C  C   . LEU A 1 74  ? 3.673   12.500  -2.486  1.00 26.79 ? 74  LEU A C   1 
ATOM   555  O  O   . LEU A 1 74  ? 4.082   12.964  -1.402  1.00 26.54 ? 74  LEU A O   1 
ATOM   556  C  CB  . LEU A 1 74  ? 4.103   10.157  -3.290  1.00 32.77 ? 74  LEU A CB  1 
ATOM   557  C  CG  . LEU A 1 74  ? 4.154   9.442   -4.660  1.00 33.63 ? 74  LEU A CG  1 
ATOM   558  C  CD1 . LEU A 1 74  ? 5.519   9.575   -5.292  1.00 37.48 ? 74  LEU A CD1 1 
ATOM   559  C  CD2 . LEU A 1 74  ? 3.803   7.972   -4.459  1.00 49.19 ? 74  LEU A CD2 1 
ATOM   560  N  N   . LYS A 1 75  ? 2.420   12.697  -2.895  1.00 24.35 ? 75  LYS A N   1 
ATOM   561  C  CA  . LYS A 1 75  ? 1.447   13.482  -2.156  1.00 26.41 ? 75  LYS A CA  1 
ATOM   562  C  C   . LYS A 1 75  ? 0.847   12.752  -0.964  1.00 24.70 ? 75  LYS A C   1 
ATOM   563  O  O   . LYS A 1 75  ? 0.258   13.424  -0.101  1.00 24.72 ? 75  LYS A O   1 
ATOM   564  C  CB  . LYS A 1 75  ? 0.297   13.931  -3.092  1.00 28.98 ? 75  LYS A CB  1 
ATOM   565  C  CG  . LYS A 1 75  ? 0.630   15.221  -3.845  1.00 32.63 ? 75  LYS A CG  1 
ATOM   566  C  CD  . LYS A 1 75  ? -0.376  15.470  -4.957  0.00 32.63 ? 75  LYS A CD  1 
ATOM   567  C  CE  . LYS A 1 75  ? -0.983  16.861  -4.852  0.00 32.63 ? 75  LYS A CE  1 
ATOM   568  N  NZ  . LYS A 1 75  ? -1.924  16.970  -3.705  0.00 32.64 ? 75  LYS A NZ  1 
ATOM   569  N  N   . HIS A 1 76  ? 0.936   11.445  -0.933  1.00 19.74 ? 76  HIS A N   1 
ATOM   570  C  CA  . HIS A 1 76  ? 0.510   10.614  0.215   1.00 18.82 ? 76  HIS A CA  1 
ATOM   571  C  C   . HIS A 1 76  ? 1.551   9.476   0.346   1.00 19.64 ? 76  HIS A C   1 
ATOM   572  O  O   . HIS A 1 76  ? 2.351   9.310   -0.586  1.00 17.68 ? 76  HIS A O   1 
ATOM   573  C  CB  . HIS A 1 76  ? -0.866  9.961   -0.099  1.00 19.23 ? 76  HIS A CB  1 
ATOM   574  C  CG  . HIS A 1 76  ? -1.934  11.009  -0.261  1.00 21.42 ? 76  HIS A CG  1 
ATOM   575  N  ND1 . HIS A 1 76  ? -2.321  11.817  0.786   1.00 23.23 ? 76  HIS A ND1 1 
ATOM   576  C  CD2 . HIS A 1 76  ? -2.658  11.370  -1.346  1.00 23.79 ? 76  HIS A CD2 1 
ATOM   577  C  CE1 . HIS A 1 76  ? -3.252  12.662  0.339   1.00 22.95 ? 76  HIS A CE1 1 
ATOM   578  N  NE2 . HIS A 1 76  ? -3.476  12.415  -0.940  1.00 25.28 ? 76  HIS A NE2 1 
ATOM   579  N  N   . THR A 1 77  ? 1.599   8.799   1.476   1.00 16.64 ? 77  THR A N   1 
ATOM   580  C  CA  . THR A 1 77  ? 2.657   7.809   1.711   1.00 15.52 ? 77  THR A CA  1 
ATOM   581  C  C   . THR A 1 77  ? 2.368   6.480   1.039   1.00 17.11 ? 77  THR A C   1 
ATOM   582  O  O   . THR A 1 77  ? 1.306   5.882   1.241   1.00 18.50 ? 77  THR A O   1 
ATOM   583  C  CB  . THR A 1 77  ? 2.825   7.581   3.249   1.00 24.01 ? 77  THR A CB  1 
ATOM   584  O  OG1 . THR A 1 77  ? 3.048   8.921   3.832   1.00 25.09 ? 77  THR A OG1 1 
ATOM   585  C  CG2 . THR A 1 77  ? 4.186   6.865   3.465   1.00 26.83 ? 77  THR A CG2 1 
ATOM   586  N  N   . SER A 1 78  ? 3.344   5.960   0.294   1.00 17.35 ? 78  SER A N   1 
ATOM   587  C  CA  . SER A 1 78  ? 3.214   4.645   -0.340  1.00 14.84 ? 78  SER A CA  1 
ATOM   588  C  C   . SER A 1 78  ? 3.678   3.532   0.591   1.00 15.05 ? 78  SER A C   1 
ATOM   589  O  O   . SER A 1 78  ? 4.311   3.800   1.623   1.00 13.91 ? 78  SER A O   1 
ATOM   590  C  CB  . SER A 1 78  ? 4.090   4.611   -1.613  1.00 16.34 ? 78  SER A CB  1 
ATOM   591  O  OG  . SER A 1 78  ? 5.464   4.570   -1.222  1.00 19.13 ? 78  SER A OG  1 
ATOM   592  N  N   . CYS A 1 79  ? 3.372   2.278   0.242   1.00 13.58 ? 79  CYS A N   1 
ATOM   593  C  CA  . CYS A 1 79  ? 3.816   1.162   1.120   1.00 11.47 ? 79  CYS A CA  1 
ATOM   594  C  C   . CYS A 1 79  ? 5.345   1.182   1.272   1.00 10.67 ? 79  CYS A C   1 
ATOM   595  O  O   . CYS A 1 79  ? 5.861   1.049   2.406   1.00 12.52 ? 79  CYS A O   1 
ATOM   596  C  CB  . CYS A 1 79  ? 3.432   -0.206  0.520   1.00 11.87 ? 79  CYS A CB  1 
ATOM   597  S  SG  . CYS A 1 79  ? 1.743   -0.408  -0.117  1.00 11.86 ? 79  CYS A SG  1 
ATOM   598  N  N   . LEU A 1 80  ? 6.075   1.282   0.154   1.00 10.04 ? 80  LEU A N   1 
ATOM   599  C  CA  . LEU A 1 80  ? 7.549   1.267   0.189   1.00 10.71 ? 80  LEU A CA  1 
ATOM   600  C  C   . LEU A 1 80  ? 8.166   2.467   0.854   1.00 10.97 ? 80  LEU A C   1 
ATOM   601  O  O   . LEU A 1 80  ? 9.228   2.312   1.526   1.00 16.27 ? 80  LEU A O   1 
ATOM   602  C  CB  . LEU A 1 80  ? 8.122   1.008   -1.187  1.00 15.47 ? 80  LEU A CB  1 
ATOM   603  C  CG  . LEU A 1 80  ? 8.341   -0.404  -1.698  1.00 21.08 ? 80  LEU A CG  1 
ATOM   604  C  CD1 . LEU A 1 80  ? 9.678   -0.968  -1.249  1.00 33.24 ? 80  LEU A CD1 1 
ATOM   605  C  CD2 . LEU A 1 80  ? 7.225   -1.356  -1.420  1.00 22.20 ? 80  LEU A CD2 1 
ATOM   606  N  N   . ALA A 1 81  ? 7.592   3.661   0.801   1.00 13.21 ? 81  ALA A N   1 
ATOM   607  C  CA  . ALA A 1 81  ? 8.136   4.835   1.467   1.00 13.23 ? 81  ALA A CA  1 
ATOM   608  C  C   . ALA A 1 81  ? 8.159   4.672   2.964   1.00 13.85 ? 81  ALA A C   1 
ATOM   609  O  O   . ALA A 1 81  ? 9.155   4.938   3.644   1.00 15.64 ? 81  ALA A O   1 
ATOM   610  C  CB  . ALA A 1 81  ? 7.428   6.122   1.070   1.00 17.69 ? 81  ALA A CB  1 
ATOM   611  N  N   . CYS A 1 82  ? 7.024   4.229   3.544   1.00 11.09 ? 82  CYS A N   1 
ATOM   612  C  CA  . CYS A 1 82  ? 7.033   4.036   4.980   1.00 10.50 ? 82  CYS A CA  1 
ATOM   613  C  C   . CYS A 1 82  ? 7.910   2.873   5.386   1.00 12.49 ? 82  CYS A C   1 
ATOM   614  O  O   . CYS A 1 82  ? 8.665   2.944   6.380   1.00 11.61 ? 82  CYS A O   1 
ATOM   615  C  CB  . CYS A 1 82  ? 5.590   3.837   5.527   1.00 12.58 ? 82  CYS A CB  1 
ATOM   616  S  SG  . CYS A 1 82  ? 5.629   3.517   7.326   1.00 12.46 ? 82  CYS A SG  1 
ATOM   617  N  N   . HIS A 1 83  ? 7.857   1.741   4.672   1.00 9.55  ? 83  HIS A N   1 
ATOM   618  C  CA  . HIS A 1 83  ? 8.658   0.593   5.070   1.00 8.24  ? 83  HIS A CA  1 
ATOM   619  C  C   . HIS A 1 83  ? 10.165  0.925   5.018   1.00 10.45 ? 83  HIS A C   1 
ATOM   620  O  O   . HIS A 1 83  ? 10.912  0.444   5.847   1.00 11.31 ? 83  HIS A O   1 
ATOM   621  C  CB  . HIS A 1 83  ? 8.365   -0.627  4.175   1.00 11.10 ? 83  HIS A CB  1 
ATOM   622  C  CG  . HIS A 1 83  ? 7.074   -1.347  4.507   1.00 9.16  ? 83  HIS A CG  1 
ATOM   623  N  ND1 . HIS A 1 83  ? 6.811   -2.609  3.969   1.00 8.86  ? 83  HIS A ND1 1 
ATOM   624  C  CD2 . HIS A 1 83  ? 6.053   -1.024  5.313   1.00 9.99  ? 83  HIS A CD2 1 
ATOM   625  C  CE1 . HIS A 1 83  ? 5.633   -3.023  4.477   1.00 10.24 ? 83  HIS A CE1 1 
ATOM   626  N  NE2 . HIS A 1 83  ? 5.150   -2.069  5.259   1.00 9.30  ? 83  HIS A NE2 1 
ATOM   627  N  N   . SER A 1 84  ? 10.593  1.762   4.075   1.00 12.81 ? 84  SER A N   1 
ATOM   628  C  CA  . SER A 1 84  ? 12.019  2.162   4.050   1.00 13.06 ? 84  SER A CA  1 
ATOM   629  C  C   . SER A 1 84  ? 12.434  2.939   5.286   1.00 13.52 ? 84  SER A C   1 
ATOM   630  O  O   . SER A 1 84  ? 13.580  2.737   5.796   1.00 13.45 ? 84  SER A O   1 
ATOM   631  C  CB  . SER A 1 84  ? 12.250  2.994   2.787   1.00 18.28 ? 84  SER A CB  1 
ATOM   632  O  OG  A SER A 1 84  ? 12.153  2.164   1.634   0.44 15.83 ? 84  SER A OG  1 
ATOM   633  O  OG  B SER A 1 84  ? 11.603  4.255   2.890   0.44 23.29 ? 84  SER A OG  1 
ATOM   634  O  OG  C SER A 1 84  ? 13.482  3.686   2.885   0.44 23.61 ? 84  SER A OG  1 
ATOM   635  N  N   . LYS A 1 85  ? 11.520  3.725   5.861   1.00 12.02 ? 85  LYS A N   1 
ATOM   636  C  CA  . LYS A 1 85  ? 11.880  4.422   7.118   1.00 13.15 ? 85  LYS A CA  1 
ATOM   637  C  C   . LYS A 1 85  ? 11.934  3.483   8.296   1.00 15.43 ? 85  LYS A C   1 
ATOM   638  O  O   . LYS A 1 85  ? 12.739  3.646   9.240   1.00 16.07 ? 85  LYS A O   1 
ATOM   639  C  CB  . LYS A 1 85  ? 10.862  5.555   7.376   1.00 11.37 ? 85  LYS A CB  1 
ATOM   640  C  CG  . LYS A 1 85  ? 10.988  6.646   6.299   1.00 15.27 ? 85  LYS A CG  1 
ATOM   641  C  CD  . LYS A 1 85  ? 9.871   7.685   6.510   1.00 18.57 ? 85  LYS A CD  1 
ATOM   642  C  CE  . LYS A 1 85  ? 10.074  8.825   5.508   1.00 22.02 ? 85  LYS A CE  1 
ATOM   643  N  NZ  . LYS A 1 85  ? 8.973   9.813   5.603   1.00 34.02 ? 85  LYS A NZ  1 
ATOM   644  N  N   . VAL A 1 86  ? 11.047  2.481   8.311   1.00 10.54 ? 86  VAL A N   1 
ATOM   645  C  CA  . VAL A 1 86  ? 11.041  1.490   9.410   1.00 10.03 ? 86  VAL A CA  1 
ATOM   646  C  C   . VAL A 1 86  ? 12.331  0.680   9.366   1.00 12.36 ? 86  VAL A C   1 
ATOM   647  O  O   . VAL A 1 86  ? 12.922  0.418   10.422  1.00 13.79 ? 86  VAL A O   1 
ATOM   648  C  CB  . VAL A 1 86  ? 9.823   0.526   9.216   1.00 11.80 ? 86  VAL A CB  1 
ATOM   649  C  CG1 . VAL A 1 86  ? 9.873   -0.603  10.255  1.00 14.37 ? 86  VAL A CG1 1 
ATOM   650  C  CG2 . VAL A 1 86  ? 8.542   1.371   9.452   1.00 13.69 ? 86  VAL A CG2 1 
ATOM   651  N  N   . VAL A 1 87  ? 12.772  0.236   8.182   1.00 11.16 ? 87  VAL A N   1 
ATOM   652  C  CA  . VAL A 1 87  ? 13.996  -0.539  8.030   1.00 12.80 ? 87  VAL A CA  1 
ATOM   653  C  C   . VAL A 1 87  ? 15.225  0.240   8.406   1.00 14.99 ? 87  VAL A C   1 
ATOM   654  O  O   . VAL A 1 87  ? 16.225  -0.361  8.899   1.00 17.10 ? 87  VAL A O   1 
ATOM   655  C  CB  . VAL A 1 87  ? 14.089  -1.059  6.566   1.00 18.81 ? 87  VAL A CB  1 
ATOM   656  C  CG1 . VAL A 1 87  ? 15.451  -1.506  6.196   1.00 31.92 ? 87  VAL A CG1 1 
ATOM   657  C  CG2 . VAL A 1 87  ? 13.037  -2.234  6.437   1.00 17.31 ? 87  VAL A CG2 1 
ATOM   658  N  N   . ALA A 1 88  ? 15.241  1.562   8.299   1.00 12.82 ? 88  ALA A N   1 
ATOM   659  C  CA  . ALA A 1 88  ? 16.430  2.323   8.791   1.00 13.87 ? 88  ALA A CA  1 
ATOM   660  C  C   . ALA A 1 88  ? 16.545  2.193   10.278  1.00 15.78 ? 88  ALA A C   1 
ATOM   661  O  O   . ALA A 1 88  ? 17.676  2.128   10.866  1.00 18.55 ? 88  ALA A O   1 
ATOM   662  C  CB  . ALA A 1 88  ? 16.255  3.790   8.374   1.00 14.08 ? 88  ALA A CB  1 
ATOM   663  N  N   . GLU A 1 89  ? 15.438  2.095   11.011  1.00 14.30 ? 89  GLU A N   1 
ATOM   664  C  CA  . GLU A 1 89  ? 15.474  1.954   12.439  1.00 15.99 ? 89  GLU A CA  1 
ATOM   665  C  C   . GLU A 1 89  ? 15.521  0.502   12.875  1.00 17.81 ? 89  GLU A C   1 
ATOM   666  O  O   . GLU A 1 89  ? 15.923  0.209   13.990  1.00 19.88 ? 89  GLU A O   1 
ATOM   667  C  CB  . GLU A 1 89  ? 14.202  2.625   13.044  1.00 17.69 ? 89  GLU A CB  1 
ATOM   668  C  CG  . GLU A 1 89  ? 14.242  4.113   12.832  1.00 15.26 ? 89  GLU A CG  1 
ATOM   669  C  CD  . GLU A 1 89  ? 12.965  4.820   13.279  1.00 17.55 ? 89  GLU A CD  1 
ATOM   670  O  OE1 . GLU A 1 89  ? 12.011  4.196   13.764  1.00 17.51 ? 89  GLU A OE1 1 
ATOM   671  O  OE2 . GLU A 1 89  ? 12.959  6.052   13.128  1.00 18.64 ? 89  GLU A OE2 1 
ATOM   672  N  N   . LYS A 1 90  ? 15.104  -0.403  11.977  1.00 15.31 ? 90  LYS A N   1 
ATOM   673  C  CA  . LYS A 1 90  ? 15.138  -1.855  12.340  1.00 17.39 ? 90  LYS A CA  1 
ATOM   674  C  C   . LYS A 1 90  ? 15.697  -2.601  11.134  1.00 15.95 ? 90  LYS A C   1 
ATOM   675  O  O   . LYS A 1 90  ? 14.933  -3.187  10.341  1.00 13.42 ? 90  LYS A O   1 
ATOM   676  C  CB  . LYS A 1 90  ? 13.700  -2.322  12.637  1.00 22.86 ? 90  LYS A CB  1 
ATOM   677  C  CG  . LYS A 1 90  ? 13.110  -1.717  13.914  1.00 25.00 ? 90  LYS A CG  1 
ATOM   678  C  CD  . LYS A 1 90  ? 11.716  -2.259  14.207  1.00 28.43 ? 90  LYS A CD  1 
ATOM   679  C  CE  . LYS A 1 90  ? 11.733  -3.729  14.589  1.00 30.21 ? 90  LYS A CE  1 
ATOM   680  N  NZ  A LYS A 1 90  ? 11.706  -3.931  16.061  0.41 31.24 ? 90  LYS A NZ  1 
ATOM   681  N  NZ  B LYS A 1 90  ? 10.454  -4.071  15.279  0.59 34.05 ? 90  LYS A NZ  1 
ATOM   682  N  N   . PRO A 1 91  ? 17.010  -2.560  10.902  1.00 13.92 ? 91  PRO A N   1 
ATOM   683  C  CA  . PRO A 1 91  ? 17.617  -3.131  9.718   1.00 11.22 ? 91  PRO A CA  1 
ATOM   684  C  C   . PRO A 1 91  ? 17.463  -4.644  9.562   1.00 12.88 ? 91  PRO A C   1 
ATOM   685  O  O   . PRO A 1 91  ? 17.609  -5.142  8.426   1.00 15.44 ? 91  PRO A O   1 
ATOM   686  C  CB  . PRO A 1 91  ? 19.088  -2.753  9.781   1.00 16.80 ? 91  PRO A CB  1 
ATOM   687  C  CG  . PRO A 1 91  ? 19.273  -2.091  11.092  1.00 21.54 ? 91  PRO A CG  1 
ATOM   688  C  CD  . PRO A 1 91  ? 18.003  -1.955  11.817  1.00 19.29 ? 91  PRO A CD  1 
ATOM   689  N  N   . GLU A 1 92  ? 17.158  -5.332  10.648  1.00 13.06 ? 92  GLU A N   1 
ATOM   690  C  CA  . GLU A 1 92  ? 16.963  -6.799  10.574  1.00 15.56 ? 92  GLU A CA  1 
ATOM   691  C  C   . GLU A 1 92  ? 15.753  -7.089  9.670   1.00 17.52 ? 92  GLU A C   1 
ATOM   692  O  O   . GLU A 1 92  ? 15.599  -8.235  9.240   1.00 18.16 ? 92  GLU A O   1 
ATOM   693  C  CB  . GLU A 1 92  ? 16.599  -7.295  12.002  1.00 18.92 ? 92  GLU A CB  1 
ATOM   694  C  CG  . GLU A 1 92  ? 15.418  -6.549  12.600  0.00 18.92 ? 92  GLU A CG  1 
ATOM   695  C  CD  . GLU A 1 92  ? 15.843  -5.363  13.441  0.00 18.92 ? 92  GLU A CD  1 
ATOM   696  O  OE1 . GLU A 1 92  ? 16.834  -4.697  13.075  0.00 18.92 ? 92  GLU A OE1 1 
ATOM   697  O  OE2 . GLU A 1 92  ? 15.186  -5.095  14.469  0.00 18.92 ? 92  GLU A OE2 1 
ATOM   698  N  N   . LEU A 1 93  ? 14.895  -6.087  9.427   1.00 14.05 ? 93  LEU A N   1 
ATOM   699  C  CA  . LEU A 1 93  ? 13.650  -6.392  8.657   1.00 16.21 ? 93  LEU A CA  1 
ATOM   700  C  C   . LEU A 1 93  ? 13.732  -6.018  7.205   1.00 18.25 ? 93  LEU A C   1 
ATOM   701  O  O   . LEU A 1 93  ? 12.722  -5.983  6.480   1.00 14.30 ? 93  LEU A O   1 
ATOM   702  C  CB  . LEU A 1 93  ? 12.485  -5.592  9.305   1.00 14.06 ? 93  LEU A CB  1 
ATOM   703  C  CG  . LEU A 1 93  ? 12.114  -5.929  10.740  1.00 21.72 ? 93  LEU A CG  1 
ATOM   704  C  CD1 . LEU A 1 93  ? 10.872  -5.120  11.164  1.00 24.66 ? 93  LEU A CD1 1 
ATOM   705  C  CD2 . LEU A 1 93  ? 11.799  -7.424  10.888  1.00 23.53 ? 93  LEU A CD2 1 
ATOM   706  N  N   . LYS A 1 94  ? 14.918  -5.668  6.668   1.00 13.80 ? 94  LYS A N   1 
ATOM   707  C  CA  . LYS A 1 94  ? 15.035  -5.161  5.326   1.00 13.35 ? 94  LYS A CA  1 
ATOM   708  C  C   . LYS A 1 94  ? 14.407  -6.028  4.275   1.00 15.65 ? 94  LYS A C   1 
ATOM   709  O  O   . LYS A 1 94  ? 13.595  -5.603  3.434   1.00 14.38 ? 94  LYS A O   1 
ATOM   710  C  CB  . LYS A 1 94  ? 16.568  -4.997  5.004   1.00 16.30 ? 94  LYS A CB  1 
ATOM   711  C  CG  . LYS A 1 94  ? 16.753  -4.299  3.660   1.00 18.98 ? 94  LYS A CG  1 
ATOM   712  C  CD  . LYS A 1 94  ? 18.258  -4.229  3.303   1.00 28.13 ? 94  LYS A CD  1 
ATOM   713  C  CE  . LYS A 1 94  ? 18.395  -3.417  1.991   1.00 32.32 ? 94  LYS A CE  1 
ATOM   714  N  NZ  . LYS A 1 94  ? 18.974  -4.269  0.913   0.00 32.32 ? 94  LYS A NZ  1 
ATOM   715  N  N   . LYS A 1 95  ? 14.795  -7.336  4.288   1.00 15.52 ? 95  LYS A N   1 
ATOM   716  C  CA  . LYS A 1 95  ? 14.239  -8.210  3.229   1.00 13.35 ? 95  LYS A CA  1 
ATOM   717  C  C   . LYS A 1 95  ? 12.774  -8.475  3.434   1.00 11.36 ? 95  LYS A C   1 
ATOM   718  O  O   . LYS A 1 95  ? 12.001  -8.410  2.448   1.00 17.26 ? 95  LYS A O   1 
ATOM   719  C  CB  . LYS A 1 95  ? 15.032  -9.549  3.252   1.00 21.57 ? 95  LYS A CB  1 
ATOM   720  C  CG  . LYS A 1 95  ? 14.870  -10.312 1.919   1.00 31.60 ? 95  LYS A CG  1 
ATOM   721  C  CD  . LYS A 1 95  ? 15.454  -11.707 2.041   0.00 31.60 ? 95  LYS A CD  1 
ATOM   722  C  CE  . LYS A 1 95  ? 15.588  -12.372 0.681   0.00 31.60 ? 95  LYS A CE  1 
ATOM   723  N  NZ  . LYS A 1 95  ? 15.528  -11.382 -0.430  0.00 31.60 ? 95  LYS A NZ  1 
ATOM   724  N  N   . ASP A 1 96  ? 12.303  -8.676  4.664   1.00 14.19 ? 96  ASP A N   1 
ATOM   725  C  CA  . ASP A 1 96  ? 10.856  -8.948  4.860   1.00 13.49 ? 96  ASP A CA  1 
ATOM   726  C  C   . ASP A 1 96  ? 9.981   -7.812  4.387   1.00 10.29 ? 96  ASP A C   1 
ATOM   727  O  O   . ASP A 1 96  ? 8.863   -8.037  3.905   1.00 12.13 ? 96  ASP A O   1 
ATOM   728  C  CB  . ASP A 1 96  ? 10.613  -9.099  6.394   1.00 16.60 ? 96  ASP A CB  1 
ATOM   729  C  CG  . ASP A 1 96  ? 11.023  -10.443 6.930   1.00 27.00 ? 96  ASP A CG  1 
ATOM   730  O  OD1 . ASP A 1 96  ? 11.247  -11.383 6.120   1.00 30.66 ? 96  ASP A OD1 1 
ATOM   731  O  OD2 . ASP A 1 96  ? 11.149  -10.590 8.156   1.00 32.76 ? 96  ASP A OD2 1 
ATOM   732  N  N   . LEU A 1 97  ? 10.392  -6.539  4.622   1.00 10.78 ? 97  LEU A N   1 
ATOM   733  C  CA  . LEU A 1 97  ? 9.524   -5.406  4.362   1.00 10.23 ? 97  LEU A CA  1 
ATOM   734  C  C   . LEU A 1 97  ? 9.793   -4.698  3.046   1.00 11.81 ? 97  LEU A C   1 
ATOM   735  O  O   . LEU A 1 97  ? 8.920   -3.925  2.608   1.00 12.80 ? 97  LEU A O   1 
ATOM   736  C  CB  . LEU A 1 97  ? 9.620   -4.339  5.482   1.00 11.08 ? 97  LEU A CB  1 
ATOM   737  C  CG  . LEU A 1 97  ? 9.197   -4.738  6.882   1.00 15.12 ? 97  LEU A CG  1 
ATOM   738  C  CD1 . LEU A 1 97  ? 9.215   -3.537  7.827   1.00 17.09 ? 97  LEU A CD1 1 
ATOM   739  C  CD2 . LEU A 1 97  ? 7.895   -5.453  6.938   1.00 20.69 ? 97  LEU A CD2 1 
ATOM   740  N  N   . THR A 1 98  ? 10.972  -4.841  2.437   1.00 12.55 ? 98  THR A N   1 
ATOM   741  C  CA  . THR A 1 98  ? 11.288  -4.199  1.189   1.00 12.87 ? 98  THR A CA  1 
ATOM   742  C  C   . THR A 1 98  ? 11.711  -5.073  0.032   1.00 15.36 ? 98  THR A C   1 
ATOM   743  O  O   . THR A 1 98  ? 11.855  -4.543  -1.106  1.00 17.42 ? 98  THR A O   1 
ATOM   744  C  CB  . THR A 1 98  ? 12.275  -3.028  1.319   1.00 13.27 ? 98  THR A CB  1 
ATOM   745  O  OG1 . THR A 1 98  ? 13.572  -3.566  1.719   1.00 18.62 ? 98  THR A OG1 1 
ATOM   746  C  CG2 . THR A 1 98  ? 11.865  -2.092  2.455   1.00 14.84 ? 98  THR A CG2 1 
ATOM   747  N  N   . GLY A 1 99  ? 11.931  -6.361  0.199   1.00 13.85 ? 99  GLY A N   1 
ATOM   748  C  CA  . GLY A 1 99  ? 12.422  -7.193  -0.901  1.00 15.03 ? 99  GLY A CA  1 
ATOM   749  C  C   . GLY A 1 99  ? 11.459  -7.430  -2.011  1.00 18.33 ? 99  GLY A C   1 
ATOM   750  O  O   . GLY A 1 99  ? 10.247  -7.554  -1.796  1.00 17.90 ? 99  GLY A O   1 
ATOM   751  N  N   . CYS A 1 100 ? 11.987  -7.566  -3.246  1.00 15.44 ? 100 CYS A N   1 
ATOM   752  C  CA  . CYS A 1 100 ? 11.158  -7.844  -4.412  1.00 15.52 ? 100 CYS A CA  1 
ATOM   753  C  C   . CYS A 1 100 ? 10.913  -9.348  -4.584  1.00 17.47 ? 100 CYS A C   1 
ATOM   754  O  O   . CYS A 1 100 ? 9.934   -9.720  -5.254  1.00 21.02 ? 100 CYS A O   1 
ATOM   755  C  CB  . CYS A 1 100 ? 11.853  -7.328  -5.673  1.00 21.63 ? 100 CYS A CB  1 
ATOM   756  S  SG  . CYS A 1 100 ? 12.403  -5.628  -5.658  1.00 16.29 ? 100 CYS A SG  1 
ATOM   757  N  N   . ALA A 1 101 ? 11.678  -10.169 -3.912  1.00 21.42 ? 101 ALA A N   1 
ATOM   758  C  CA  . ALA A 1 101 ? 11.449  -11.635 -3.876  1.00 22.79 ? 101 ALA A CA  1 
ATOM   759  C  C   . ALA A 1 101 ? 11.779  -12.163 -2.495  1.00 17.32 ? 101 ALA A C   1 
ATOM   760  O  O   . ALA A 1 101 ? 12.638  -11.590 -1.822  1.00 24.44 ? 101 ALA A O   1 
ATOM   761  C  CB  . ALA A 1 101 ? 12.253  -12.331 -4.948  1.00 30.83 ? 101 ALA A CB  1 
ATOM   762  N  N   . LYS A 1 102 ? 11.061  -13.184 -2.041  1.00 18.09 ? 102 LYS A N   1 
ATOM   763  C  CA  . LYS A 1 102 ? 11.213  -13.734 -0.726  1.00 22.12 ? 102 LYS A CA  1 
ATOM   764  C  C   . LYS A 1 102 ? 10.962  -12.742 0.396   1.00 21.45 ? 102 LYS A C   1 
ATOM   765  O  O   . LYS A 1 102 ? 11.596  -12.785 1.437   1.00 23.02 ? 102 LYS A O   1 
ATOM   766  C  CB  . LYS A 1 102 ? 12.560  -14.446 -0.527  1.00 26.69 ? 102 LYS A CB  1 
ATOM   767  C  CG  . LYS A 1 102 ? 12.705  -15.663 -1.455  1.00 30.00 ? 102 LYS A CG  1 
ATOM   768  C  CD  . LYS A 1 102 ? 14.164  -15.878 -1.822  0.00 30.00 ? 102 LYS A CD  1 
ATOM   769  C  CE  . LYS A 1 102 ? 14.704  -14.715 -2.639  0.00 30.00 ? 102 LYS A CE  1 
ATOM   770  N  NZ  . LYS A 1 102 ? 16.164  -14.519 -2.425  0.00 30.00 ? 102 LYS A NZ  1 
ATOM   771  N  N   . SER A 1 103 ? 10.021  -11.819 0.176   1.00 18.46 ? 103 SER A N   1 
ATOM   772  C  CA  . SER A 1 103 ? 9.639   -10.864 1.255   1.00 16.45 ? 103 SER A CA  1 
ATOM   773  C  C   . SER A 1 103 ? 8.269   -11.278 1.787   1.00 16.19 ? 103 SER A C   1 
ATOM   774  O  O   . SER A 1 103 ? 7.669   -12.238 1.299   1.00 16.01 ? 103 SER A O   1 
ATOM   775  C  CB  . SER A 1 103 ? 9.586   -9.450  0.682   1.00 13.70 ? 103 SER A CB  1 
ATOM   776  O  OG  . SER A 1 103 ? 8.581   -9.384  -0.393  1.00 15.14 ? 103 SER A OG  1 
ATOM   777  N  N   . LYS A 1 104 ? 7.725   -10.566 2.788   1.00 13.44 ? 104 LYS A N   1 
ATOM   778  C  CA  . LYS A 1 104 ? 6.379   -10.854 3.257   1.00 11.03 ? 104 LYS A CA  1 
ATOM   779  C  C   . LYS A 1 104 ? 5.316   -10.459 2.241   1.00 13.19 ? 104 LYS A C   1 
ATOM   780  O  O   . LYS A 1 104 ? 4.202   -11.024 2.290   1.00 15.52 ? 104 LYS A O   1 
ATOM   781  C  CB  . LYS A 1 104 ? 6.125   -10.162 4.598   1.00 14.45 ? 104 LYS A CB  1 
ATOM   782  C  CG  . LYS A 1 104 ? 7.093   -10.650 5.697   1.00 17.16 ? 104 LYS A CG  1 
ATOM   783  C  CD  . LYS A 1 104 ? 6.880   -12.149 5.947   1.00 17.81 ? 104 LYS A CD  1 
ATOM   784  C  CE  . LYS A 1 104 ? 7.572   -12.528 7.267   1.00 25.47 ? 104 LYS A CE  1 
ATOM   785  N  NZ  . LYS A 1 104 ? 8.040   -13.942 7.218   1.00 40.29 ? 104 LYS A NZ  1 
ATOM   786  N  N   . CYS A 1 105 ? 5.580   -9.552  1.316   1.00 12.45 ? 105 CYS A N   1 
ATOM   787  C  CA  . CYS A 1 105 ? 4.610   -9.224  0.259   1.00 12.75 ? 105 CYS A CA  1 
ATOM   788  C  C   . CYS A 1 105 ? 4.695   -10.193 -0.912  1.00 12.17 ? 105 CYS A C   1 
ATOM   789  O  O   . CYS A 1 105 ? 3.663   -10.548 -1.513  1.00 13.96 ? 105 CYS A O   1 
ATOM   790  C  CB  . CYS A 1 105 ? 4.836   -7.797  -0.285  1.00 12.14 ? 105 CYS A CB  1 
ATOM   791  S  SG  . CYS A 1 105 ? 4.844   -6.537  1.039   1.00 13.50 ? 105 CYS A SG  1 
ATOM   792  N  N   . HIS A 1 106 ? 5.912   -10.599 -1.295  1.00 12.60 ? 106 HIS A N   1 
ATOM   793  C  CA  . HIS A 1 106 ? 6.048   -11.499 -2.471  1.00 12.82 ? 106 HIS A CA  1 
ATOM   794  C  C   . HIS A 1 106 ? 6.903   -12.697 -1.977  1.00 16.95 ? 106 HIS A C   1 
ATOM   795  O  O   . HIS A 1 106 ? 8.118   -12.708 -2.167  1.00 16.95 ? 106 HIS A O   1 
ATOM   796  C  CB  . HIS A 1 106 ? 6.836   -10.747 -3.560  1.00 12.08 ? 106 HIS A CB  1 
ATOM   797  C  CG  . HIS A 1 106 ? 6.138   -9.588  -4.209  1.00 11.64 ? 106 HIS A CG  1 
ATOM   798  N  ND1 . HIS A 1 106 ? 4.960   -9.674  -4.931  1.00 14.96 ? 106 HIS A ND1 1 
ATOM   799  C  CD2 . HIS A 1 106 ? 6.509   -8.270  -4.265  1.00 12.23 ? 106 HIS A CD2 1 
ATOM   800  C  CE1 . HIS A 1 106 ? 4.621   -8.467  -5.382  1.00 12.70 ? 106 HIS A CE1 1 
ATOM   801  N  NE2 . HIS A 1 106 ? 5.551   -7.607  -5.008  1.00 14.46 ? 106 HIS A NE2 1 
ATOM   802  N  N   . PRO A 1 107 ? 6.262   -13.629 -1.271  1.00 16.89 ? 107 PRO A N   1 
ATOM   803  C  CA  . PRO A 1 107 ? 6.957   -14.728 -0.639  1.00 19.87 ? 107 PRO A CA  1 
ATOM   804  C  C   . PRO A 1 107 ? 7.627   -15.706 -1.598  1.00 29.17 ? 107 PRO A C   1 
ATOM   805  O  O   . PRO A 1 107 ? 7.240   -15.745 -2.790  1.00 26.48 ? 107 PRO A O   1 
ATOM   806  C  CB  . PRO A 1 107 ? 5.886   -15.465 0.167   1.00 23.37 ? 107 PRO A CB  1 
ATOM   807  C  CG  . PRO A 1 107 ? 4.584   -14.853 -0.176  1.00 22.29 ? 107 PRO A CG  1 
ATOM   808  C  CD  . PRO A 1 107 ? 4.795   -13.681 -1.045  1.00 18.33 ? 107 PRO A CD  1 
ATOM   809  O  OXT . PRO A 1 107 ? 8.500   -16.487 -1.143  1.00 33.38 ? 107 PRO A OXT 1 
HETATM 810  C  CHA . HEM B 2 .   ? -8.977  -2.405  2.993   1.00 11.82 ? 201 HEM A CHA 1 
HETATM 811  C  CHB . HEM B 2 .   ? -10.820 -0.051  6.825   1.00 15.05 ? 201 HEM A CHB 1 
HETATM 812  C  CHC . HEM B 2 .   ? -6.366  1.292   8.164   1.00 11.00 ? 201 HEM A CHC 1 
HETATM 813  C  CHD . HEM B 2 .   ? -4.728  -0.220  3.835   1.00 9.97  ? 201 HEM A CHD 1 
HETATM 814  C  C1A . HEM B 2 .   ? -9.853  -1.917  3.927   1.00 14.19 ? 201 HEM A C1A 1 
HETATM 815  C  C2A . HEM B 2 .   ? -11.293 -2.150  3.937   1.00 17.53 ? 201 HEM A C2A 1 
HETATM 816  C  C3A . HEM B 2 .   ? -11.803 -1.447  4.944   1.00 18.74 ? 201 HEM A C3A 1 
HETATM 817  C  C4A . HEM B 2 .   ? -10.705 -0.838  5.687   1.00 14.07 ? 201 HEM A C4A 1 
HETATM 818  C  CMA . HEM B 2 .   ? -13.296 -1.237  5.298   1.00 17.01 ? 201 HEM A CMA 1 
HETATM 819  C  CAA . HEM B 2 .   ? -12.045 -2.978  2.856   1.00 21.34 ? 201 HEM A CAA 1 
HETATM 820  C  CBA . HEM B 2 .   ? -12.299 -2.240  1.531   1.00 35.73 ? 201 HEM A CBA 1 
HETATM 821  C  CGA . HEM B 2 .   ? -13.359 -2.813  0.629   1.00 48.17 ? 201 HEM A CGA 1 
HETATM 822  O  O1A . HEM B 2 .   ? -14.229 -2.014  0.167   1.00 51.68 ? 201 HEM A O1A 1 
HETATM 823  O  O2A . HEM B 2 .   ? -13.290 -4.043  0.369   1.00 58.51 ? 201 HEM A O2A 1 
HETATM 824  C  C1B . HEM B 2 .   ? -9.776  0.539   7.529   1.00 14.38 ? 201 HEM A C1B 1 
HETATM 825  C  C2B . HEM B 2 .   ? -9.884  1.300   8.750   1.00 15.83 ? 201 HEM A C2B 1 
HETATM 826  C  C3B . HEM B 2 .   ? -8.678  1.690   9.165   1.00 15.05 ? 201 HEM A C3B 1 
HETATM 827  C  C4B . HEM B 2 .   ? -7.741  1.110   8.178   1.00 12.64 ? 201 HEM A C4B 1 
HETATM 828  C  CMB . HEM B 2 .   ? -11.287 1.561   9.394   1.00 19.58 ? 201 HEM A CMB 1 
HETATM 829  C  CAB . HEM B 2 .   ? -8.198  2.335   10.468  1.00 19.35 ? 201 HEM A CAB 1 
HETATM 830  C  CBB . HEM B 2 .   ? -8.567  1.613   11.636  1.00 19.87 ? 201 HEM A CBB 1 
HETATM 831  C  C1C . HEM B 2 .   ? -5.542  0.972   7.083   1.00 12.01 ? 201 HEM A C1C 1 
HETATM 832  C  C2C . HEM B 2 .   ? -4.151  1.332   6.980   1.00 9.46  ? 201 HEM A C2C 1 
HETATM 833  C  C3C . HEM B 2 .   ? -3.683  1.055   5.766   1.00 9.81  ? 201 HEM A C3C 1 
HETATM 834  C  C4C . HEM B 2 .   ? -4.755  0.328   5.084   1.00 11.07 ? 201 HEM A C4C 1 
HETATM 835  C  CMC . HEM B 2 .   ? -3.378  2.041   8.150   1.00 10.57 ? 201 HEM A CMC 1 
HETATM 836  C  CAC . HEM B 2 .   ? -2.290  1.285   5.169   1.00 8.41  ? 201 HEM A CAC 1 
HETATM 837  C  CBC . HEM B 2 .   ? -1.208  0.742   5.968   1.00 10.22 ? 201 HEM A CBC 1 
HETATM 838  C  C1D . HEM B 2 .   ? -5.696  -0.992  3.213   1.00 10.97 ? 201 HEM A C1D 1 
HETATM 839  C  C2D . HEM B 2 .   ? -5.600  -1.669  1.948   1.00 12.46 ? 201 HEM A C2D 1 
HETATM 840  C  C3D . HEM B 2 .   ? -6.799  -2.281  1.714   1.00 12.39 ? 201 HEM A C3D 1 
HETATM 841  C  C4D . HEM B 2 .   ? -7.652  -1.987  2.821   1.00 12.27 ? 201 HEM A C4D 1 
HETATM 842  C  CMD . HEM B 2 .   ? -4.415  -1.656  0.974   1.00 11.37 ? 201 HEM A CMD 1 
HETATM 843  C  CAD . HEM B 2 .   ? -7.153  -3.125  0.457   1.00 13.94 ? 201 HEM A CAD 1 
HETATM 844  C  CBD . HEM B 2 .   ? -7.781  -2.277  -0.691  1.00 16.19 ? 201 HEM A CBD 1 
HETATM 845  C  CGD . HEM B 2 .   ? -7.887  -2.963  -2.030  1.00 19.28 ? 201 HEM A CGD 1 
HETATM 846  O  O1D . HEM B 2 .   ? -8.040  -4.177  -2.068  1.00 22.97 ? 201 HEM A O1D 1 
HETATM 847  O  O2D . HEM B 2 .   ? -7.722  -2.232  -3.060  1.00 27.15 ? 201 HEM A O2D 1 
HETATM 848  N  NA  . HEM B 2 .   ? -9.538  -1.150  5.036   1.00 11.00 ? 201 HEM A NA  1 
HETATM 849  N  NB  . HEM B 2 .   ? -8.431  0.432   7.169   1.00 13.50 ? 201 HEM A NB  1 
HETATM 850  N  NC  . HEM B 2 .   ? -5.901  0.307   5.930   1.00 10.13 ? 201 HEM A NC  1 
HETATM 851  N  ND  . HEM B 2 .   ? -6.992  -1.165  3.750   1.00 11.20 ? 201 HEM A ND  1 
HETATM 852  FE FE  . HEM B 2 .   ? -7.716  -0.406  5.467   1.00 12.30 ? 201 HEM A FE  1 
HETATM 853  C  CHA . HEM C 2 .   ? -3.207  10.027  -4.773  1.00 16.68 ? 202 HEM A CHA 1 
HETATM 854  C  CHB . HEM C 2 .   ? -2.527  5.809   -2.435  1.00 15.12 ? 202 HEM A CHB 1 
HETATM 855  C  CHC . HEM C 2 .   ? -7.301  5.136   -2.454  1.00 11.80 ? 202 HEM A CHC 1 
HETATM 856  C  CHD . HEM C 2 .   ? -7.751  8.662   -5.732  1.00 19.72 ? 202 HEM A CHD 1 
HETATM 857  C  C1A . HEM C 2 .   ? -2.620  8.991   -4.062  1.00 15.46 ? 202 HEM A C1A 1 
HETATM 858  C  C2A . HEM C 2 .   ? -1.206  8.871   -3.757  1.00 16.15 ? 202 HEM A C2A 1 
HETATM 859  C  C3A . HEM C 2 .   ? -1.008  7.728   -3.108  1.00 14.71 ? 202 HEM A C3A 1 
HETATM 860  C  C4A . HEM C 2 .   ? -2.318  7.067   -2.985  1.00 14.77 ? 202 HEM A C4A 1 
HETATM 861  C  CMA . HEM C 2 .   ? 0.277   7.136   -2.566  1.00 12.27 ? 202 HEM A CMA 1 
HETATM 862  C  CAA . HEM C 2 .   ? -0.153  9.929   -4.226  1.00 18.93 ? 202 HEM A CAA 1 
HETATM 863  C  CBA . HEM C 2 .   ? 0.325   9.738   -5.656  1.00 17.99 ? 202 HEM A CBA 1 
HETATM 864  C  CGA . HEM C 2 .   ? 1.177   10.827  -6.255  1.00 26.76 ? 202 HEM A CGA 1 
HETATM 865  O  O1A . HEM C 2 .   ? 1.721   11.658  -5.500  1.00 27.37 ? 202 HEM A O1A 1 
HETATM 866  O  O2A . HEM C 2 .   ? 1.316   10.749  -7.510  1.00 35.51 ? 202 HEM A O2A 1 
HETATM 867  C  C1B . HEM C 2 .   ? -3.764  5.169   -2.324  1.00 15.69 ? 202 HEM A C1B 1 
HETATM 868  C  C2B . HEM C 2 .   ? -4.018  3.855   -1.783  1.00 14.44 ? 202 HEM A C2B 1 
HETATM 869  C  C3B . HEM C 2 .   ? -5.355  3.634   -1.776  1.00 15.66 ? 202 HEM A C3B 1 
HETATM 870  C  C4B . HEM C 2 .   ? -5.959  4.834   -2.349  1.00 13.27 ? 202 HEM A C4B 1 
HETATM 871  C  CMB . HEM C 2 .   ? -2.895  2.917   -1.269  1.00 15.90 ? 202 HEM A CMB 1 
HETATM 872  C  CAB . HEM C 2 .   ? -6.165  2.513   -1.092  1.00 14.51 ? 202 HEM A CAB 1 
HETATM 873  C  CBB . HEM C 2 .   ? -5.925  2.432   0.323   1.00 17.24 ? 202 HEM A CBB 1 
HETATM 874  C  C1C . HEM C 2 .   ? -7.860  5.986   -3.413  1.00 15.69 ? 202 HEM A C1C 1 
HETATM 875  C  C2C . HEM C 2 .   ? -9.255  6.011   -3.840  1.00 15.23 ? 202 HEM A C2C 1 
HETATM 876  C  C3C . HEM C 2 .   ? -9.354  6.889   -4.853  1.00 15.80 ? 202 HEM A C3C 1 
HETATM 877  C  C4C . HEM C 2 .   ? -8.075  7.566   -4.952  1.00 18.67 ? 202 HEM A C4C 1 
HETATM 878  C  CMC . HEM C 2 .   ? -10.321 5.092   -3.206  1.00 18.39 ? 202 HEM A CMC 1 
HETATM 879  C  CAC . HEM C 2 .   ? -10.602 7.284   -5.681  1.00 16.32 ? 202 HEM A CAC 1 
HETATM 880  C  CBC . HEM C 2 .   ? -11.632 7.846   -4.875  1.00 20.39 ? 202 HEM A CBC 1 
HETATM 881  C  C1D . HEM C 2 .   ? -6.590  9.407   -5.663  1.00 16.55 ? 202 HEM A C1D 1 
HETATM 882  C  C2D . HEM C 2 .   ? -6.366  10.676  -6.336  1.00 23.28 ? 202 HEM A C2D 1 
HETATM 883  C  C3D . HEM C 2 .   ? -5.124  11.068  -6.054  1.00 24.26 ? 202 HEM A C3D 1 
HETATM 884  C  C4D . HEM C 2 .   ? -4.521  10.075  -5.190  1.00 19.04 ? 202 HEM A C4D 1 
HETATM 885  C  CMD . HEM C 2 .   ? -7.431  11.376  -7.216  1.00 22.67 ? 202 HEM A CMD 1 
HETATM 886  C  CAD . HEM C 2 .   ? -4.377  12.315  -6.603  1.00 30.04 ? 202 HEM A CAD 1 
HETATM 887  C  CBD . HEM C 2 .   ? -4.600  13.613  -5.813  1.00 36.98 ? 202 HEM A CBD 1 
HETATM 888  C  CGD . HEM C 2 .   ? -4.331  13.499  -4.338  1.00 37.27 ? 202 HEM A CGD 1 
HETATM 889  O  O1D . HEM C 2 .   ? -5.306  13.504  -3.569  1.00 41.84 ? 202 HEM A O1D 1 
HETATM 890  O  O2D . HEM C 2 .   ? -3.112  13.388  -3.997  1.00 54.16 ? 202 HEM A O2D 1 
HETATM 891  N  NA  . HEM C 2 .   ? -3.262  7.844   -3.614  1.00 16.01 ? 202 HEM A NA  1 
HETATM 892  N  NB  . HEM C 2 .   ? -4.962  5.698   -2.812  1.00 16.04 ? 202 HEM A NB  1 
HETATM 893  N  NC  . HEM C 2 .   ? -7.157  6.974   -4.080  1.00 16.83 ? 202 HEM A NC  1 
HETATM 894  N  ND  . HEM C 2 .   ? -5.472  9.112   -4.914  1.00 14.66 ? 202 HEM A ND  1 
HETATM 895  FE FE  . HEM C 2 .   ? -5.190  7.425   -3.875  1.00 15.46 ? 202 HEM A FE  1 
HETATM 896  C  CHA . HEM D 2 .   ? 4.413   -4.642  8.303   1.00 11.50 ? 203 HEM A CHA 1 
HETATM 897  C  CHB . HEM D 2 .   ? 2.393   -4.623  3.886   1.00 10.69 ? 203 HEM A CHB 1 
HETATM 898  C  CHC . HEM D 2 .   ? 1.962   0.216   4.166   1.00 9.54  ? 203 HEM A CHC 1 
HETATM 899  C  CHD . HEM D 2 .   ? 4.261   0.226   8.439   1.00 10.66 ? 203 HEM A CHD 1 
HETATM 900  C  C1A . HEM D 2 .   ? 3.932   -5.061  7.074   1.00 11.00 ? 203 HEM A C1A 1 
HETATM 901  C  C2A . HEM D 2 .   ? 3.894   -6.427  6.592   1.00 13.55 ? 203 HEM A C2A 1 
HETATM 902  C  C3A . HEM D 2 .   ? 3.301   -6.426  5.399   1.00 12.26 ? 203 HEM A C3A 1 
HETATM 903  C  C4A . HEM D 2 .   ? 2.999   -5.058  5.057   1.00 11.96 ? 203 HEM A C4A 1 
HETATM 904  C  CMA . HEM D 2 .   ? 3.077   -7.617  4.438   1.00 14.91 ? 203 HEM A CMA 1 
HETATM 905  C  CAA . HEM D 2 .   ? 4.560   -7.609  7.377   1.00 19.03 ? 203 HEM A CAA 1 
HETATM 906  C  CBA . HEM D 2 .   ? 3.603   -8.206  8.443   1.00 26.37 ? 203 HEM A CBA 1 
HETATM 907  C  CGA . HEM D 2 .   ? 3.708   -9.697  8.618   1.00 41.71 ? 203 HEM A CGA 1 
HETATM 908  O  O1A . HEM D 2 .   ? 4.810   -10.237 8.349   1.00 45.13 ? 203 HEM A O1A 1 
HETATM 909  O  O2A . HEM D 2 .   ? 2.654   -10.274 9.028   1.00 62.95 ? 203 HEM A O2A 1 
HETATM 910  C  C1B . HEM D 2 .   ? 2.099   -3.292  3.580   1.00 11.37 ? 203 HEM A C1B 1 
HETATM 911  C  C2B . HEM D 2 .   ? 1.550   -2.822  2.317   1.00 10.59 ? 203 HEM A C2B 1 
HETATM 912  C  C3B . HEM D 2 .   ? 1.406   -1.487  2.358   1.00 9.84  ? 203 HEM A C3B 1 
HETATM 913  C  C4B . HEM D 2 .   ? 1.915   -1.086  3.682   1.00 8.95  ? 203 HEM A C4B 1 
HETATM 914  C  CMB . HEM D 2 .   ? 1.204   -3.802  1.165   1.00 9.85  ? 203 HEM A CMB 1 
HETATM 915  C  CAB . HEM D 2 .   ? 0.733   -0.525  1.381   1.00 9.38  ? 203 HEM A CAB 1 
HETATM 916  C  CBB . HEM D 2 .   ? -0.649  -0.815  1.111   1.00 13.20 ? 203 HEM A CBB 1 
HETATM 917  C  C1C . HEM D 2 .   ? 2.560   0.612   5.355   1.00 10.72 ? 203 HEM A C1C 1 
HETATM 918  C  C2C . HEM D 2 .   ? 2.669   2.016   5.795   1.00 11.93 ? 203 HEM A C2C 1 
HETATM 919  C  C3C . HEM D 2 .   ? 3.372   2.053   6.926   1.00 10.19 ? 203 HEM A C3C 1 
HETATM 920  C  C4C . HEM D 2 .   ? 3.641   0.682   7.277   1.00 11.13 ? 203 HEM A C4C 1 
HETATM 921  C  CMC . HEM D 2 .   ? 2.156   3.171   4.916   1.00 13.88 ? 203 HEM A CMC 1 
HETATM 922  C  CAC . HEM D 2 .   ? 3.884   3.274   7.740   1.00 10.53 ? 203 HEM A CAC 1 
HETATM 923  C  CBC . HEM D 2 .   ? 3.095   4.425   7.711   1.00 15.45 ? 203 HEM A CBC 1 
HETATM 924  C  C1D . HEM D 2 .   ? 4.446   -1.101  8.808   1.00 12.49 ? 203 HEM A C1D 1 
HETATM 925  C  C2D . HEM D 2 .   ? 4.983   -1.562  10.058  1.00 11.17 ? 203 HEM A C2D 1 
HETATM 926  C  C3D . HEM D 2 .   ? 4.984   -2.903  10.053  1.00 11.91 ? 203 HEM A C3D 1 
HETATM 927  C  C4D . HEM D 2 .   ? 4.502   -3.337  8.747   1.00 11.81 ? 203 HEM A C4D 1 
HETATM 928  C  CMD . HEM D 2 .   ? 5.457   -0.631  11.213  1.00 14.37 ? 203 HEM A CMD 1 
HETATM 929  C  CAD . HEM D 2 .   ? 5.524   -3.836  11.162  1.00 13.00 ? 203 HEM A CAD 1 
HETATM 930  C  CBD . HEM D 2 .   ? 7.058   -3.821  11.289  1.00 17.98 ? 203 HEM A CBD 1 
HETATM 931  C  CGD . HEM D 2 .   ? 7.596   -4.368  12.600  1.00 27.67 ? 203 HEM A CGD 1 
HETATM 932  O  O1D . HEM D 2 .   ? 7.314   -5.551  12.843  1.00 25.90 ? 203 HEM A O1D 1 
HETATM 933  O  O2D . HEM D 2 .   ? 8.296   -3.565  13.283  1.00 31.03 ? 203 HEM A O2D 1 
HETATM 934  N  NA  . HEM D 2 .   ? 3.407   -4.227  6.109   1.00 10.09 ? 203 HEM A NA  1 
HETATM 935  N  NB  . HEM D 2 .   ? 2.345   -2.194  4.398   1.00 9.16  ? 203 HEM A NB  1 
HETATM 936  N  NC  . HEM D 2 .   ? 3.169   -0.187  6.273   1.00 11.19 ? 203 HEM A NC  1 
HETATM 937  N  ND  . HEM D 2 .   ? 4.183   -2.221  8.006   1.00 8.66  ? 203 HEM A ND  1 
HETATM 938  FE FE  . HEM D 2 .   ? 3.310   -2.212  6.197   1.00 10.53 ? 203 HEM A FE  1 
HETATM 939  C  CHA . HEM E 2 .   ? 2.549   -6.341  -7.276  1.00 13.28 ? 204 HEM A CHA 1 
HETATM 940  C  CHB . HEM E 2 .   ? 7.316   -6.062  -8.262  1.00 17.86 ? 204 HEM A CHB 1 
HETATM 941  C  CHC . HEM E 2 .   ? 8.231   -5.188  -3.585  1.00 13.75 ? 204 HEM A CHC 1 
HETATM 942  C  CHD . HEM E 2 .   ? 3.453   -4.992  -2.701  1.00 11.53 ? 204 HEM A CHD 1 
HETATM 943  C  C1A . HEM E 2 .   ? 3.761   -6.425  -7.946  1.00 14.97 ? 204 HEM A C1A 1 
HETATM 944  C  C2A . HEM E 2 .   ? 3.944   -6.817  -9.328  1.00 11.68 ? 204 HEM A C2A 1 
HETATM 945  C  C3A . HEM E 2 .   ? 5.247   -6.655  -9.603  1.00 12.62 ? 204 HEM A C3A 1 
HETATM 946  C  C4A . HEM E 2 .   ? 5.949   -6.310  -8.401  1.00 15.85 ? 204 HEM A C4A 1 
HETATM 947  C  CMA . HEM E 2 .   ? 5.934   -6.808  -10.992 1.00 17.15 ? 204 HEM A CMA 1 
HETATM 948  C  CAA . HEM E 2 .   ? 2.773   -7.253  -10.274 1.00 13.18 ? 204 HEM A CAA 1 
HETATM 949  C  CBA . HEM E 2 .   ? 2.087   -6.133  -11.073 1.00 14.63 ? 204 HEM A CBA 1 
HETATM 950  C  CGA . HEM E 2 .   ? 0.745   -6.468  -11.690 1.00 17.50 ? 204 HEM A CGA 1 
HETATM 951  O  O1A . HEM E 2 .   ? 0.261   -7.595  -11.432 1.00 21.78 ? 204 HEM A O1A 1 
HETATM 952  O  O2A . HEM E 2 .   ? 0.165   -5.571  -12.363 1.00 19.67 ? 204 HEM A O2A 1 
HETATM 953  C  C1B . HEM E 2 .   ? 7.973   -5.642  -7.106  1.00 19.28 ? 204 HEM A C1B 1 
HETATM 954  C  C2B . HEM E 2 .   ? 9.379   -5.275  -6.979  1.00 14.33 ? 204 HEM A C2B 1 
HETATM 955  C  C3B . HEM E 2 .   ? 9.715   -5.196  -5.677  1.00 13.92 ? 204 HEM A C3B 1 
HETATM 956  C  C4B . HEM E 2 .   ? 8.433   -5.313  -4.946  1.00 14.26 ? 204 HEM A C4B 1 
HETATM 957  C  CMB . HEM E 2 .   ? 10.289  -5.036  -8.214  1.00 15.57 ? 204 HEM A CMB 1 
HETATM 958  C  CAB . HEM E 2 .   ? 11.003  -4.693  -4.992  1.00 14.76 ? 204 HEM A CAB 1 
HETATM 959  C  CBB . HEM E 2 .   ? 11.155  -3.269  -5.142  1.00 17.33 ? 204 HEM A CBB 1 
HETATM 960  C  C1C . HEM E 2 .   ? 7.020   -5.205  -2.900  1.00 12.69 ? 204 HEM A C1C 1 
HETATM 961  C  C2C . HEM E 2 .   ? 6.813   -5.205  -1.472  1.00 13.09 ? 204 HEM A C2C 1 
HETATM 962  C  C3C . HEM E 2 .   ? 5.485   -5.148  -1.211  1.00 9.73  ? 204 HEM A C3C 1 
HETATM 963  C  C4C . HEM E 2 .   ? 4.837   -5.110  -2.515  1.00 10.01 ? 204 HEM A C4C 1 
HETATM 964  C  CMC . HEM E 2 .   ? 7.940   -5.231  -0.408  1.00 10.83 ? 204 HEM A CMC 1 
HETATM 965  C  CAC . HEM E 2 .   ? 4.729   -4.978  0.127   1.00 8.95  ? 204 HEM A CAC 1 
HETATM 966  C  CBC . HEM E 2 .   ? 5.121   -3.836  0.884   1.00 12.11 ? 204 HEM A CBC 1 
HETATM 967  C  C1D . HEM E 2 .   ? 2.797   -5.215  -3.910  1.00 8.82  ? 204 HEM A C1D 1 
HETATM 968  C  C2D . HEM E 2 .   ? 1.357   -5.139  -4.099  1.00 10.98 ? 204 HEM A C2D 1 
HETATM 969  C  C3D . HEM E 2 .   ? 1.106   -5.556  -5.351  1.00 12.26 ? 204 HEM A C3D 1 
HETATM 970  C  C4D . HEM E 2 .   ? 2.367   -5.880  -5.981  1.00 12.91 ? 204 HEM A C4D 1 
HETATM 971  C  CMD . HEM E 2 .   ? 0.369   -4.646  -3.011  1.00 12.14 ? 204 HEM A CMD 1 
HETATM 972  C  CAD . HEM E 2 .   ? -0.268  -5.611  -6.067  1.00 14.61 ? 204 HEM A CAD 1 
HETATM 973  C  CBD . HEM E 2 .   ? -0.833  -4.252  -6.561  1.00 13.87 ? 204 HEM A CBD 1 
HETATM 974  C  CGD . HEM E 2 .   ? -0.144  -3.746  -7.813  1.00 19.85 ? 204 HEM A CGD 1 
HETATM 975  O  O1D . HEM E 2 .   ? -0.695  -3.912  -8.931  1.00 22.03 ? 204 HEM A O1D 1 
HETATM 976  O  O2D . HEM E 2 .   ? 0.961   -3.200  -7.640  1.00 17.13 ? 204 HEM A O2D 1 
HETATM 977  N  NA  . HEM E 2 .   ? 5.012   -6.175  -7.381  1.00 14.34 ? 204 HEM A NA  1 
HETATM 978  N  NB  . HEM E 2 .   ? 7.360   -5.493  -5.867  1.00 12.82 ? 204 HEM A NB  1 
HETATM 979  N  NC  . HEM E 2 .   ? 5.774   -5.175  -3.530  1.00 9.56  ? 204 HEM A NC  1 
HETATM 980  N  ND  . HEM E 2 .   ? 3.411   -5.596  -5.091  1.00 10.58 ? 204 HEM A ND  1 
HETATM 981  FE FE  . HEM E 2 .   ? 5.380   -5.604  -5.476  1.00 12.36 ? 204 HEM A FE  1 
HETATM 982  O  O   . HOH F 3 .   ? 2.233   -13.013 1.744   1.00 18.90 ? 205 HOH A O   1 
HETATM 983  O  O   . HOH F 3 .   ? -9.399  3.800   0.328   1.00 14.41 ? 206 HOH A O   1 
HETATM 984  O  O   . HOH F 3 .   ? 1.224   -11.800 -0.377  1.00 15.72 ? 207 HOH A O   1 
HETATM 985  O  O   . HOH F 3 .   ? -4.098  -1.069  -18.542 1.00 23.19 ? 208 HOH A O   1 
HETATM 986  O  O   . HOH F 3 .   ? 0.217   -3.242  -11.290 1.00 18.43 ? 209 HOH A O   1 
HETATM 987  O  O   . HOH F 3 .   ? -6.565  -7.009  6.464   1.00 17.33 ? 210 HOH A O   1 
HETATM 988  O  O   . HOH F 3 .   ? -5.538  12.808  3.225   1.00 25.48 ? 211 HOH A O   1 
HETATM 989  O  O   . HOH F 3 .   ? -0.371  -0.510  -12.306 1.00 17.36 ? 212 HOH A O   1 
HETATM 990  O  O   . HOH F 3 .   ? -9.338  6.664   0.327   1.00 25.69 ? 213 HOH A O   1 
HETATM 991  O  O   . HOH F 3 .   ? -14.623 -0.359  -3.678  1.00 32.57 ? 214 HOH A O   1 
HETATM 992  O  O   . HOH F 3 .   ? -4.758  -8.825  9.607   1.00 32.57 ? 215 HOH A O   1 
HETATM 993  O  O   . HOH F 3 .   ? -12.164 0.271   13.073  0.50 28.61 ? 216 HOH A O   1 
HETATM 994  O  O   . HOH F 3 .   ? -0.541  9.405   3.403   1.00 25.43 ? 217 HOH A O   1 
HETATM 995  O  O   . HOH F 3 .   ? -5.385  -1.592  11.218  1.00 32.10 ? 218 HOH A O   1 
HETATM 996  O  O   . HOH F 3 .   ? -5.106  1.291   11.745  1.00 19.27 ? 219 HOH A O   1 
HETATM 997  O  O   . HOH F 3 .   ? 14.109  -9.403  6.943   1.00 26.98 ? 220 HOH A O   1 
HETATM 998  O  O   . HOH F 3 .   ? 8.059   -9.151  -7.208  1.00 28.69 ? 221 HOH A O   1 
HETATM 999  O  O   . HOH F 3 .   ? -7.204  -3.981  -7.794  1.00 23.46 ? 222 HOH A O   1 
HETATM 1000 O  O   . HOH F 3 .   ? 0.129   2.758   1.945   1.00 25.65 ? 223 HOH A O   1 
HETATM 1001 O  O   . HOH F 3 .   ? 7.541   11.821  4.734   1.00 51.09 ? 224 HOH A O   1 
HETATM 1002 O  O   . HOH F 3 .   ? -16.409 4.306   1.546   1.00 38.24 ? 225 HOH A O   1 
HETATM 1003 O  O   . HOH F 3 .   ? 1.140   -0.106  13.677  1.00 25.15 ? 226 HOH A O   1 
HETATM 1004 O  O   . HOH F 3 .   ? -9.524  -12.483 2.674   1.00 29.25 ? 227 HOH A O   1 
HETATM 1005 O  O   . HOH F 3 .   ? -7.888  -5.521  -4.688  1.00 22.54 ? 228 HOH A O   1 
HETATM 1006 O  O   . HOH F 3 .   ? -7.543  -7.898  -11.490 1.00 39.83 ? 229 HOH A O   1 
HETATM 1007 O  O   . HOH F 3 .   ? 19.316  1.475   13.415  1.00 37.52 ? 230 HOH A O   1 
HETATM 1008 O  O   . HOH F 3 .   ? 16.118  2.229   4.578   1.00 38.73 ? 231 HOH A O   1 
HETATM 1009 O  O   . HOH F 3 .   ? 2.923   -11.666 -5.333  1.00 41.25 ? 232 HOH A O   1 
HETATM 1010 O  O   . HOH F 3 .   ? 1.829   4.937   13.564  1.00 34.20 ? 233 HOH A O   1 
HETATM 1011 O  O   . HOH F 3 .   ? -10.839 8.333   4.667   1.00 31.78 ? 234 HOH A O   1 
HETATM 1012 O  O   . HOH F 3 .   ? 0.407   -7.248  -17.380 1.00 34.58 ? 235 HOH A O   1 
HETATM 1013 O  O   . HOH F 3 .   ? -3.440  11.198  4.032   1.00 29.38 ? 236 HOH A O   1 
HETATM 1014 O  O   . HOH F 3 .   ? -6.271  -3.778  13.171  1.00 36.56 ? 237 HOH A O   1 
HETATM 1015 O  O   . HOH F 3 .   ? -19.691 1.380   12.155  1.00 32.15 ? 238 HOH A O   1 
HETATM 1016 O  O   . HOH F 3 .   ? 17.099  -8.446  5.888   1.00 25.26 ? 239 HOH A O   1 
HETATM 1017 O  O   . HOH F 3 .   ? 9.519   -14.781 -4.120  1.00 43.18 ? 240 HOH A O   1 
HETATM 1018 O  O   . HOH F 3 .   ? -1.913  7.032   0.881   1.00 34.14 ? 241 HOH A O   1 
HETATM 1019 O  O   . HOH F 3 .   ? 19.109  -7.039  7.241   1.00 40.66 ? 242 HOH A O   1 
HETATM 1020 O  O   . HOH F 3 .   ? -9.516  -12.008 -10.560 1.00 40.23 ? 243 HOH A O   1 
HETATM 1021 O  O   . HOH F 3 .   ? -4.401  -14.576 -3.386  1.00 21.71 ? 244 HOH A O   1 
HETATM 1022 O  O   . HOH F 3 .   ? -7.701  8.224   10.313  1.00 23.62 ? 245 HOH A O   1 
HETATM 1023 O  O   . HOH F 3 .   ? 4.876   1.737   -17.895 1.00 45.20 ? 246 HOH A O   1 
HETATM 1024 O  O   . HOH F 3 .   ? 15.078  -7.598  -3.628  1.00 34.95 ? 247 HOH A O   1 
HETATM 1025 O  O   . HOH F 3 .   ? 9.908   12.281  3.871   1.00 50.52 ? 248 HOH A O   1 
HETATM 1026 O  O   . HOH F 3 .   ? -9.892  -6.901  -1.433  1.00 27.88 ? 249 HOH A O   1 
HETATM 1027 O  O   . HOH F 3 .   ? -10.684 -2.769  -7.480  1.00 45.11 ? 250 HOH A O   1 
HETATM 1028 O  O   . HOH F 3 .   ? 6.596   8.994   2.271   1.00 49.22 ? 251 HOH A O   1 
HETATM 1029 O  O   . HOH F 3 .   ? 7.521   2.864   -11.192 1.00 39.72 ? 252 HOH A O   1 
HETATM 1030 O  O   . HOH F 3 .   ? -18.394 -2.393  9.731   1.00 39.66 ? 253 HOH A O   1 
HETATM 1031 O  O   . HOH F 3 .   ? -7.878  -2.190  -5.643  1.00 31.86 ? 254 HOH A O   1 
HETATM 1032 O  O   . HOH F 3 .   ? -10.629 -4.699  0.553   1.00 41.00 ? 255 HOH A O   1 
HETATM 1033 O  O   . HOH F 3 .   ? -11.153 10.069  -7.750  1.00 55.63 ? 256 HOH A O   1 
HETATM 1034 O  O   . HOH F 3 .   ? 9.844   -8.303  -9.507  1.00 43.58 ? 257 HOH A O   1 
HETATM 1035 O  O   . HOH F 3 .   ? -8.799  14.768  -4.037  1.00 63.44 ? 258 HOH A O   1 
HETATM 1036 O  O   . HOH F 3 .   ? -8.925  16.598  -0.592  1.00 36.53 ? 259 HOH A O   1 
HETATM 1037 O  O   . HOH F 3 .   ? 17.083  -10.751 9.981   1.00 36.19 ? 260 HOH A O   1 
HETATM 1038 O  O   . HOH F 3 .   ? 0.268   -5.004  15.854  1.00 45.69 ? 261 HOH A O   1 
HETATM 1039 O  O   . HOH F 3 .   ? 10.203  -12.738 4.208   1.00 35.74 ? 262 HOH A O   1 
HETATM 1040 O  O   . HOH F 3 .   ? 9.864   -0.426  -9.370  1.00 60.83 ? 263 HOH A O   1 
HETATM 1041 O  O   . HOH F 3 .   ? -1.272  12.716  3.185   1.00 42.41 ? 264 HOH A O   1 
HETATM 1042 O  O   . HOH F 3 .   ? -15.377 -3.920  7.468   1.00 47.73 ? 265 HOH A O   1 
HETATM 1043 O  O   . HOH F 3 .   ? -7.014  -6.407  11.947  1.00 63.51 ? 266 HOH A O   1 
HETATM 1044 O  O   . HOH F 3 .   ? -9.270  -0.301  -15.720 1.00 50.27 ? 267 HOH A O   1 
HETATM 1045 O  O   . HOH F 3 .   ? 6.836   8.644   5.327   1.00 78.87 ? 268 HOH A O   1 
HETATM 1046 O  O   . HOH F 3 .   ? -9.957  0.072   0.480   1.00 37.03 ? 269 HOH A O   1 
HETATM 1047 O  O   . HOH F 3 .   ? 2.248   -4.378  -14.176 1.00 50.45 ? 270 HOH A O   1 
HETATM 1048 O  O   . HOH F 3 .   ? 9.239   -16.293 1.240   1.00 43.82 ? 271 HOH A O   1 
HETATM 1049 O  O   . HOH F 3 .   ? -0.979  4.754   0.946   1.00 58.95 ? 272 HOH A O   1 
HETATM 1050 O  O   . HOH F 3 .   ? 10.375  0.831   -5.874  1.00 42.03 ? 273 HOH A O   1 
HETATM 1051 O  O   . HOH F 3 .   ? 5.403   8.189   -0.501  1.00 31.22 ? 274 HOH A O   1 
HETATM 1052 O  O   . HOH F 3 .   ? 7.112   -6.913  10.633  1.00 44.04 ? 275 HOH A O   1 
HETATM 1053 O  O   . HOH F 3 .   ? -5.168  -5.272  15.432  1.00 50.30 ? 276 HOH A O   1 
HETATM 1054 O  O   . HOH F 3 .   ? -6.336  14.386  -0.488  1.00 42.77 ? 277 HOH A O   1 
HETATM 1055 O  O   . HOH F 3 .   ? 15.655  0.390   2.685   1.00 62.74 ? 278 HOH A O   1 
HETATM 1056 O  O   . HOH F 3 .   ? -4.719  16.484  -1.699  1.00 54.55 ? 279 HOH A O   1 
HETATM 1057 O  O   . HOH F 3 .   ? 6.903   -7.968  -14.936 1.00 53.43 ? 280 HOH A O   1 
HETATM 1058 O  O   . HOH F 3 .   ? -9.736  -2.148  -12.658 1.00 62.73 ? 281 HOH A O   1 
HETATM 1059 O  O   . HOH F 3 .   ? 13.601  -2.259  -2.067  1.00 43.11 ? 282 HOH A O   1 
HETATM 1060 O  O   . HOH F 3 .   ? 0.692   11.399  -12.961 1.00 52.26 ? 284 HOH A O   1 
HETATM 1061 O  O   . HOH F 3 .   ? -6.655  -13.654 -4.783  1.00 27.14 ? 288 HOH A O   1 
# 
